data_1SI2
# 
_entry.id   1SI2 
# 
_audit_conform.dict_name       mmcif_pdbx.dic 
_audit_conform.dict_version    5.386 
_audit_conform.dict_location   http://mmcif.pdb.org/dictionaries/ascii/mmcif_pdbx.dic 
# 
loop_
_database_2.database_id 
_database_2.database_code 
_database_2.pdbx_database_accession 
_database_2.pdbx_DOI 
PDB   1SI2         pdb_00001si2 10.2210/pdb1si2/pdb 
NDB   PH0012       ?            ?                   
RCSB  RCSB021725   ?            ?                   
WWPDB D_1000021725 ?            ?                   
# 
loop_
_pdbx_audit_revision_history.ordinal 
_pdbx_audit_revision_history.data_content_type 
_pdbx_audit_revision_history.major_revision 
_pdbx_audit_revision_history.minor_revision 
_pdbx_audit_revision_history.revision_date 
1 'Structure model' 1 0 2004-05-25 
2 'Structure model' 1 1 2008-04-29 
3 'Structure model' 1 2 2011-07-13 
4 'Structure model' 1 3 2024-02-14 
# 
_pdbx_audit_revision_details.ordinal             1 
_pdbx_audit_revision_details.revision_ordinal    1 
_pdbx_audit_revision_details.data_content_type   'Structure model' 
_pdbx_audit_revision_details.provider            repository 
_pdbx_audit_revision_details.type                'Initial release' 
_pdbx_audit_revision_details.description         ? 
_pdbx_audit_revision_details.details             ? 
# 
loop_
_pdbx_audit_revision_group.ordinal 
_pdbx_audit_revision_group.revision_ordinal 
_pdbx_audit_revision_group.data_content_type 
_pdbx_audit_revision_group.group 
1 2 'Structure model' 'Version format compliance' 
2 3 'Structure model' 'Version format compliance' 
3 4 'Structure model' 'Data collection'           
4 4 'Structure model' 'Database references'       
# 
loop_
_pdbx_audit_revision_category.ordinal 
_pdbx_audit_revision_category.revision_ordinal 
_pdbx_audit_revision_category.data_content_type 
_pdbx_audit_revision_category.category 
1 4 'Structure model' chem_comp_atom     
2 4 'Structure model' chem_comp_bond     
3 4 'Structure model' database_2         
4 4 'Structure model' struct_ref_seq_dif 
# 
loop_
_pdbx_audit_revision_item.ordinal 
_pdbx_audit_revision_item.revision_ordinal 
_pdbx_audit_revision_item.data_content_type 
_pdbx_audit_revision_item.item 
1 4 'Structure model' '_database_2.pdbx_DOI'                
2 4 'Structure model' '_database_2.pdbx_database_accession' 
3 4 'Structure model' '_struct_ref_seq_dif.details'         
# 
_pdbx_database_status.status_code                     REL 
_pdbx_database_status.entry_id                        1SI2 
_pdbx_database_status.recvd_initial_deposition_date   2004-02-26 
_pdbx_database_status.deposit_site                    RCSB 
_pdbx_database_status.process_site                    RCSB 
_pdbx_database_status.status_code_sf                  REL 
_pdbx_database_status.SG_entry                        . 
_pdbx_database_status.pdb_format_compatible           Y 
_pdbx_database_status.status_code_mr                  ? 
_pdbx_database_status.status_code_cs                  ? 
_pdbx_database_status.status_code_nmr_data            ? 
_pdbx_database_status.methods_development_category    ? 
# 
_pdbx_database_related.db_name        PDB 
_pdbx_database_related.db_id          1SI3 
_pdbx_database_related.details        . 
_pdbx_database_related.content_type   unspecified 
# 
loop_
_audit_author.name 
_audit_author.pdbx_ordinal 
'Ye, K.'    1 
'Ma, J.B.'  2 
'Patel, D.' 3 
# 
_citation.id                        primary 
_citation.title                     'Structural basis for overhang-specific small interfering RNA recognition by the PAZ domain.' 
_citation.journal_abbrev            Nature 
_citation.journal_volume            429 
_citation.page_first                318 
_citation.page_last                 322 
_citation.year                      2004 
_citation.journal_id_ASTM           NATUAS 
_citation.country                   UK 
_citation.journal_id_ISSN           0028-0836 
_citation.journal_id_CSD            0006 
_citation.book_publisher            ? 
_citation.pdbx_database_id_PubMed   15152257 
_citation.pdbx_database_id_DOI      10.1038/nature02519 
# 
loop_
_citation_author.citation_id 
_citation_author.name 
_citation_author.ordinal 
_citation_author.identifier_ORCID 
primary 'Ma, J.B.'    1 ? 
primary 'Ye, K.'      2 ? 
primary 'Patel, D.J.' 3 ? 
# 
loop_
_entity.id 
_entity.type 
_entity.src_method 
_entity.pdbx_description 
_entity.formula_weight 
_entity.pdbx_number_of_molecules 
_entity.pdbx_ec 
_entity.pdbx_mutation 
_entity.pdbx_fragment 
_entity.details 
1 polymer syn "5'-R(*CP*GP*UP*GP*AP*CP*U)-D(P*CP*T)-3'"       2790.730  1  ? ? ?                               ? 
2 polymer man 'Eukaryotic translation initiation factor 2C 1' 17189.984 1  ? ? 'PAZ domain (residues 225-369)' ? 
3 water   nat water                                           18.015    16 ? ? ?                               ? 
# 
_entity_name_com.entity_id   2 
_entity_name_com.name        'EIF2C 1, EIF-2C 1, PUTATIVE RNA-BINDING PROTEIN Q99, ARGONAUTE 1' 
# 
loop_
_entity_poly.entity_id 
_entity_poly.type 
_entity_poly.nstd_linkage 
_entity_poly.nstd_monomer 
_entity_poly.pdbx_seq_one_letter_code 
_entity_poly.pdbx_seq_one_letter_code_can 
_entity_poly.pdbx_strand_id 
_entity_poly.pdbx_target_identifier 
1 'polydeoxyribonucleotide/polyribonucleotide hybrid' no no 'CGUGACU(DC)(DT)' CGUGACUCT B ? 
2 'polypeptide(L)'                                    no no 
;GSHMAQPVIEFMCEVLDIRNIDEQPKPLTDSQRVRFTKEIKGLKVEVTHCGQMKRKYRVCNVTRRPASHQTFPLQLESGQ
TVECTVAQYFKQKYNLQLKYPHLPCLQVGQEQKHTYLPLEVCNIVAGQRCIKKLTDNQTSTMIKATARS
;
;GSHMAQPVIEFMCEVLDIRNIDEQPKPLTDSQRVRFTKEIKGLKVEVTHCGQMKRKYRVCNVTRRPASHQTFPLQLESGQ
TVECTVAQYFKQKYNLQLKYPHLPCLQVGQEQKHTYLPLEVCNIVAGQRCIKKLTDNQTSTMIKATARS
;
A ? 
# 
_pdbx_entity_nonpoly.entity_id   3 
_pdbx_entity_nonpoly.name        water 
_pdbx_entity_nonpoly.comp_id     HOH 
# 
loop_
_entity_poly_seq.entity_id 
_entity_poly_seq.num 
_entity_poly_seq.mon_id 
_entity_poly_seq.hetero 
1 1   C   n 
1 2   G   n 
1 3   U   n 
1 4   G   n 
1 5   A   n 
1 6   C   n 
1 7   U   n 
1 8   DC  n 
1 9   DT  n 
2 1   GLY n 
2 2   SER n 
2 3   HIS n 
2 4   MET n 
2 5   ALA n 
2 6   GLN n 
2 7   PRO n 
2 8   VAL n 
2 9   ILE n 
2 10  GLU n 
2 11  PHE n 
2 12  MET n 
2 13  CYS n 
2 14  GLU n 
2 15  VAL n 
2 16  LEU n 
2 17  ASP n 
2 18  ILE n 
2 19  ARG n 
2 20  ASN n 
2 21  ILE n 
2 22  ASP n 
2 23  GLU n 
2 24  GLN n 
2 25  PRO n 
2 26  LYS n 
2 27  PRO n 
2 28  LEU n 
2 29  THR n 
2 30  ASP n 
2 31  SER n 
2 32  GLN n 
2 33  ARG n 
2 34  VAL n 
2 35  ARG n 
2 36  PHE n 
2 37  THR n 
2 38  LYS n 
2 39  GLU n 
2 40  ILE n 
2 41  LYS n 
2 42  GLY n 
2 43  LEU n 
2 44  LYS n 
2 45  VAL n 
2 46  GLU n 
2 47  VAL n 
2 48  THR n 
2 49  HIS n 
2 50  CYS n 
2 51  GLY n 
2 52  GLN n 
2 53  MET n 
2 54  LYS n 
2 55  ARG n 
2 56  LYS n 
2 57  TYR n 
2 58  ARG n 
2 59  VAL n 
2 60  CYS n 
2 61  ASN n 
2 62  VAL n 
2 63  THR n 
2 64  ARG n 
2 65  ARG n 
2 66  PRO n 
2 67  ALA n 
2 68  SER n 
2 69  HIS n 
2 70  GLN n 
2 71  THR n 
2 72  PHE n 
2 73  PRO n 
2 74  LEU n 
2 75  GLN n 
2 76  LEU n 
2 77  GLU n 
2 78  SER n 
2 79  GLY n 
2 80  GLN n 
2 81  THR n 
2 82  VAL n 
2 83  GLU n 
2 84  CYS n 
2 85  THR n 
2 86  VAL n 
2 87  ALA n 
2 88  GLN n 
2 89  TYR n 
2 90  PHE n 
2 91  LYS n 
2 92  GLN n 
2 93  LYS n 
2 94  TYR n 
2 95  ASN n 
2 96  LEU n 
2 97  GLN n 
2 98  LEU n 
2 99  LYS n 
2 100 TYR n 
2 101 PRO n 
2 102 HIS n 
2 103 LEU n 
2 104 PRO n 
2 105 CYS n 
2 106 LEU n 
2 107 GLN n 
2 108 VAL n 
2 109 GLY n 
2 110 GLN n 
2 111 GLU n 
2 112 GLN n 
2 113 LYS n 
2 114 HIS n 
2 115 THR n 
2 116 TYR n 
2 117 LEU n 
2 118 PRO n 
2 119 LEU n 
2 120 GLU n 
2 121 VAL n 
2 122 CYS n 
2 123 ASN n 
2 124 ILE n 
2 125 VAL n 
2 126 ALA n 
2 127 GLY n 
2 128 GLN n 
2 129 ARG n 
2 130 CYS n 
2 131 ILE n 
2 132 LYS n 
2 133 LYS n 
2 134 LEU n 
2 135 THR n 
2 136 ASP n 
2 137 ASN n 
2 138 GLN n 
2 139 THR n 
2 140 SER n 
2 141 THR n 
2 142 MET n 
2 143 ILE n 
2 144 LYS n 
2 145 ALA n 
2 146 THR n 
2 147 ALA n 
2 148 ARG n 
2 149 SER n 
# 
_entity_src_gen.entity_id                          2 
_entity_src_gen.pdbx_src_id                        1 
_entity_src_gen.pdbx_alt_source_flag               sample 
_entity_src_gen.pdbx_seq_type                      ? 
_entity_src_gen.pdbx_beg_seq_num                   ? 
_entity_src_gen.pdbx_end_seq_num                   ? 
_entity_src_gen.gene_src_common_name               human 
_entity_src_gen.gene_src_genus                     Homo 
_entity_src_gen.pdbx_gene_src_gene                 EIF2C1 
_entity_src_gen.gene_src_species                   ? 
_entity_src_gen.gene_src_strain                    ? 
_entity_src_gen.gene_src_tissue                    ? 
_entity_src_gen.gene_src_tissue_fraction           ? 
_entity_src_gen.gene_src_details                   ? 
_entity_src_gen.pdbx_gene_src_fragment             ? 
_entity_src_gen.pdbx_gene_src_scientific_name      'Homo sapiens' 
_entity_src_gen.pdbx_gene_src_ncbi_taxonomy_id     9606 
_entity_src_gen.pdbx_gene_src_variant              ? 
_entity_src_gen.pdbx_gene_src_cell_line            ? 
_entity_src_gen.pdbx_gene_src_atcc                 ? 
_entity_src_gen.pdbx_gene_src_organ                ? 
_entity_src_gen.pdbx_gene_src_organelle            ? 
_entity_src_gen.pdbx_gene_src_cell                 ? 
_entity_src_gen.pdbx_gene_src_cellular_location    ? 
_entity_src_gen.host_org_common_name               ? 
_entity_src_gen.pdbx_host_org_scientific_name      'Escherichia coli BL21(DE3)' 
_entity_src_gen.pdbx_host_org_ncbi_taxonomy_id     469008 
_entity_src_gen.host_org_genus                     Escherichia 
_entity_src_gen.pdbx_host_org_gene                 ? 
_entity_src_gen.pdbx_host_org_organ                ? 
_entity_src_gen.host_org_species                   'Escherichia coli' 
_entity_src_gen.pdbx_host_org_tissue               ? 
_entity_src_gen.pdbx_host_org_tissue_fraction      ? 
_entity_src_gen.pdbx_host_org_strain               'BL21(DE3)' 
_entity_src_gen.pdbx_host_org_variant              ? 
_entity_src_gen.pdbx_host_org_cell_line            ? 
_entity_src_gen.pdbx_host_org_atcc                 ? 
_entity_src_gen.pdbx_host_org_culture_collection   ? 
_entity_src_gen.pdbx_host_org_cell                 ? 
_entity_src_gen.pdbx_host_org_organelle            ? 
_entity_src_gen.pdbx_host_org_cellular_location    ? 
_entity_src_gen.pdbx_host_org_vector_type          Plasmid 
_entity_src_gen.pdbx_host_org_vector               ? 
_entity_src_gen.host_org_details                   ? 
_entity_src_gen.expression_system_id               ? 
_entity_src_gen.plasmid_name                       pET19b 
_entity_src_gen.plasmid_details                    ? 
_entity_src_gen.pdbx_description                   ? 
# 
loop_
_chem_comp.id 
_chem_comp.type 
_chem_comp.mon_nstd_flag 
_chem_comp.name 
_chem_comp.pdbx_synonyms 
_chem_comp.formula 
_chem_comp.formula_weight 
A   'RNA linking'       y "ADENOSINE-5'-MONOPHOSPHATE"        ? 'C10 H14 N5 O7 P' 347.221 
ALA 'L-peptide linking' y ALANINE                             ? 'C3 H7 N O2'      89.093  
ARG 'L-peptide linking' y ARGININE                            ? 'C6 H15 N4 O2 1'  175.209 
ASN 'L-peptide linking' y ASPARAGINE                          ? 'C4 H8 N2 O3'     132.118 
ASP 'L-peptide linking' y 'ASPARTIC ACID'                     ? 'C4 H7 N O4'      133.103 
C   'RNA linking'       y "CYTIDINE-5'-MONOPHOSPHATE"         ? 'C9 H14 N3 O8 P'  323.197 
CYS 'L-peptide linking' y CYSTEINE                            ? 'C3 H7 N O2 S'    121.158 
DC  'DNA linking'       y "2'-DEOXYCYTIDINE-5'-MONOPHOSPHATE" ? 'C9 H14 N3 O7 P'  307.197 
DT  'DNA linking'       y "THYMIDINE-5'-MONOPHOSPHATE"        ? 'C10 H15 N2 O8 P' 322.208 
G   'RNA linking'       y "GUANOSINE-5'-MONOPHOSPHATE"        ? 'C10 H14 N5 O8 P' 363.221 
GLN 'L-peptide linking' y GLUTAMINE                           ? 'C5 H10 N2 O3'    146.144 
GLU 'L-peptide linking' y 'GLUTAMIC ACID'                     ? 'C5 H9 N O4'      147.129 
GLY 'peptide linking'   y GLYCINE                             ? 'C2 H5 N O2'      75.067  
HIS 'L-peptide linking' y HISTIDINE                           ? 'C6 H10 N3 O2 1'  156.162 
HOH non-polymer         . WATER                               ? 'H2 O'            18.015  
ILE 'L-peptide linking' y ISOLEUCINE                          ? 'C6 H13 N O2'     131.173 
LEU 'L-peptide linking' y LEUCINE                             ? 'C6 H13 N O2'     131.173 
LYS 'L-peptide linking' y LYSINE                              ? 'C6 H15 N2 O2 1'  147.195 
MET 'L-peptide linking' y METHIONINE                          ? 'C5 H11 N O2 S'   149.211 
PHE 'L-peptide linking' y PHENYLALANINE                       ? 'C9 H11 N O2'     165.189 
PRO 'L-peptide linking' y PROLINE                             ? 'C5 H9 N O2'      115.130 
SER 'L-peptide linking' y SERINE                              ? 'C3 H7 N O3'      105.093 
THR 'L-peptide linking' y THREONINE                           ? 'C4 H9 N O3'      119.119 
TYR 'L-peptide linking' y TYROSINE                            ? 'C9 H11 N O3'     181.189 
U   'RNA linking'       y "URIDINE-5'-MONOPHOSPHATE"          ? 'C9 H13 N2 O9 P'  324.181 
VAL 'L-peptide linking' y VALINE                              ? 'C5 H11 N O2'     117.146 
# 
loop_
_pdbx_poly_seq_scheme.asym_id 
_pdbx_poly_seq_scheme.entity_id 
_pdbx_poly_seq_scheme.seq_id 
_pdbx_poly_seq_scheme.mon_id 
_pdbx_poly_seq_scheme.ndb_seq_num 
_pdbx_poly_seq_scheme.pdb_seq_num 
_pdbx_poly_seq_scheme.auth_seq_num 
_pdbx_poly_seq_scheme.pdb_mon_id 
_pdbx_poly_seq_scheme.auth_mon_id 
_pdbx_poly_seq_scheme.pdb_strand_id 
_pdbx_poly_seq_scheme.pdb_ins_code 
_pdbx_poly_seq_scheme.hetero 
A 1 1   C   1   401 401 C   CYT B . n 
A 1 2   G   2   402 402 G   GUA B . n 
A 1 3   U   3   403 403 U   URI B . n 
A 1 4   G   4   404 404 G   GUA B . n 
A 1 5   A   5   405 405 A   ADE B . n 
A 1 6   C   6   406 406 C   CYT B . n 
A 1 7   U   7   407 407 U   URI B . n 
A 1 8   DC  8   408 408 DC  CYT B . n 
A 1 9   DT  9   409 409 DT  THY B . n 
B 2 1   GLY 1   221 ?   ?   ?   A . n 
B 2 2   SER 2   222 ?   ?   ?   A . n 
B 2 3   HIS 3   223 ?   ?   ?   A . n 
B 2 4   MET 4   224 224 MET MET A . n 
B 2 5   ALA 5   225 225 ALA ALA A . n 
B 2 6   GLN 6   226 226 GLN GLN A . n 
B 2 7   PRO 7   227 227 PRO PRO A . n 
B 2 8   VAL 8   228 228 VAL VAL A . n 
B 2 9   ILE 9   229 229 ILE ILE A . n 
B 2 10  GLU 10  230 230 GLU GLU A . n 
B 2 11  PHE 11  231 231 PHE PHE A . n 
B 2 12  MET 12  232 232 MET MET A . n 
B 2 13  CYS 13  233 233 CYS CYS A . n 
B 2 14  GLU 14  234 234 GLU GLU A . n 
B 2 15  VAL 15  235 235 VAL VAL A . n 
B 2 16  LEU 16  236 236 LEU LEU A . n 
B 2 17  ASP 17  237 237 ASP ASP A . n 
B 2 18  ILE 18  238 238 ILE ILE A . n 
B 2 19  ARG 19  239 239 ARG ARG A . n 
B 2 20  ASN 20  240 240 ASN ASN A . n 
B 2 21  ILE 21  241 241 ILE ILE A . n 
B 2 22  ASP 22  242 242 ASP ASP A . n 
B 2 23  GLU 23  243 243 GLU GLU A . n 
B 2 24  GLN 24  244 244 GLN GLN A . n 
B 2 25  PRO 25  245 245 PRO PRO A . n 
B 2 26  LYS 26  246 246 LYS LYS A . n 
B 2 27  PRO 27  247 247 PRO PRO A . n 
B 2 28  LEU 28  248 248 LEU LEU A . n 
B 2 29  THR 29  249 249 THR THR A . n 
B 2 30  ASP 30  250 250 ASP ASP A . n 
B 2 31  SER 31  251 251 SER SER A . n 
B 2 32  GLN 32  252 252 GLN GLN A . n 
B 2 33  ARG 33  253 253 ARG ARG A . n 
B 2 34  VAL 34  254 254 VAL VAL A . n 
B 2 35  ARG 35  255 255 ARG ARG A . n 
B 2 36  PHE 36  256 256 PHE PHE A . n 
B 2 37  THR 37  257 257 THR THR A . n 
B 2 38  LYS 38  258 258 LYS LYS A . n 
B 2 39  GLU 39  259 259 GLU GLU A . n 
B 2 40  ILE 40  260 260 ILE ILE A . n 
B 2 41  LYS 41  261 261 LYS LYS A . n 
B 2 42  GLY 42  262 262 GLY GLY A . n 
B 2 43  LEU 43  263 263 LEU LEU A . n 
B 2 44  LYS 44  264 264 LYS LYS A . n 
B 2 45  VAL 45  265 265 VAL VAL A . n 
B 2 46  GLU 46  266 266 GLU GLU A . n 
B 2 47  VAL 47  267 267 VAL VAL A . n 
B 2 48  THR 48  268 268 THR THR A . n 
B 2 49  HIS 49  269 269 HIS HIS A . n 
B 2 50  CYS 50  270 270 CYS CYS A . n 
B 2 51  GLY 51  271 271 GLY GLY A . n 
B 2 52  GLN 52  272 272 GLN GLN A . n 
B 2 53  MET 53  273 273 MET MET A . n 
B 2 54  LYS 54  274 274 LYS LYS A . n 
B 2 55  ARG 55  275 275 ARG ARG A . n 
B 2 56  LYS 56  276 276 LYS LYS A . n 
B 2 57  TYR 57  277 277 TYR TYR A . n 
B 2 58  ARG 58  278 278 ARG ARG A . n 
B 2 59  VAL 59  279 279 VAL VAL A . n 
B 2 60  CYS 60  280 280 CYS CYS A . n 
B 2 61  ASN 61  281 281 ASN ASN A . n 
B 2 62  VAL 62  282 282 VAL VAL A . n 
B 2 63  THR 63  283 283 THR THR A . n 
B 2 64  ARG 64  284 284 ARG ARG A . n 
B 2 65  ARG 65  285 285 ARG ARG A . n 
B 2 66  PRO 66  286 286 PRO PRO A . n 
B 2 67  ALA 67  287 287 ALA ALA A . n 
B 2 68  SER 68  288 288 SER SER A . n 
B 2 69  HIS 69  289 289 HIS HIS A . n 
B 2 70  GLN 70  290 290 GLN GLN A . n 
B 2 71  THR 71  291 291 THR THR A . n 
B 2 72  PHE 72  292 292 PHE PHE A . n 
B 2 73  PRO 73  293 293 PRO PRO A . n 
B 2 74  LEU 74  294 294 LEU LEU A . n 
B 2 75  GLN 75  295 295 GLN GLN A . n 
B 2 76  LEU 76  296 ?   ?   ?   A . n 
B 2 77  GLU 77  297 ?   ?   ?   A . n 
B 2 78  SER 78  298 ?   ?   ?   A . n 
B 2 79  GLY 79  299 ?   ?   ?   A . n 
B 2 80  GLN 80  300 ?   ?   ?   A . n 
B 2 81  THR 81  301 ?   ?   ?   A . n 
B 2 82  VAL 82  302 302 VAL VAL A . n 
B 2 83  GLU 83  303 303 GLU GLU A . n 
B 2 84  CYS 84  304 304 CYS CYS A . n 
B 2 85  THR 85  305 305 THR THR A . n 
B 2 86  VAL 86  306 306 VAL VAL A . n 
B 2 87  ALA 87  307 307 ALA ALA A . n 
B 2 88  GLN 88  308 308 GLN GLN A . n 
B 2 89  TYR 89  309 309 TYR TYR A . n 
B 2 90  PHE 90  310 310 PHE PHE A . n 
B 2 91  LYS 91  311 311 LYS LYS A . n 
B 2 92  GLN 92  312 312 GLN GLN A . n 
B 2 93  LYS 93  313 313 LYS LYS A . n 
B 2 94  TYR 94  314 314 TYR TYR A . n 
B 2 95  ASN 95  315 315 ASN ASN A . n 
B 2 96  LEU 96  316 316 LEU LEU A . n 
B 2 97  GLN 97  317 317 GLN GLN A . n 
B 2 98  LEU 98  318 318 LEU LEU A . n 
B 2 99  LYS 99  319 319 LYS LYS A . n 
B 2 100 TYR 100 320 320 TYR TYR A . n 
B 2 101 PRO 101 321 321 PRO PRO A . n 
B 2 102 HIS 102 322 322 HIS HIS A . n 
B 2 103 LEU 103 323 323 LEU LEU A . n 
B 2 104 PRO 104 324 324 PRO PRO A . n 
B 2 105 CYS 105 325 325 CYS CYS A . n 
B 2 106 LEU 106 326 326 LEU LEU A . n 
B 2 107 GLN 107 327 327 GLN GLN A . n 
B 2 108 VAL 108 328 328 VAL VAL A . n 
B 2 109 GLY 109 329 329 GLY GLY A . n 
B 2 110 GLN 110 330 330 GLN GLN A . n 
B 2 111 GLU 111 331 331 GLU GLU A . n 
B 2 112 GLN 112 332 332 GLN GLN A . n 
B 2 113 LYS 113 333 333 LYS LYS A . n 
B 2 114 HIS 114 334 334 HIS HIS A . n 
B 2 115 THR 115 335 335 THR THR A . n 
B 2 116 TYR 116 336 336 TYR TYR A . n 
B 2 117 LEU 117 337 337 LEU LEU A . n 
B 2 118 PRO 118 338 338 PRO PRO A . n 
B 2 119 LEU 119 339 339 LEU LEU A . n 
B 2 120 GLU 120 340 340 GLU GLU A . n 
B 2 121 VAL 121 341 341 VAL VAL A . n 
B 2 122 CYS 122 342 342 CYS CYS A . n 
B 2 123 ASN 123 343 343 ASN ASN A . n 
B 2 124 ILE 124 344 344 ILE ILE A . n 
B 2 125 VAL 125 345 345 VAL VAL A . n 
B 2 126 ALA 126 346 346 ALA ALA A . n 
B 2 127 GLY 127 347 347 GLY GLY A . n 
B 2 128 GLN 128 348 348 GLN GLN A . n 
B 2 129 ARG 129 349 349 ARG ARG A . n 
B 2 130 CYS 130 350 ?   ?   ?   A . n 
B 2 131 ILE 131 351 ?   ?   ?   A . n 
B 2 132 LYS 132 352 ?   ?   ?   A . n 
B 2 133 LYS 133 353 ?   ?   ?   A . n 
B 2 134 LEU 134 354 ?   ?   ?   A . n 
B 2 135 THR 135 355 ?   ?   ?   A . n 
B 2 136 ASP 136 356 ?   ?   ?   A . n 
B 2 137 ASN 137 357 ?   ?   ?   A . n 
B 2 138 GLN 138 358 ?   ?   ?   A . n 
B 2 139 THR 139 359 ?   ?   ?   A . n 
B 2 140 SER 140 360 ?   ?   ?   A . n 
B 2 141 THR 141 361 ?   ?   ?   A . n 
B 2 142 MET 142 362 ?   ?   ?   A . n 
B 2 143 ILE 143 363 ?   ?   ?   A . n 
B 2 144 LYS 144 364 ?   ?   ?   A . n 
B 2 145 ALA 145 365 ?   ?   ?   A . n 
B 2 146 THR 146 366 ?   ?   ?   A . n 
B 2 147 ALA 147 367 ?   ?   ?   A . n 
B 2 148 ARG 148 368 ?   ?   ?   A . n 
B 2 149 SER 149 369 ?   ?   ?   A . n 
# 
loop_
_pdbx_nonpoly_scheme.asym_id 
_pdbx_nonpoly_scheme.entity_id 
_pdbx_nonpoly_scheme.mon_id 
_pdbx_nonpoly_scheme.ndb_seq_num 
_pdbx_nonpoly_scheme.pdb_seq_num 
_pdbx_nonpoly_scheme.auth_seq_num 
_pdbx_nonpoly_scheme.pdb_mon_id 
_pdbx_nonpoly_scheme.auth_mon_id 
_pdbx_nonpoly_scheme.pdb_strand_id 
_pdbx_nonpoly_scheme.pdb_ins_code 
C 3 HOH 1  508 508 HOH WAT B . 
D 3 HOH 1  501 501 HOH WAT A . 
D 3 HOH 2  502 502 HOH WAT A . 
D 3 HOH 3  503 503 HOH WAT A . 
D 3 HOH 4  504 504 HOH WAT A . 
D 3 HOH 5  505 505 HOH WAT A . 
D 3 HOH 6  506 506 HOH WAT A . 
D 3 HOH 7  507 507 HOH WAT A . 
D 3 HOH 8  509 509 HOH WAT A . 
D 3 HOH 9  510 510 HOH WAT A . 
D 3 HOH 10 511 511 HOH WAT A . 
D 3 HOH 11 512 512 HOH WAT A . 
D 3 HOH 12 513 513 HOH WAT A . 
D 3 HOH 13 514 514 HOH WAT A . 
D 3 HOH 14 515 515 HOH WAT A . 
D 3 HOH 15 516 516 HOH WAT A . 
# 
loop_
_pdbx_unobs_or_zero_occ_atoms.id 
_pdbx_unobs_or_zero_occ_atoms.PDB_model_num 
_pdbx_unobs_or_zero_occ_atoms.polymer_flag 
_pdbx_unobs_or_zero_occ_atoms.occupancy_flag 
_pdbx_unobs_or_zero_occ_atoms.auth_asym_id 
_pdbx_unobs_or_zero_occ_atoms.auth_comp_id 
_pdbx_unobs_or_zero_occ_atoms.auth_seq_id 
_pdbx_unobs_or_zero_occ_atoms.PDB_ins_code 
_pdbx_unobs_or_zero_occ_atoms.auth_atom_id 
_pdbx_unobs_or_zero_occ_atoms.label_alt_id 
_pdbx_unobs_or_zero_occ_atoms.label_asym_id 
_pdbx_unobs_or_zero_occ_atoms.label_comp_id 
_pdbx_unobs_or_zero_occ_atoms.label_seq_id 
_pdbx_unobs_or_zero_occ_atoms.label_atom_id 
1 1 Y 1 A MET 224 ? CG  ? B MET 4  CG  
2 1 Y 1 A MET 224 ? SD  ? B MET 4  SD  
3 1 Y 1 A MET 224 ? CE  ? B MET 4  CE  
4 1 Y 1 A GLN 295 ? CG  ? B GLN 75 CG  
5 1 Y 1 A GLN 295 ? CD  ? B GLN 75 CD  
6 1 Y 1 A GLN 295 ? OE1 ? B GLN 75 OE1 
7 1 Y 1 A GLN 295 ? NE2 ? B GLN 75 NE2 
# 
loop_
_software.name 
_software.classification 
_software.version 
_software.citation_id 
_software.pdbx_ordinal 
HKL-2000  'data collection' .   ? 1 
SCALEPACK 'data scaling'    .   ? 2 
CNS       refinement        1.1 ? 3 
HKL-2000  'data reduction'  .   ? 4 
CNS       phasing           1.1 ? 5 
# 
_cell.entry_id           1SI2 
_cell.length_a           100.051 
_cell.length_b           100.051 
_cell.length_c           34.438 
_cell.angle_alpha        90.00 
_cell.angle_beta         90.00 
_cell.angle_gamma        120.00 
_cell.Z_PDB              6 
_cell.pdbx_unique_axis   ? 
# 
_symmetry.entry_id                         1SI2 
_symmetry.space_group_name_H-M             'P 64' 
_symmetry.pdbx_full_space_group_name_H-M   ? 
_symmetry.cell_setting                     ? 
_symmetry.Int_Tables_number                172 
# 
_exptl.entry_id          1SI2 
_exptl.method            'X-RAY DIFFRACTION' 
_exptl.crystals_number   1 
# 
_exptl_crystal.id                    1 
_exptl_crystal.density_meas          ? 
_exptl_crystal.density_percent_sol   50 
_exptl_crystal.description           ? 
_exptl_crystal.density_Matthews      2.49 
# 
_exptl_crystal_grow.crystal_id      1 
_exptl_crystal_grow.method          'VAPOR DIFFUSION, HANGING DROP' 
_exptl_crystal_grow.temp            293 
_exptl_crystal_grow.temp_details    ? 
_exptl_crystal_grow.pH              7.60 
_exptl_crystal_grow.pdbx_details    
'PEG 1000, potassium chloride, HEPES-NaOH, Dithiothreitol, pH 7.60, VAPOR DIFFUSION, HANGING DROP, temperature 293K' 
_exptl_crystal_grow.pdbx_pH_range   . 
# 
loop_
_exptl_crystal_grow_comp.crystal_id 
_exptl_crystal_grow_comp.id 
_exptl_crystal_grow_comp.sol_id 
_exptl_crystal_grow_comp.name 
_exptl_crystal_grow_comp.volume 
_exptl_crystal_grow_comp.conc 
_exptl_crystal_grow_comp.details 
1 1 1 'PEG 1000'           ? ? ? 
1 2 1 'potassium chloride' ? ? ? 
1 3 1 HEPES-NaOH           ? ? ? 
1 4 1 Dithiothreitol       ? ? ? 
# 
_diffrn.id                     1 
_diffrn.ambient_temp           100.0 
_diffrn.ambient_temp_details   ? 
_diffrn.crystal_id             1 
# 
_diffrn_detector.diffrn_id              1 
_diffrn_detector.detector               CCD 
_diffrn_detector.type                   MARRESEARCH 
_diffrn_detector.pdbx_collection_date   2003-11-13 
_diffrn_detector.details                ? 
# 
_diffrn_radiation.diffrn_id                        1 
_diffrn_radiation.wavelength_id                    1 
_diffrn_radiation.pdbx_monochromatic_or_laue_m_l   M 
_diffrn_radiation.monochromator                    'DIAMOND (111) DOUBLE-CRYSTAL' 
_diffrn_radiation.pdbx_diffrn_protocol             SAD 
_diffrn_radiation.pdbx_scattering_type             x-ray 
# 
_diffrn_radiation_wavelength.id           1 
_diffrn_radiation_wavelength.wavelength   0.9810 
_diffrn_radiation_wavelength.wt           1.0 
# 
_diffrn_source.diffrn_id                   1 
_diffrn_source.source                      SYNCHROTRON 
_diffrn_source.type                        'APS BEAMLINE 14-ID-B' 
_diffrn_source.pdbx_synchrotron_site       APS 
_diffrn_source.pdbx_synchrotron_beamline   14-ID-B 
_diffrn_source.pdbx_wavelength             0.9810 
_diffrn_source.pdbx_wavelength_list        0.9810 
# 
_reflns.entry_id                     1SI2 
_reflns.observed_criterion_sigma_I   -3.000 
_reflns.observed_criterion_sigma_F   ? 
_reflns.d_resolution_low             20.000 
_reflns.d_resolution_high            2.60 
_reflns.number_obs                   6225 
_reflns.number_all                   6263 
_reflns.percent_possible_obs         99.0 
_reflns.pdbx_Rmerge_I_obs            ? 
_reflns.pdbx_Rsym_value              0.087 
_reflns.pdbx_netI_over_sigmaI        27.8 
_reflns.B_iso_Wilson_estimate        62.3 
_reflns.pdbx_redundancy              10.2 
_reflns.R_free_details               ? 
_reflns.pdbx_diffrn_id               1 
_reflns.pdbx_ordinal                 1 
# 
_reflns_shell.d_res_high             2.60 
_reflns_shell.d_res_low              2.69 
_reflns_shell.percent_possible_all   100.0 
_reflns_shell.Rmerge_I_obs           ? 
_reflns_shell.pdbx_Rsym_value        0.696 
_reflns_shell.meanI_over_sigI_obs    3.1 
_reflns_shell.pdbx_redundancy        ? 
_reflns_shell.percent_possible_obs   ? 
_reflns_shell.number_unique_all      ? 
_reflns_shell.pdbx_diffrn_id         ? 
_reflns_shell.pdbx_ordinal           1 
# 
_refine.entry_id                                 1SI2 
_refine.ls_number_reflns_obs                     5873 
_refine.ls_number_reflns_all                     6263 
_refine.pdbx_ls_sigma_I                          ? 
_refine.pdbx_ls_sigma_F                          0.0 
_refine.pdbx_data_cutoff_high_absF               ? 
_refine.pdbx_data_cutoff_low_absF                ? 
_refine.pdbx_data_cutoff_high_rms_absF           ? 
_refine.ls_d_res_low                             19.71 
_refine.ls_d_res_high                            2.60 
_refine.ls_percent_reflns_obs                    93.8 
_refine.ls_R_factor_obs                          0.2247 
_refine.ls_R_factor_all                          ? 
_refine.ls_R_factor_R_work                       0.221 
_refine.ls_R_factor_R_free                       0.261 
_refine.ls_R_factor_R_free_error                 0.011 
_refine.ls_R_factor_R_free_error_details         ? 
_refine.ls_percent_reflns_R_free                 9.9 
_refine.ls_number_reflns_R_free                  581 
_refine.ls_number_parameters                     ? 
_refine.ls_number_restraints                     ? 
_refine.occupancy_min                            ? 
_refine.occupancy_max                            ? 
_refine.correlation_coeff_Fo_to_Fc               ? 
_refine.correlation_coeff_Fo_to_Fc_free          ? 
_refine.B_iso_mean                               51.5 
_refine.aniso_B[1][1]                            0.89 
_refine.aniso_B[2][2]                            0.89 
_refine.aniso_B[3][3]                            -1.77 
_refine.aniso_B[1][2]                            8.79 
_refine.aniso_B[1][3]                            0.00 
_refine.aniso_B[2][3]                            0.00 
_refine.solvent_model_details                    'FLAT MODEL' 
_refine.solvent_model_param_ksol                 0.326947 
_refine.solvent_model_param_bsol                 37.026 
_refine.pdbx_solvent_vdw_probe_radii             ? 
_refine.pdbx_solvent_ion_probe_radii             ? 
_refine.pdbx_solvent_shrinkage_radii             ? 
_refine.pdbx_ls_cross_valid_method               THROUGHOUT 
_refine.details                                  ? 
_refine.pdbx_starting_model                      ? 
_refine.pdbx_method_to_determine_struct          SAD 
_refine.pdbx_isotropic_thermal_model             RESTRAINED 
_refine.pdbx_stereochemistry_target_values       'Engh & Huber' 
_refine.pdbx_stereochem_target_val_spec_case     ? 
_refine.pdbx_R_Free_selection_details            RANDOM 
_refine.pdbx_overall_ESU_R                       ? 
_refine.pdbx_overall_ESU_R_Free                  ? 
_refine.overall_SU_ML                            ? 
_refine.overall_SU_B                             ? 
_refine.ls_redundancy_reflns_obs                 ? 
_refine.overall_SU_R_Cruickshank_DPI             ? 
_refine.overall_SU_R_free                        ? 
_refine.pdbx_refine_id                           'X-RAY DIFFRACTION' 
_refine.pdbx_diffrn_id                           1 
_refine.pdbx_TLS_residual_ADP_flag               ? 
_refine.pdbx_overall_phase_error                 ? 
_refine.pdbx_overall_SU_R_free_Cruickshank_DPI   ? 
_refine.pdbx_overall_SU_R_Blow_DPI               ? 
_refine.pdbx_overall_SU_R_free_Blow_DPI          ? 
# 
_refine_analyze.entry_id                        1SI2 
_refine_analyze.Luzzati_coordinate_error_obs    0.35 
_refine_analyze.Luzzati_sigma_a_obs             0.35 
_refine_analyze.Luzzati_d_res_low_obs           5.00 
_refine_analyze.Luzzati_coordinate_error_free   0.45 
_refine_analyze.Luzzati_sigma_a_free            0.45 
_refine_analyze.Luzzati_d_res_low_free          ? 
_refine_analyze.number_disordered_residues      ? 
_refine_analyze.occupancy_sum_hydrogen          ? 
_refine_analyze.occupancy_sum_non_hydrogen      ? 
_refine_analyze.pdbx_refine_id                  'X-RAY DIFFRACTION' 
# 
_refine_hist.pdbx_refine_id                   'X-RAY DIFFRACTION' 
_refine_hist.cycle_id                         LAST 
_refine_hist.pdbx_number_atoms_protein        977 
_refine_hist.pdbx_number_atoms_nucleic_acid   184 
_refine_hist.pdbx_number_atoms_ligand         0 
_refine_hist.number_atoms_solvent             16 
_refine_hist.number_atoms_total               1177 
_refine_hist.d_res_high                       2.60 
_refine_hist.d_res_low                        19.71 
# 
loop_
_refine_ls_restr.type 
_refine_ls_restr.dev_ideal 
_refine_ls_restr.dev_ideal_target 
_refine_ls_restr.weight 
_refine_ls_restr.number 
_refine_ls_restr.pdbx_refine_id 
_refine_ls_restr.pdbx_restraint_function 
c_bond_d                0.007 ?    ? ? 'X-RAY DIFFRACTION' ? 
c_bond_d_na             ?     ?    ? ? 'X-RAY DIFFRACTION' ? 
c_bond_d_prot           ?     ?    ? ? 'X-RAY DIFFRACTION' ? 
c_angle_d               ?     ?    ? ? 'X-RAY DIFFRACTION' ? 
c_angle_d_na            ?     ?    ? ? 'X-RAY DIFFRACTION' ? 
c_angle_d_prot          ?     ?    ? ? 'X-RAY DIFFRACTION' ? 
c_angle_deg             1.2   ?    ? ? 'X-RAY DIFFRACTION' ? 
c_angle_deg_na          ?     ?    ? ? 'X-RAY DIFFRACTION' ? 
c_angle_deg_prot        ?     ?    ? ? 'X-RAY DIFFRACTION' ? 
c_dihedral_angle_d      21.1  ?    ? ? 'X-RAY DIFFRACTION' ? 
c_dihedral_angle_d_na   ?     ?    ? ? 'X-RAY DIFFRACTION' ? 
c_dihedral_angle_d_prot ?     ?    ? ? 'X-RAY DIFFRACTION' ? 
c_improper_angle_d      1.13  ?    ? ? 'X-RAY DIFFRACTION' ? 
c_improper_angle_d_na   ?     ?    ? ? 'X-RAY DIFFRACTION' ? 
c_improper_angle_d_prot ?     ?    ? ? 'X-RAY DIFFRACTION' ? 
c_mcbond_it             1.57  1.50 ? ? 'X-RAY DIFFRACTION' ? 
c_mcangle_it            2.72  2.00 ? ? 'X-RAY DIFFRACTION' ? 
c_scbond_it             1.89  2.00 ? ? 'X-RAY DIFFRACTION' ? 
c_scangle_it            2.90  2.50 ? ? 'X-RAY DIFFRACTION' ? 
# 
_refine_ls_shell.pdbx_total_number_of_bins_used   10 
_refine_ls_shell.d_res_high                       2.60 
_refine_ls_shell.d_res_low                        2.69 
_refine_ls_shell.number_reflns_R_work             504 
_refine_ls_shell.R_factor_R_work                  0.313 
_refine_ls_shell.percent_reflns_obs               88.3 
_refine_ls_shell.R_factor_R_free                  0.342 
_refine_ls_shell.R_factor_R_free_error            0.049 
_refine_ls_shell.percent_reflns_R_free            8.7 
_refine_ls_shell.number_reflns_R_free             48 
_refine_ls_shell.redundancy_reflns_obs            ? 
_refine_ls_shell.pdbx_refine_id                   'X-RAY DIFFRACTION' 
_refine_ls_shell.number_reflns_all                ? 
_refine_ls_shell.R_factor_all                     ? 
# 
loop_
_pdbx_xplor_file.serial_no 
_pdbx_xplor_file.param_file 
_pdbx_xplor_file.topol_file 
_pdbx_xplor_file.pdbx_refine_id 
1 PROTEIN_REP.PARAM PROTEIN.TOP 'X-RAY DIFFRACTION' 
2 DNA-RNA_REP.PARAM DNA-RNA.TOP 'X-RAY DIFFRACTION' 
3 WATER_REP.PARAM   WATER.TOP   'X-RAY DIFFRACTION' 
4 ION.PARAM         ION.TOP     'X-RAY DIFFRACTION' 
# 
_struct.entry_id                  1SI2 
_struct.title                     
'Crystal structure of the PAZ domain of human eIF2c1 in complex with a 9-mer siRNA-like duplex of deoxynucleotide overhang' 
_struct.pdbx_model_details        ? 
_struct.pdbx_CASP_flag            ? 
_struct.pdbx_model_type_details   ? 
# 
_struct_keywords.entry_id        1SI2 
_struct_keywords.pdbx_keywords   'GENE REGULATION/RNA/DNA' 
_struct_keywords.text            'PROTEIN-RNA COMPLEX, RNA INTERFERENCE, DOUBLE HELIX, OVERHANG, GENE REGULATION-RNA-DNA COMPLEX' 
# 
loop_
_struct_asym.id 
_struct_asym.pdbx_blank_PDB_chainid_flag 
_struct_asym.pdbx_modified 
_struct_asym.entity_id 
_struct_asym.details 
A N N 1 ? 
B N N 2 ? 
C N N 3 ? 
D N N 3 ? 
# 
loop_
_struct_ref.id 
_struct_ref.db_name 
_struct_ref.db_code 
_struct_ref.pdbx_db_accession 
_struct_ref.entity_id 
_struct_ref.pdbx_seq_one_letter_code 
_struct_ref.pdbx_align_begin 
_struct_ref.pdbx_db_isoform 
1 UNP I2C1_HUMAN Q9UL18 2 
;AQPVIEFMCEVLDIRNIDEQPKPLTDSQRVRFTKEIKGLKVEVTHCGQMKRKYRVCNVTRRPASHQTFPLQLESGQTVEC
TVAQYFKQKYNLQLKYPHLPCLQVGQEQKHTYLPLEVCNIVAGQRCIKKLTDNQTSTMIKATARS
;
225 ? 
2 PDB 1SI2       1SI2   1 ? ?   ? 
# 
loop_
_struct_ref_seq.align_id 
_struct_ref_seq.ref_id 
_struct_ref_seq.pdbx_PDB_id_code 
_struct_ref_seq.pdbx_strand_id 
_struct_ref_seq.seq_align_beg 
_struct_ref_seq.pdbx_seq_align_beg_ins_code 
_struct_ref_seq.seq_align_end 
_struct_ref_seq.pdbx_seq_align_end_ins_code 
_struct_ref_seq.pdbx_db_accession 
_struct_ref_seq.db_align_beg 
_struct_ref_seq.pdbx_db_align_beg_ins_code 
_struct_ref_seq.db_align_end 
_struct_ref_seq.pdbx_db_align_end_ins_code 
_struct_ref_seq.pdbx_auth_seq_align_beg 
_struct_ref_seq.pdbx_auth_seq_align_end 
1 1 1SI2 A 5 ? 149 ? Q9UL18 225 ? 369 ? 225 369 
2 2 1SI2 B 1 ? 9   ? 1SI2   401 ? 409 ? 401 409 
# 
loop_
_struct_ref_seq_dif.align_id 
_struct_ref_seq_dif.pdbx_pdb_id_code 
_struct_ref_seq_dif.mon_id 
_struct_ref_seq_dif.pdbx_pdb_strand_id 
_struct_ref_seq_dif.seq_num 
_struct_ref_seq_dif.pdbx_pdb_ins_code 
_struct_ref_seq_dif.pdbx_seq_db_name 
_struct_ref_seq_dif.pdbx_seq_db_accession_code 
_struct_ref_seq_dif.db_mon_id 
_struct_ref_seq_dif.pdbx_seq_db_seq_num 
_struct_ref_seq_dif.details 
_struct_ref_seq_dif.pdbx_auth_seq_num 
_struct_ref_seq_dif.pdbx_ordinal 
1 1SI2 GLY A 1 ? UNP Q9UL18 ? ? 'cloning artifact' 221 1 
1 1SI2 SER A 2 ? UNP Q9UL18 ? ? 'cloning artifact' 222 2 
1 1SI2 HIS A 3 ? UNP Q9UL18 ? ? 'cloning artifact' 223 3 
1 1SI2 MET A 4 ? UNP Q9UL18 ? ? 'cloning artifact' 224 4 
# 
_pdbx_struct_assembly.id                   1 
_pdbx_struct_assembly.details              author_defined_assembly 
_pdbx_struct_assembly.method_details       ? 
_pdbx_struct_assembly.oligomeric_details   tetrameric 
_pdbx_struct_assembly.oligomeric_count     4 
# 
_pdbx_struct_assembly_gen.assembly_id       1 
_pdbx_struct_assembly_gen.oper_expression   1,2 
_pdbx_struct_assembly_gen.asym_id_list      A,B,C,D 
# 
loop_
_pdbx_struct_oper_list.id 
_pdbx_struct_oper_list.type 
_pdbx_struct_oper_list.name 
_pdbx_struct_oper_list.symmetry_operation 
_pdbx_struct_oper_list.matrix[1][1] 
_pdbx_struct_oper_list.matrix[1][2] 
_pdbx_struct_oper_list.matrix[1][3] 
_pdbx_struct_oper_list.vector[1] 
_pdbx_struct_oper_list.matrix[2][1] 
_pdbx_struct_oper_list.matrix[2][2] 
_pdbx_struct_oper_list.matrix[2][3] 
_pdbx_struct_oper_list.vector[2] 
_pdbx_struct_oper_list.matrix[3][1] 
_pdbx_struct_oper_list.matrix[3][2] 
_pdbx_struct_oper_list.matrix[3][3] 
_pdbx_struct_oper_list.vector[3] 
1 'identity operation'         1_555 x,y,z       1.0000000000  0.0000000000 0.0000000000 0.0000000000   0.0000000000 1.0000000000 0.0000000000 0.0000000000 0.0000000000 0.0000000000 1.0000000000  0.0000000000  
2 'crystal symmetry operation' 4_675 -x+1,-y+2,z -0.9846821811 0.1523005951 0.0848853994 -43.4881481678 0.1523005951 0.5142802875 0.8439907076 5.5009899814 0.0848853994 0.8439907076 -0.5295981065 -2.0222614161 
# 
_struct_biol.id                    1 
_struct_biol.details               
;The biological assemble consists of two PAZ domains bound to each end of a 9-mer siRNA-like duplex generated from 
the protein monomer and the 9-mer single stranded RNA in the asymmetric unit 
by the operation: -X+1,-Y+2,Z.
;
_struct_biol.pdbx_parent_biol_id   ? 
# 
loop_
_struct_conf.conf_type_id 
_struct_conf.id 
_struct_conf.pdbx_PDB_helix_id 
_struct_conf.beg_label_comp_id 
_struct_conf.beg_label_asym_id 
_struct_conf.beg_label_seq_id 
_struct_conf.pdbx_beg_PDB_ins_code 
_struct_conf.end_label_comp_id 
_struct_conf.end_label_asym_id 
_struct_conf.end_label_seq_id 
_struct_conf.pdbx_end_PDB_ins_code 
_struct_conf.beg_auth_comp_id 
_struct_conf.beg_auth_asym_id 
_struct_conf.beg_auth_seq_id 
_struct_conf.end_auth_comp_id 
_struct_conf.end_auth_asym_id 
_struct_conf.end_auth_seq_id 
_struct_conf.pdbx_PDB_helix_class 
_struct_conf.details 
_struct_conf.pdbx_PDB_helix_length 
HELX_P HELX_P1 1 VAL B 8  ? ASP B 17 ? VAL A 228 ASP A 237 1 ? 10 
HELX_P HELX_P2 2 THR B 29 ? LYS B 41 ? THR A 249 LYS A 261 1 ? 13 
HELX_P HELX_P3 3 VAL B 86 ? LYS B 93 ? VAL A 306 LYS A 313 1 ? 8  
# 
_struct_conf_type.id          HELX_P 
_struct_conf_type.criteria    ? 
_struct_conf_type.reference   ? 
# 
loop_
_struct_conn.id 
_struct_conn.conn_type_id 
_struct_conn.pdbx_leaving_atom_flag 
_struct_conn.pdbx_PDB_id 
_struct_conn.ptnr1_label_asym_id 
_struct_conn.ptnr1_label_comp_id 
_struct_conn.ptnr1_label_seq_id 
_struct_conn.ptnr1_label_atom_id 
_struct_conn.pdbx_ptnr1_label_alt_id 
_struct_conn.pdbx_ptnr1_PDB_ins_code 
_struct_conn.pdbx_ptnr1_standard_comp_id 
_struct_conn.ptnr1_symmetry 
_struct_conn.ptnr2_label_asym_id 
_struct_conn.ptnr2_label_comp_id 
_struct_conn.ptnr2_label_seq_id 
_struct_conn.ptnr2_label_atom_id 
_struct_conn.pdbx_ptnr2_label_alt_id 
_struct_conn.pdbx_ptnr2_PDB_ins_code 
_struct_conn.ptnr1_auth_asym_id 
_struct_conn.ptnr1_auth_comp_id 
_struct_conn.ptnr1_auth_seq_id 
_struct_conn.ptnr2_auth_asym_id 
_struct_conn.ptnr2_auth_comp_id 
_struct_conn.ptnr2_auth_seq_id 
_struct_conn.ptnr2_symmetry 
_struct_conn.pdbx_ptnr3_label_atom_id 
_struct_conn.pdbx_ptnr3_label_seq_id 
_struct_conn.pdbx_ptnr3_label_comp_id 
_struct_conn.pdbx_ptnr3_label_asym_id 
_struct_conn.pdbx_ptnr3_label_alt_id 
_struct_conn.pdbx_ptnr3_PDB_ins_code 
_struct_conn.details 
_struct_conn.pdbx_dist_value 
_struct_conn.pdbx_value_order 
_struct_conn.pdbx_role 
hydrog1  hydrog ? ? A C 1 N4 ? ? ? 1_555 A U 7 O4 ? ? B C 401 B U 407 4_675 ? ? ? ? ? ? 'C-U MISPAIR' ? ? ? 
hydrog2  hydrog ? ? A G 2 N1 ? ? ? 1_555 A C 6 N3 ? ? B G 402 B C 406 4_675 ? ? ? ? ? ? WATSON-CRICK  ? ? ? 
hydrog3  hydrog ? ? A G 2 N2 ? ? ? 1_555 A C 6 O2 ? ? B G 402 B C 406 4_675 ? ? ? ? ? ? WATSON-CRICK  ? ? ? 
hydrog4  hydrog ? ? A G 2 O6 ? ? ? 1_555 A C 6 N4 ? ? B G 402 B C 406 4_675 ? ? ? ? ? ? WATSON-CRICK  ? ? ? 
hydrog5  hydrog ? ? A U 3 N3 ? ? ? 1_555 A A 5 N1 ? ? B U 403 B A 405 4_675 ? ? ? ? ? ? 'U-A PAIR'    ? ? ? 
hydrog6  hydrog ? ? A A 5 N1 ? ? ? 1_555 A U 3 N3 ? ? B A 405 B U 403 4_675 ? ? ? ? ? ? 'A-U PAIR'    ? ? ? 
hydrog7  hydrog ? ? A C 6 N3 ? ? ? 1_555 A G 2 N1 ? ? B C 406 B G 402 4_675 ? ? ? ? ? ? WATSON-CRICK  ? ? ? 
hydrog8  hydrog ? ? A C 6 N4 ? ? ? 1_555 A G 2 O6 ? ? B C 406 B G 402 4_675 ? ? ? ? ? ? WATSON-CRICK  ? ? ? 
hydrog9  hydrog ? ? A C 6 O2 ? ? ? 1_555 A G 2 N2 ? ? B C 406 B G 402 4_675 ? ? ? ? ? ? WATSON-CRICK  ? ? ? 
hydrog10 hydrog ? ? A U 7 O4 ? ? ? 1_555 A C 1 N4 ? ? B U 407 B C 401 4_675 ? ? ? ? ? ? 'U-C MISPAIR' ? ? ? 
# 
_struct_conn_type.id          hydrog 
_struct_conn_type.criteria    ? 
_struct_conn_type.reference   ? 
# 
loop_
_struct_sheet.id 
_struct_sheet.type 
_struct_sheet.number_strands 
_struct_sheet.details 
A ? 6 ? 
B ? 2 ? 
# 
loop_
_struct_sheet_order.sheet_id 
_struct_sheet_order.range_id_1 
_struct_sheet_order.range_id_2 
_struct_sheet_order.offset 
_struct_sheet_order.sense 
A 1 2 ? anti-parallel 
A 2 3 ? anti-parallel 
A 3 4 ? anti-parallel 
A 4 5 ? anti-parallel 
A 5 6 ? anti-parallel 
B 1 2 ? anti-parallel 
# 
loop_
_struct_sheet_range.sheet_id 
_struct_sheet_range.id 
_struct_sheet_range.beg_label_comp_id 
_struct_sheet_range.beg_label_asym_id 
_struct_sheet_range.beg_label_seq_id 
_struct_sheet_range.pdbx_beg_PDB_ins_code 
_struct_sheet_range.end_label_comp_id 
_struct_sheet_range.end_label_asym_id 
_struct_sheet_range.end_label_seq_id 
_struct_sheet_range.pdbx_end_PDB_ins_code 
_struct_sheet_range.beg_auth_comp_id 
_struct_sheet_range.beg_auth_asym_id 
_struct_sheet_range.beg_auth_seq_id 
_struct_sheet_range.end_auth_comp_id 
_struct_sheet_range.end_auth_asym_id 
_struct_sheet_range.end_auth_seq_id 
A 1 GLN B 6   ? PRO B 7   ? GLN A 226 PRO A 227 
A 2 CYS B 122 ? ILE B 124 ? CYS A 342 ILE A 344 
A 3 LYS B 44  ? VAL B 47  ? LYS A 264 VAL A 267 
A 4 LYS B 56  ? PRO B 66  ? LYS A 276 PRO A 286 
A 5 PRO B 104 ? VAL B 108 ? PRO A 324 VAL A 328 
A 6 THR B 115 ? PRO B 118 ? THR A 335 PRO A 338 
B 1 THR B 71  ? PRO B 73  ? THR A 291 PRO A 293 
B 2 GLU B 83  ? THR B 85  ? GLU A 303 THR A 305 
# 
loop_
_pdbx_struct_sheet_hbond.sheet_id 
_pdbx_struct_sheet_hbond.range_id_1 
_pdbx_struct_sheet_hbond.range_id_2 
_pdbx_struct_sheet_hbond.range_1_label_atom_id 
_pdbx_struct_sheet_hbond.range_1_label_comp_id 
_pdbx_struct_sheet_hbond.range_1_label_asym_id 
_pdbx_struct_sheet_hbond.range_1_label_seq_id 
_pdbx_struct_sheet_hbond.range_1_PDB_ins_code 
_pdbx_struct_sheet_hbond.range_1_auth_atom_id 
_pdbx_struct_sheet_hbond.range_1_auth_comp_id 
_pdbx_struct_sheet_hbond.range_1_auth_asym_id 
_pdbx_struct_sheet_hbond.range_1_auth_seq_id 
_pdbx_struct_sheet_hbond.range_2_label_atom_id 
_pdbx_struct_sheet_hbond.range_2_label_comp_id 
_pdbx_struct_sheet_hbond.range_2_label_asym_id 
_pdbx_struct_sheet_hbond.range_2_label_seq_id 
_pdbx_struct_sheet_hbond.range_2_PDB_ins_code 
_pdbx_struct_sheet_hbond.range_2_auth_atom_id 
_pdbx_struct_sheet_hbond.range_2_auth_comp_id 
_pdbx_struct_sheet_hbond.range_2_auth_asym_id 
_pdbx_struct_sheet_hbond.range_2_auth_seq_id 
A 1 2 N GLN B 6   ? N GLN A 226 O ILE B 124 ? O ILE A 344 
A 2 3 O ASN B 123 ? O ASN A 343 N GLU B 46  ? N GLU A 266 
A 3 4 N VAL B 45  ? N VAL A 265 O TYR B 57  ? O TYR A 277 
A 4 5 N ASN B 61  ? N ASN A 281 O GLN B 107 ? O GLN A 327 
A 5 6 N LEU B 106 ? N LEU A 326 O LEU B 117 ? O LEU A 337 
B 1 2 N PHE B 72  ? N PHE A 292 O CYS B 84  ? O CYS A 304 
# 
loop_
_pdbx_validate_torsion.id 
_pdbx_validate_torsion.PDB_model_num 
_pdbx_validate_torsion.auth_comp_id 
_pdbx_validate_torsion.auth_asym_id 
_pdbx_validate_torsion.auth_seq_id 
_pdbx_validate_torsion.PDB_ins_code 
_pdbx_validate_torsion.label_alt_id 
_pdbx_validate_torsion.phi 
_pdbx_validate_torsion.psi 
1 1 ASN A 240 ? ? -102.72 41.70   
2 1 ASP A 242 ? ? -98.68  31.56   
3 1 GLU A 243 ? ? -132.71 -30.84  
4 1 PRO A 245 ? ? -70.08  28.10   
5 1 PRO A 247 ? ? -68.32  -177.14 
6 1 PRO A 293 ? ? -65.17  92.17   
7 1 GLN A 332 ? ? -47.16  -9.45   
# 
loop_
_pdbx_unobs_or_zero_occ_residues.id 
_pdbx_unobs_or_zero_occ_residues.PDB_model_num 
_pdbx_unobs_or_zero_occ_residues.polymer_flag 
_pdbx_unobs_or_zero_occ_residues.occupancy_flag 
_pdbx_unobs_or_zero_occ_residues.auth_asym_id 
_pdbx_unobs_or_zero_occ_residues.auth_comp_id 
_pdbx_unobs_or_zero_occ_residues.auth_seq_id 
_pdbx_unobs_or_zero_occ_residues.PDB_ins_code 
_pdbx_unobs_or_zero_occ_residues.label_asym_id 
_pdbx_unobs_or_zero_occ_residues.label_comp_id 
_pdbx_unobs_or_zero_occ_residues.label_seq_id 
1  1 Y 1 A GLY 221 ? B GLY 1   
2  1 Y 1 A SER 222 ? B SER 2   
3  1 Y 1 A HIS 223 ? B HIS 3   
4  1 Y 1 A LEU 296 ? B LEU 76  
5  1 Y 1 A GLU 297 ? B GLU 77  
6  1 Y 1 A SER 298 ? B SER 78  
7  1 Y 1 A GLY 299 ? B GLY 79  
8  1 Y 1 A GLN 300 ? B GLN 80  
9  1 Y 1 A THR 301 ? B THR 81  
10 1 Y 1 A CYS 350 ? B CYS 130 
11 1 Y 1 A ILE 351 ? B ILE 131 
12 1 Y 1 A LYS 352 ? B LYS 132 
13 1 Y 1 A LYS 353 ? B LYS 133 
14 1 Y 1 A LEU 354 ? B LEU 134 
15 1 Y 1 A THR 355 ? B THR 135 
16 1 Y 1 A ASP 356 ? B ASP 136 
17 1 Y 1 A ASN 357 ? B ASN 137 
18 1 Y 1 A GLN 358 ? B GLN 138 
19 1 Y 1 A THR 359 ? B THR 139 
20 1 Y 1 A SER 360 ? B SER 140 
21 1 Y 1 A THR 361 ? B THR 141 
22 1 Y 1 A MET 362 ? B MET 142 
23 1 Y 1 A ILE 363 ? B ILE 143 
24 1 Y 1 A LYS 364 ? B LYS 144 
25 1 Y 1 A ALA 365 ? B ALA 145 
26 1 Y 1 A THR 366 ? B THR 146 
27 1 Y 1 A ALA 367 ? B ALA 147 
28 1 Y 1 A ARG 368 ? B ARG 148 
29 1 Y 1 A SER 369 ? B SER 149 
# 
loop_
_chem_comp_atom.comp_id 
_chem_comp_atom.atom_id 
_chem_comp_atom.type_symbol 
_chem_comp_atom.pdbx_aromatic_flag 
_chem_comp_atom.pdbx_stereo_config 
_chem_comp_atom.pdbx_ordinal 
A   OP3    O N N 1   
A   P      P N N 2   
A   OP1    O N N 3   
A   OP2    O N N 4   
A   "O5'"  O N N 5   
A   "C5'"  C N N 6   
A   "C4'"  C N R 7   
A   "O4'"  O N N 8   
A   "C3'"  C N S 9   
A   "O3'"  O N N 10  
A   "C2'"  C N R 11  
A   "O2'"  O N N 12  
A   "C1'"  C N R 13  
A   N9     N Y N 14  
A   C8     C Y N 15  
A   N7     N Y N 16  
A   C5     C Y N 17  
A   C6     C Y N 18  
A   N6     N N N 19  
A   N1     N Y N 20  
A   C2     C Y N 21  
A   N3     N Y N 22  
A   C4     C Y N 23  
A   HOP3   H N N 24  
A   HOP2   H N N 25  
A   "H5'"  H N N 26  
A   "H5''" H N N 27  
A   "H4'"  H N N 28  
A   "H3'"  H N N 29  
A   "HO3'" H N N 30  
A   "H2'"  H N N 31  
A   "HO2'" H N N 32  
A   "H1'"  H N N 33  
A   H8     H N N 34  
A   H61    H N N 35  
A   H62    H N N 36  
A   H2     H N N 37  
ALA N      N N N 38  
ALA CA     C N S 39  
ALA C      C N N 40  
ALA O      O N N 41  
ALA CB     C N N 42  
ALA OXT    O N N 43  
ALA H      H N N 44  
ALA H2     H N N 45  
ALA HA     H N N 46  
ALA HB1    H N N 47  
ALA HB2    H N N 48  
ALA HB3    H N N 49  
ALA HXT    H N N 50  
ARG N      N N N 51  
ARG CA     C N S 52  
ARG C      C N N 53  
ARG O      O N N 54  
ARG CB     C N N 55  
ARG CG     C N N 56  
ARG CD     C N N 57  
ARG NE     N N N 58  
ARG CZ     C N N 59  
ARG NH1    N N N 60  
ARG NH2    N N N 61  
ARG OXT    O N N 62  
ARG H      H N N 63  
ARG H2     H N N 64  
ARG HA     H N N 65  
ARG HB2    H N N 66  
ARG HB3    H N N 67  
ARG HG2    H N N 68  
ARG HG3    H N N 69  
ARG HD2    H N N 70  
ARG HD3    H N N 71  
ARG HE     H N N 72  
ARG HH11   H N N 73  
ARG HH12   H N N 74  
ARG HH21   H N N 75  
ARG HH22   H N N 76  
ARG HXT    H N N 77  
ASN N      N N N 78  
ASN CA     C N S 79  
ASN C      C N N 80  
ASN O      O N N 81  
ASN CB     C N N 82  
ASN CG     C N N 83  
ASN OD1    O N N 84  
ASN ND2    N N N 85  
ASN OXT    O N N 86  
ASN H      H N N 87  
ASN H2     H N N 88  
ASN HA     H N N 89  
ASN HB2    H N N 90  
ASN HB3    H N N 91  
ASN HD21   H N N 92  
ASN HD22   H N N 93  
ASN HXT    H N N 94  
ASP N      N N N 95  
ASP CA     C N S 96  
ASP C      C N N 97  
ASP O      O N N 98  
ASP CB     C N N 99  
ASP CG     C N N 100 
ASP OD1    O N N 101 
ASP OD2    O N N 102 
ASP OXT    O N N 103 
ASP H      H N N 104 
ASP H2     H N N 105 
ASP HA     H N N 106 
ASP HB2    H N N 107 
ASP HB3    H N N 108 
ASP HD2    H N N 109 
ASP HXT    H N N 110 
C   OP3    O N N 111 
C   P      P N N 112 
C   OP1    O N N 113 
C   OP2    O N N 114 
C   "O5'"  O N N 115 
C   "C5'"  C N N 116 
C   "C4'"  C N R 117 
C   "O4'"  O N N 118 
C   "C3'"  C N S 119 
C   "O3'"  O N N 120 
C   "C2'"  C N R 121 
C   "O2'"  O N N 122 
C   "C1'"  C N R 123 
C   N1     N N N 124 
C   C2     C N N 125 
C   O2     O N N 126 
C   N3     N N N 127 
C   C4     C N N 128 
C   N4     N N N 129 
C   C5     C N N 130 
C   C6     C N N 131 
C   HOP3   H N N 132 
C   HOP2   H N N 133 
C   "H5'"  H N N 134 
C   "H5''" H N N 135 
C   "H4'"  H N N 136 
C   "H3'"  H N N 137 
C   "HO3'" H N N 138 
C   "H2'"  H N N 139 
C   "HO2'" H N N 140 
C   "H1'"  H N N 141 
C   H41    H N N 142 
C   H42    H N N 143 
C   H5     H N N 144 
C   H6     H N N 145 
CYS N      N N N 146 
CYS CA     C N R 147 
CYS C      C N N 148 
CYS O      O N N 149 
CYS CB     C N N 150 
CYS SG     S N N 151 
CYS OXT    O N N 152 
CYS H      H N N 153 
CYS H2     H N N 154 
CYS HA     H N N 155 
CYS HB2    H N N 156 
CYS HB3    H N N 157 
CYS HG     H N N 158 
CYS HXT    H N N 159 
DC  OP3    O N N 160 
DC  P      P N N 161 
DC  OP1    O N N 162 
DC  OP2    O N N 163 
DC  "O5'"  O N N 164 
DC  "C5'"  C N N 165 
DC  "C4'"  C N R 166 
DC  "O4'"  O N N 167 
DC  "C3'"  C N S 168 
DC  "O3'"  O N N 169 
DC  "C2'"  C N N 170 
DC  "C1'"  C N R 171 
DC  N1     N N N 172 
DC  C2     C N N 173 
DC  O2     O N N 174 
DC  N3     N N N 175 
DC  C4     C N N 176 
DC  N4     N N N 177 
DC  C5     C N N 178 
DC  C6     C N N 179 
DC  HOP3   H N N 180 
DC  HOP2   H N N 181 
DC  "H5'"  H N N 182 
DC  "H5''" H N N 183 
DC  "H4'"  H N N 184 
DC  "H3'"  H N N 185 
DC  "HO3'" H N N 186 
DC  "H2'"  H N N 187 
DC  "H2''" H N N 188 
DC  "H1'"  H N N 189 
DC  H41    H N N 190 
DC  H42    H N N 191 
DC  H5     H N N 192 
DC  H6     H N N 193 
DT  OP3    O N N 194 
DT  P      P N N 195 
DT  OP1    O N N 196 
DT  OP2    O N N 197 
DT  "O5'"  O N N 198 
DT  "C5'"  C N N 199 
DT  "C4'"  C N R 200 
DT  "O4'"  O N N 201 
DT  "C3'"  C N S 202 
DT  "O3'"  O N N 203 
DT  "C2'"  C N N 204 
DT  "C1'"  C N R 205 
DT  N1     N N N 206 
DT  C2     C N N 207 
DT  O2     O N N 208 
DT  N3     N N N 209 
DT  C4     C N N 210 
DT  O4     O N N 211 
DT  C5     C N N 212 
DT  C7     C N N 213 
DT  C6     C N N 214 
DT  HOP3   H N N 215 
DT  HOP2   H N N 216 
DT  "H5'"  H N N 217 
DT  "H5''" H N N 218 
DT  "H4'"  H N N 219 
DT  "H3'"  H N N 220 
DT  "HO3'" H N N 221 
DT  "H2'"  H N N 222 
DT  "H2''" H N N 223 
DT  "H1'"  H N N 224 
DT  H3     H N N 225 
DT  H71    H N N 226 
DT  H72    H N N 227 
DT  H73    H N N 228 
DT  H6     H N N 229 
G   OP3    O N N 230 
G   P      P N N 231 
G   OP1    O N N 232 
G   OP2    O N N 233 
G   "O5'"  O N N 234 
G   "C5'"  C N N 235 
G   "C4'"  C N R 236 
G   "O4'"  O N N 237 
G   "C3'"  C N S 238 
G   "O3'"  O N N 239 
G   "C2'"  C N R 240 
G   "O2'"  O N N 241 
G   "C1'"  C N R 242 
G   N9     N Y N 243 
G   C8     C Y N 244 
G   N7     N Y N 245 
G   C5     C Y N 246 
G   C6     C N N 247 
G   O6     O N N 248 
G   N1     N N N 249 
G   C2     C N N 250 
G   N2     N N N 251 
G   N3     N N N 252 
G   C4     C Y N 253 
G   HOP3   H N N 254 
G   HOP2   H N N 255 
G   "H5'"  H N N 256 
G   "H5''" H N N 257 
G   "H4'"  H N N 258 
G   "H3'"  H N N 259 
G   "HO3'" H N N 260 
G   "H2'"  H N N 261 
G   "HO2'" H N N 262 
G   "H1'"  H N N 263 
G   H8     H N N 264 
G   H1     H N N 265 
G   H21    H N N 266 
G   H22    H N N 267 
GLN N      N N N 268 
GLN CA     C N S 269 
GLN C      C N N 270 
GLN O      O N N 271 
GLN CB     C N N 272 
GLN CG     C N N 273 
GLN CD     C N N 274 
GLN OE1    O N N 275 
GLN NE2    N N N 276 
GLN OXT    O N N 277 
GLN H      H N N 278 
GLN H2     H N N 279 
GLN HA     H N N 280 
GLN HB2    H N N 281 
GLN HB3    H N N 282 
GLN HG2    H N N 283 
GLN HG3    H N N 284 
GLN HE21   H N N 285 
GLN HE22   H N N 286 
GLN HXT    H N N 287 
GLU N      N N N 288 
GLU CA     C N S 289 
GLU C      C N N 290 
GLU O      O N N 291 
GLU CB     C N N 292 
GLU CG     C N N 293 
GLU CD     C N N 294 
GLU OE1    O N N 295 
GLU OE2    O N N 296 
GLU OXT    O N N 297 
GLU H      H N N 298 
GLU H2     H N N 299 
GLU HA     H N N 300 
GLU HB2    H N N 301 
GLU HB3    H N N 302 
GLU HG2    H N N 303 
GLU HG3    H N N 304 
GLU HE2    H N N 305 
GLU HXT    H N N 306 
GLY N      N N N 307 
GLY CA     C N N 308 
GLY C      C N N 309 
GLY O      O N N 310 
GLY OXT    O N N 311 
GLY H      H N N 312 
GLY H2     H N N 313 
GLY HA2    H N N 314 
GLY HA3    H N N 315 
GLY HXT    H N N 316 
HIS N      N N N 317 
HIS CA     C N S 318 
HIS C      C N N 319 
HIS O      O N N 320 
HIS CB     C N N 321 
HIS CG     C Y N 322 
HIS ND1    N Y N 323 
HIS CD2    C Y N 324 
HIS CE1    C Y N 325 
HIS NE2    N Y N 326 
HIS OXT    O N N 327 
HIS H      H N N 328 
HIS H2     H N N 329 
HIS HA     H N N 330 
HIS HB2    H N N 331 
HIS HB3    H N N 332 
HIS HD1    H N N 333 
HIS HD2    H N N 334 
HIS HE1    H N N 335 
HIS HE2    H N N 336 
HIS HXT    H N N 337 
HOH O      O N N 338 
HOH H1     H N N 339 
HOH H2     H N N 340 
ILE N      N N N 341 
ILE CA     C N S 342 
ILE C      C N N 343 
ILE O      O N N 344 
ILE CB     C N S 345 
ILE CG1    C N N 346 
ILE CG2    C N N 347 
ILE CD1    C N N 348 
ILE OXT    O N N 349 
ILE H      H N N 350 
ILE H2     H N N 351 
ILE HA     H N N 352 
ILE HB     H N N 353 
ILE HG12   H N N 354 
ILE HG13   H N N 355 
ILE HG21   H N N 356 
ILE HG22   H N N 357 
ILE HG23   H N N 358 
ILE HD11   H N N 359 
ILE HD12   H N N 360 
ILE HD13   H N N 361 
ILE HXT    H N N 362 
LEU N      N N N 363 
LEU CA     C N S 364 
LEU C      C N N 365 
LEU O      O N N 366 
LEU CB     C N N 367 
LEU CG     C N N 368 
LEU CD1    C N N 369 
LEU CD2    C N N 370 
LEU OXT    O N N 371 
LEU H      H N N 372 
LEU H2     H N N 373 
LEU HA     H N N 374 
LEU HB2    H N N 375 
LEU HB3    H N N 376 
LEU HG     H N N 377 
LEU HD11   H N N 378 
LEU HD12   H N N 379 
LEU HD13   H N N 380 
LEU HD21   H N N 381 
LEU HD22   H N N 382 
LEU HD23   H N N 383 
LEU HXT    H N N 384 
LYS N      N N N 385 
LYS CA     C N S 386 
LYS C      C N N 387 
LYS O      O N N 388 
LYS CB     C N N 389 
LYS CG     C N N 390 
LYS CD     C N N 391 
LYS CE     C N N 392 
LYS NZ     N N N 393 
LYS OXT    O N N 394 
LYS H      H N N 395 
LYS H2     H N N 396 
LYS HA     H N N 397 
LYS HB2    H N N 398 
LYS HB3    H N N 399 
LYS HG2    H N N 400 
LYS HG3    H N N 401 
LYS HD2    H N N 402 
LYS HD3    H N N 403 
LYS HE2    H N N 404 
LYS HE3    H N N 405 
LYS HZ1    H N N 406 
LYS HZ2    H N N 407 
LYS HZ3    H N N 408 
LYS HXT    H N N 409 
MET N      N N N 410 
MET CA     C N S 411 
MET C      C N N 412 
MET O      O N N 413 
MET CB     C N N 414 
MET CG     C N N 415 
MET SD     S N N 416 
MET CE     C N N 417 
MET OXT    O N N 418 
MET H      H N N 419 
MET H2     H N N 420 
MET HA     H N N 421 
MET HB2    H N N 422 
MET HB3    H N N 423 
MET HG2    H N N 424 
MET HG3    H N N 425 
MET HE1    H N N 426 
MET HE2    H N N 427 
MET HE3    H N N 428 
MET HXT    H N N 429 
PHE N      N N N 430 
PHE CA     C N S 431 
PHE C      C N N 432 
PHE O      O N N 433 
PHE CB     C N N 434 
PHE CG     C Y N 435 
PHE CD1    C Y N 436 
PHE CD2    C Y N 437 
PHE CE1    C Y N 438 
PHE CE2    C Y N 439 
PHE CZ     C Y N 440 
PHE OXT    O N N 441 
PHE H      H N N 442 
PHE H2     H N N 443 
PHE HA     H N N 444 
PHE HB2    H N N 445 
PHE HB3    H N N 446 
PHE HD1    H N N 447 
PHE HD2    H N N 448 
PHE HE1    H N N 449 
PHE HE2    H N N 450 
PHE HZ     H N N 451 
PHE HXT    H N N 452 
PRO N      N N N 453 
PRO CA     C N S 454 
PRO C      C N N 455 
PRO O      O N N 456 
PRO CB     C N N 457 
PRO CG     C N N 458 
PRO CD     C N N 459 
PRO OXT    O N N 460 
PRO H      H N N 461 
PRO HA     H N N 462 
PRO HB2    H N N 463 
PRO HB3    H N N 464 
PRO HG2    H N N 465 
PRO HG3    H N N 466 
PRO HD2    H N N 467 
PRO HD3    H N N 468 
PRO HXT    H N N 469 
SER N      N N N 470 
SER CA     C N S 471 
SER C      C N N 472 
SER O      O N N 473 
SER CB     C N N 474 
SER OG     O N N 475 
SER OXT    O N N 476 
SER H      H N N 477 
SER H2     H N N 478 
SER HA     H N N 479 
SER HB2    H N N 480 
SER HB3    H N N 481 
SER HG     H N N 482 
SER HXT    H N N 483 
THR N      N N N 484 
THR CA     C N S 485 
THR C      C N N 486 
THR O      O N N 487 
THR CB     C N R 488 
THR OG1    O N N 489 
THR CG2    C N N 490 
THR OXT    O N N 491 
THR H      H N N 492 
THR H2     H N N 493 
THR HA     H N N 494 
THR HB     H N N 495 
THR HG1    H N N 496 
THR HG21   H N N 497 
THR HG22   H N N 498 
THR HG23   H N N 499 
THR HXT    H N N 500 
TYR N      N N N 501 
TYR CA     C N S 502 
TYR C      C N N 503 
TYR O      O N N 504 
TYR CB     C N N 505 
TYR CG     C Y N 506 
TYR CD1    C Y N 507 
TYR CD2    C Y N 508 
TYR CE1    C Y N 509 
TYR CE2    C Y N 510 
TYR CZ     C Y N 511 
TYR OH     O N N 512 
TYR OXT    O N N 513 
TYR H      H N N 514 
TYR H2     H N N 515 
TYR HA     H N N 516 
TYR HB2    H N N 517 
TYR HB3    H N N 518 
TYR HD1    H N N 519 
TYR HD2    H N N 520 
TYR HE1    H N N 521 
TYR HE2    H N N 522 
TYR HH     H N N 523 
TYR HXT    H N N 524 
U   OP3    O N N 525 
U   P      P N N 526 
U   OP1    O N N 527 
U   OP2    O N N 528 
U   "O5'"  O N N 529 
U   "C5'"  C N N 530 
U   "C4'"  C N R 531 
U   "O4'"  O N N 532 
U   "C3'"  C N S 533 
U   "O3'"  O N N 534 
U   "C2'"  C N R 535 
U   "O2'"  O N N 536 
U   "C1'"  C N R 537 
U   N1     N N N 538 
U   C2     C N N 539 
U   O2     O N N 540 
U   N3     N N N 541 
U   C4     C N N 542 
U   O4     O N N 543 
U   C5     C N N 544 
U   C6     C N N 545 
U   HOP3   H N N 546 
U   HOP2   H N N 547 
U   "H5'"  H N N 548 
U   "H5''" H N N 549 
U   "H4'"  H N N 550 
U   "H3'"  H N N 551 
U   "HO3'" H N N 552 
U   "H2'"  H N N 553 
U   "HO2'" H N N 554 
U   "H1'"  H N N 555 
U   H3     H N N 556 
U   H5     H N N 557 
U   H6     H N N 558 
VAL N      N N N 559 
VAL CA     C N S 560 
VAL C      C N N 561 
VAL O      O N N 562 
VAL CB     C N N 563 
VAL CG1    C N N 564 
VAL CG2    C N N 565 
VAL OXT    O N N 566 
VAL H      H N N 567 
VAL H2     H N N 568 
VAL HA     H N N 569 
VAL HB     H N N 570 
VAL HG11   H N N 571 
VAL HG12   H N N 572 
VAL HG13   H N N 573 
VAL HG21   H N N 574 
VAL HG22   H N N 575 
VAL HG23   H N N 576 
VAL HXT    H N N 577 
# 
loop_
_chem_comp_bond.comp_id 
_chem_comp_bond.atom_id_1 
_chem_comp_bond.atom_id_2 
_chem_comp_bond.value_order 
_chem_comp_bond.pdbx_aromatic_flag 
_chem_comp_bond.pdbx_stereo_config 
_chem_comp_bond.pdbx_ordinal 
A   OP3   P      sing N N 1   
A   OP3   HOP3   sing N N 2   
A   P     OP1    doub N N 3   
A   P     OP2    sing N N 4   
A   P     "O5'"  sing N N 5   
A   OP2   HOP2   sing N N 6   
A   "O5'" "C5'"  sing N N 7   
A   "C5'" "C4'"  sing N N 8   
A   "C5'" "H5'"  sing N N 9   
A   "C5'" "H5''" sing N N 10  
A   "C4'" "O4'"  sing N N 11  
A   "C4'" "C3'"  sing N N 12  
A   "C4'" "H4'"  sing N N 13  
A   "O4'" "C1'"  sing N N 14  
A   "C3'" "O3'"  sing N N 15  
A   "C3'" "C2'"  sing N N 16  
A   "C3'" "H3'"  sing N N 17  
A   "O3'" "HO3'" sing N N 18  
A   "C2'" "O2'"  sing N N 19  
A   "C2'" "C1'"  sing N N 20  
A   "C2'" "H2'"  sing N N 21  
A   "O2'" "HO2'" sing N N 22  
A   "C1'" N9     sing N N 23  
A   "C1'" "H1'"  sing N N 24  
A   N9    C8     sing Y N 25  
A   N9    C4     sing Y N 26  
A   C8    N7     doub Y N 27  
A   C8    H8     sing N N 28  
A   N7    C5     sing Y N 29  
A   C5    C6     sing Y N 30  
A   C5    C4     doub Y N 31  
A   C6    N6     sing N N 32  
A   C6    N1     doub Y N 33  
A   N6    H61    sing N N 34  
A   N6    H62    sing N N 35  
A   N1    C2     sing Y N 36  
A   C2    N3     doub Y N 37  
A   C2    H2     sing N N 38  
A   N3    C4     sing Y N 39  
ALA N     CA     sing N N 40  
ALA N     H      sing N N 41  
ALA N     H2     sing N N 42  
ALA CA    C      sing N N 43  
ALA CA    CB     sing N N 44  
ALA CA    HA     sing N N 45  
ALA C     O      doub N N 46  
ALA C     OXT    sing N N 47  
ALA CB    HB1    sing N N 48  
ALA CB    HB2    sing N N 49  
ALA CB    HB3    sing N N 50  
ALA OXT   HXT    sing N N 51  
ARG N     CA     sing N N 52  
ARG N     H      sing N N 53  
ARG N     H2     sing N N 54  
ARG CA    C      sing N N 55  
ARG CA    CB     sing N N 56  
ARG CA    HA     sing N N 57  
ARG C     O      doub N N 58  
ARG C     OXT    sing N N 59  
ARG CB    CG     sing N N 60  
ARG CB    HB2    sing N N 61  
ARG CB    HB3    sing N N 62  
ARG CG    CD     sing N N 63  
ARG CG    HG2    sing N N 64  
ARG CG    HG3    sing N N 65  
ARG CD    NE     sing N N 66  
ARG CD    HD2    sing N N 67  
ARG CD    HD3    sing N N 68  
ARG NE    CZ     sing N N 69  
ARG NE    HE     sing N N 70  
ARG CZ    NH1    sing N N 71  
ARG CZ    NH2    doub N N 72  
ARG NH1   HH11   sing N N 73  
ARG NH1   HH12   sing N N 74  
ARG NH2   HH21   sing N N 75  
ARG NH2   HH22   sing N N 76  
ARG OXT   HXT    sing N N 77  
ASN N     CA     sing N N 78  
ASN N     H      sing N N 79  
ASN N     H2     sing N N 80  
ASN CA    C      sing N N 81  
ASN CA    CB     sing N N 82  
ASN CA    HA     sing N N 83  
ASN C     O      doub N N 84  
ASN C     OXT    sing N N 85  
ASN CB    CG     sing N N 86  
ASN CB    HB2    sing N N 87  
ASN CB    HB3    sing N N 88  
ASN CG    OD1    doub N N 89  
ASN CG    ND2    sing N N 90  
ASN ND2   HD21   sing N N 91  
ASN ND2   HD22   sing N N 92  
ASN OXT   HXT    sing N N 93  
ASP N     CA     sing N N 94  
ASP N     H      sing N N 95  
ASP N     H2     sing N N 96  
ASP CA    C      sing N N 97  
ASP CA    CB     sing N N 98  
ASP CA    HA     sing N N 99  
ASP C     O      doub N N 100 
ASP C     OXT    sing N N 101 
ASP CB    CG     sing N N 102 
ASP CB    HB2    sing N N 103 
ASP CB    HB3    sing N N 104 
ASP CG    OD1    doub N N 105 
ASP CG    OD2    sing N N 106 
ASP OD2   HD2    sing N N 107 
ASP OXT   HXT    sing N N 108 
C   OP3   P      sing N N 109 
C   OP3   HOP3   sing N N 110 
C   P     OP1    doub N N 111 
C   P     OP2    sing N N 112 
C   P     "O5'"  sing N N 113 
C   OP2   HOP2   sing N N 114 
C   "O5'" "C5'"  sing N N 115 
C   "C5'" "C4'"  sing N N 116 
C   "C5'" "H5'"  sing N N 117 
C   "C5'" "H5''" sing N N 118 
C   "C4'" "O4'"  sing N N 119 
C   "C4'" "C3'"  sing N N 120 
C   "C4'" "H4'"  sing N N 121 
C   "O4'" "C1'"  sing N N 122 
C   "C3'" "O3'"  sing N N 123 
C   "C3'" "C2'"  sing N N 124 
C   "C3'" "H3'"  sing N N 125 
C   "O3'" "HO3'" sing N N 126 
C   "C2'" "O2'"  sing N N 127 
C   "C2'" "C1'"  sing N N 128 
C   "C2'" "H2'"  sing N N 129 
C   "O2'" "HO2'" sing N N 130 
C   "C1'" N1     sing N N 131 
C   "C1'" "H1'"  sing N N 132 
C   N1    C2     sing N N 133 
C   N1    C6     sing N N 134 
C   C2    O2     doub N N 135 
C   C2    N3     sing N N 136 
C   N3    C4     doub N N 137 
C   C4    N4     sing N N 138 
C   C4    C5     sing N N 139 
C   N4    H41    sing N N 140 
C   N4    H42    sing N N 141 
C   C5    C6     doub N N 142 
C   C5    H5     sing N N 143 
C   C6    H6     sing N N 144 
CYS N     CA     sing N N 145 
CYS N     H      sing N N 146 
CYS N     H2     sing N N 147 
CYS CA    C      sing N N 148 
CYS CA    CB     sing N N 149 
CYS CA    HA     sing N N 150 
CYS C     O      doub N N 151 
CYS C     OXT    sing N N 152 
CYS CB    SG     sing N N 153 
CYS CB    HB2    sing N N 154 
CYS CB    HB3    sing N N 155 
CYS SG    HG     sing N N 156 
CYS OXT   HXT    sing N N 157 
DC  OP3   P      sing N N 158 
DC  OP3   HOP3   sing N N 159 
DC  P     OP1    doub N N 160 
DC  P     OP2    sing N N 161 
DC  P     "O5'"  sing N N 162 
DC  OP2   HOP2   sing N N 163 
DC  "O5'" "C5'"  sing N N 164 
DC  "C5'" "C4'"  sing N N 165 
DC  "C5'" "H5'"  sing N N 166 
DC  "C5'" "H5''" sing N N 167 
DC  "C4'" "O4'"  sing N N 168 
DC  "C4'" "C3'"  sing N N 169 
DC  "C4'" "H4'"  sing N N 170 
DC  "O4'" "C1'"  sing N N 171 
DC  "C3'" "O3'"  sing N N 172 
DC  "C3'" "C2'"  sing N N 173 
DC  "C3'" "H3'"  sing N N 174 
DC  "O3'" "HO3'" sing N N 175 
DC  "C2'" "C1'"  sing N N 176 
DC  "C2'" "H2'"  sing N N 177 
DC  "C2'" "H2''" sing N N 178 
DC  "C1'" N1     sing N N 179 
DC  "C1'" "H1'"  sing N N 180 
DC  N1    C2     sing N N 181 
DC  N1    C6     sing N N 182 
DC  C2    O2     doub N N 183 
DC  C2    N3     sing N N 184 
DC  N3    C4     doub N N 185 
DC  C4    N4     sing N N 186 
DC  C4    C5     sing N N 187 
DC  N4    H41    sing N N 188 
DC  N4    H42    sing N N 189 
DC  C5    C6     doub N N 190 
DC  C5    H5     sing N N 191 
DC  C6    H6     sing N N 192 
DT  OP3   P      sing N N 193 
DT  OP3   HOP3   sing N N 194 
DT  P     OP1    doub N N 195 
DT  P     OP2    sing N N 196 
DT  P     "O5'"  sing N N 197 
DT  OP2   HOP2   sing N N 198 
DT  "O5'" "C5'"  sing N N 199 
DT  "C5'" "C4'"  sing N N 200 
DT  "C5'" "H5'"  sing N N 201 
DT  "C5'" "H5''" sing N N 202 
DT  "C4'" "O4'"  sing N N 203 
DT  "C4'" "C3'"  sing N N 204 
DT  "C4'" "H4'"  sing N N 205 
DT  "O4'" "C1'"  sing N N 206 
DT  "C3'" "O3'"  sing N N 207 
DT  "C3'" "C2'"  sing N N 208 
DT  "C3'" "H3'"  sing N N 209 
DT  "O3'" "HO3'" sing N N 210 
DT  "C2'" "C1'"  sing N N 211 
DT  "C2'" "H2'"  sing N N 212 
DT  "C2'" "H2''" sing N N 213 
DT  "C1'" N1     sing N N 214 
DT  "C1'" "H1'"  sing N N 215 
DT  N1    C2     sing N N 216 
DT  N1    C6     sing N N 217 
DT  C2    O2     doub N N 218 
DT  C2    N3     sing N N 219 
DT  N3    C4     sing N N 220 
DT  N3    H3     sing N N 221 
DT  C4    O4     doub N N 222 
DT  C4    C5     sing N N 223 
DT  C5    C7     sing N N 224 
DT  C5    C6     doub N N 225 
DT  C7    H71    sing N N 226 
DT  C7    H72    sing N N 227 
DT  C7    H73    sing N N 228 
DT  C6    H6     sing N N 229 
G   OP3   P      sing N N 230 
G   OP3   HOP3   sing N N 231 
G   P     OP1    doub N N 232 
G   P     OP2    sing N N 233 
G   P     "O5'"  sing N N 234 
G   OP2   HOP2   sing N N 235 
G   "O5'" "C5'"  sing N N 236 
G   "C5'" "C4'"  sing N N 237 
G   "C5'" "H5'"  sing N N 238 
G   "C5'" "H5''" sing N N 239 
G   "C4'" "O4'"  sing N N 240 
G   "C4'" "C3'"  sing N N 241 
G   "C4'" "H4'"  sing N N 242 
G   "O4'" "C1'"  sing N N 243 
G   "C3'" "O3'"  sing N N 244 
G   "C3'" "C2'"  sing N N 245 
G   "C3'" "H3'"  sing N N 246 
G   "O3'" "HO3'" sing N N 247 
G   "C2'" "O2'"  sing N N 248 
G   "C2'" "C1'"  sing N N 249 
G   "C2'" "H2'"  sing N N 250 
G   "O2'" "HO2'" sing N N 251 
G   "C1'" N9     sing N N 252 
G   "C1'" "H1'"  sing N N 253 
G   N9    C8     sing Y N 254 
G   N9    C4     sing Y N 255 
G   C8    N7     doub Y N 256 
G   C8    H8     sing N N 257 
G   N7    C5     sing Y N 258 
G   C5    C6     sing N N 259 
G   C5    C4     doub Y N 260 
G   C6    O6     doub N N 261 
G   C6    N1     sing N N 262 
G   N1    C2     sing N N 263 
G   N1    H1     sing N N 264 
G   C2    N2     sing N N 265 
G   C2    N3     doub N N 266 
G   N2    H21    sing N N 267 
G   N2    H22    sing N N 268 
G   N3    C4     sing N N 269 
GLN N     CA     sing N N 270 
GLN N     H      sing N N 271 
GLN N     H2     sing N N 272 
GLN CA    C      sing N N 273 
GLN CA    CB     sing N N 274 
GLN CA    HA     sing N N 275 
GLN C     O      doub N N 276 
GLN C     OXT    sing N N 277 
GLN CB    CG     sing N N 278 
GLN CB    HB2    sing N N 279 
GLN CB    HB3    sing N N 280 
GLN CG    CD     sing N N 281 
GLN CG    HG2    sing N N 282 
GLN CG    HG3    sing N N 283 
GLN CD    OE1    doub N N 284 
GLN CD    NE2    sing N N 285 
GLN NE2   HE21   sing N N 286 
GLN NE2   HE22   sing N N 287 
GLN OXT   HXT    sing N N 288 
GLU N     CA     sing N N 289 
GLU N     H      sing N N 290 
GLU N     H2     sing N N 291 
GLU CA    C      sing N N 292 
GLU CA    CB     sing N N 293 
GLU CA    HA     sing N N 294 
GLU C     O      doub N N 295 
GLU C     OXT    sing N N 296 
GLU CB    CG     sing N N 297 
GLU CB    HB2    sing N N 298 
GLU CB    HB3    sing N N 299 
GLU CG    CD     sing N N 300 
GLU CG    HG2    sing N N 301 
GLU CG    HG3    sing N N 302 
GLU CD    OE1    doub N N 303 
GLU CD    OE2    sing N N 304 
GLU OE2   HE2    sing N N 305 
GLU OXT   HXT    sing N N 306 
GLY N     CA     sing N N 307 
GLY N     H      sing N N 308 
GLY N     H2     sing N N 309 
GLY CA    C      sing N N 310 
GLY CA    HA2    sing N N 311 
GLY CA    HA3    sing N N 312 
GLY C     O      doub N N 313 
GLY C     OXT    sing N N 314 
GLY OXT   HXT    sing N N 315 
HIS N     CA     sing N N 316 
HIS N     H      sing N N 317 
HIS N     H2     sing N N 318 
HIS CA    C      sing N N 319 
HIS CA    CB     sing N N 320 
HIS CA    HA     sing N N 321 
HIS C     O      doub N N 322 
HIS C     OXT    sing N N 323 
HIS CB    CG     sing N N 324 
HIS CB    HB2    sing N N 325 
HIS CB    HB3    sing N N 326 
HIS CG    ND1    sing Y N 327 
HIS CG    CD2    doub Y N 328 
HIS ND1   CE1    doub Y N 329 
HIS ND1   HD1    sing N N 330 
HIS CD2   NE2    sing Y N 331 
HIS CD2   HD2    sing N N 332 
HIS CE1   NE2    sing Y N 333 
HIS CE1   HE1    sing N N 334 
HIS NE2   HE2    sing N N 335 
HIS OXT   HXT    sing N N 336 
HOH O     H1     sing N N 337 
HOH O     H2     sing N N 338 
ILE N     CA     sing N N 339 
ILE N     H      sing N N 340 
ILE N     H2     sing N N 341 
ILE CA    C      sing N N 342 
ILE CA    CB     sing N N 343 
ILE CA    HA     sing N N 344 
ILE C     O      doub N N 345 
ILE C     OXT    sing N N 346 
ILE CB    CG1    sing N N 347 
ILE CB    CG2    sing N N 348 
ILE CB    HB     sing N N 349 
ILE CG1   CD1    sing N N 350 
ILE CG1   HG12   sing N N 351 
ILE CG1   HG13   sing N N 352 
ILE CG2   HG21   sing N N 353 
ILE CG2   HG22   sing N N 354 
ILE CG2   HG23   sing N N 355 
ILE CD1   HD11   sing N N 356 
ILE CD1   HD12   sing N N 357 
ILE CD1   HD13   sing N N 358 
ILE OXT   HXT    sing N N 359 
LEU N     CA     sing N N 360 
LEU N     H      sing N N 361 
LEU N     H2     sing N N 362 
LEU CA    C      sing N N 363 
LEU CA    CB     sing N N 364 
LEU CA    HA     sing N N 365 
LEU C     O      doub N N 366 
LEU C     OXT    sing N N 367 
LEU CB    CG     sing N N 368 
LEU CB    HB2    sing N N 369 
LEU CB    HB3    sing N N 370 
LEU CG    CD1    sing N N 371 
LEU CG    CD2    sing N N 372 
LEU CG    HG     sing N N 373 
LEU CD1   HD11   sing N N 374 
LEU CD1   HD12   sing N N 375 
LEU CD1   HD13   sing N N 376 
LEU CD2   HD21   sing N N 377 
LEU CD2   HD22   sing N N 378 
LEU CD2   HD23   sing N N 379 
LEU OXT   HXT    sing N N 380 
LYS N     CA     sing N N 381 
LYS N     H      sing N N 382 
LYS N     H2     sing N N 383 
LYS CA    C      sing N N 384 
LYS CA    CB     sing N N 385 
LYS CA    HA     sing N N 386 
LYS C     O      doub N N 387 
LYS C     OXT    sing N N 388 
LYS CB    CG     sing N N 389 
LYS CB    HB2    sing N N 390 
LYS CB    HB3    sing N N 391 
LYS CG    CD     sing N N 392 
LYS CG    HG2    sing N N 393 
LYS CG    HG3    sing N N 394 
LYS CD    CE     sing N N 395 
LYS CD    HD2    sing N N 396 
LYS CD    HD3    sing N N 397 
LYS CE    NZ     sing N N 398 
LYS CE    HE2    sing N N 399 
LYS CE    HE3    sing N N 400 
LYS NZ    HZ1    sing N N 401 
LYS NZ    HZ2    sing N N 402 
LYS NZ    HZ3    sing N N 403 
LYS OXT   HXT    sing N N 404 
MET N     CA     sing N N 405 
MET N     H      sing N N 406 
MET N     H2     sing N N 407 
MET CA    C      sing N N 408 
MET CA    CB     sing N N 409 
MET CA    HA     sing N N 410 
MET C     O      doub N N 411 
MET C     OXT    sing N N 412 
MET CB    CG     sing N N 413 
MET CB    HB2    sing N N 414 
MET CB    HB3    sing N N 415 
MET CG    SD     sing N N 416 
MET CG    HG2    sing N N 417 
MET CG    HG3    sing N N 418 
MET SD    CE     sing N N 419 
MET CE    HE1    sing N N 420 
MET CE    HE2    sing N N 421 
MET CE    HE3    sing N N 422 
MET OXT   HXT    sing N N 423 
PHE N     CA     sing N N 424 
PHE N     H      sing N N 425 
PHE N     H2     sing N N 426 
PHE CA    C      sing N N 427 
PHE CA    CB     sing N N 428 
PHE CA    HA     sing N N 429 
PHE C     O      doub N N 430 
PHE C     OXT    sing N N 431 
PHE CB    CG     sing N N 432 
PHE CB    HB2    sing N N 433 
PHE CB    HB3    sing N N 434 
PHE CG    CD1    doub Y N 435 
PHE CG    CD2    sing Y N 436 
PHE CD1   CE1    sing Y N 437 
PHE CD1   HD1    sing N N 438 
PHE CD2   CE2    doub Y N 439 
PHE CD2   HD2    sing N N 440 
PHE CE1   CZ     doub Y N 441 
PHE CE1   HE1    sing N N 442 
PHE CE2   CZ     sing Y N 443 
PHE CE2   HE2    sing N N 444 
PHE CZ    HZ     sing N N 445 
PHE OXT   HXT    sing N N 446 
PRO N     CA     sing N N 447 
PRO N     CD     sing N N 448 
PRO N     H      sing N N 449 
PRO CA    C      sing N N 450 
PRO CA    CB     sing N N 451 
PRO CA    HA     sing N N 452 
PRO C     O      doub N N 453 
PRO C     OXT    sing N N 454 
PRO CB    CG     sing N N 455 
PRO CB    HB2    sing N N 456 
PRO CB    HB3    sing N N 457 
PRO CG    CD     sing N N 458 
PRO CG    HG2    sing N N 459 
PRO CG    HG3    sing N N 460 
PRO CD    HD2    sing N N 461 
PRO CD    HD3    sing N N 462 
PRO OXT   HXT    sing N N 463 
SER N     CA     sing N N 464 
SER N     H      sing N N 465 
SER N     H2     sing N N 466 
SER CA    C      sing N N 467 
SER CA    CB     sing N N 468 
SER CA    HA     sing N N 469 
SER C     O      doub N N 470 
SER C     OXT    sing N N 471 
SER CB    OG     sing N N 472 
SER CB    HB2    sing N N 473 
SER CB    HB3    sing N N 474 
SER OG    HG     sing N N 475 
SER OXT   HXT    sing N N 476 
THR N     CA     sing N N 477 
THR N     H      sing N N 478 
THR N     H2     sing N N 479 
THR CA    C      sing N N 480 
THR CA    CB     sing N N 481 
THR CA    HA     sing N N 482 
THR C     O      doub N N 483 
THR C     OXT    sing N N 484 
THR CB    OG1    sing N N 485 
THR CB    CG2    sing N N 486 
THR CB    HB     sing N N 487 
THR OG1   HG1    sing N N 488 
THR CG2   HG21   sing N N 489 
THR CG2   HG22   sing N N 490 
THR CG2   HG23   sing N N 491 
THR OXT   HXT    sing N N 492 
TYR N     CA     sing N N 493 
TYR N     H      sing N N 494 
TYR N     H2     sing N N 495 
TYR CA    C      sing N N 496 
TYR CA    CB     sing N N 497 
TYR CA    HA     sing N N 498 
TYR C     O      doub N N 499 
TYR C     OXT    sing N N 500 
TYR CB    CG     sing N N 501 
TYR CB    HB2    sing N N 502 
TYR CB    HB3    sing N N 503 
TYR CG    CD1    doub Y N 504 
TYR CG    CD2    sing Y N 505 
TYR CD1   CE1    sing Y N 506 
TYR CD1   HD1    sing N N 507 
TYR CD2   CE2    doub Y N 508 
TYR CD2   HD2    sing N N 509 
TYR CE1   CZ     doub Y N 510 
TYR CE1   HE1    sing N N 511 
TYR CE2   CZ     sing Y N 512 
TYR CE2   HE2    sing N N 513 
TYR CZ    OH     sing N N 514 
TYR OH    HH     sing N N 515 
TYR OXT   HXT    sing N N 516 
U   OP3   P      sing N N 517 
U   OP3   HOP3   sing N N 518 
U   P     OP1    doub N N 519 
U   P     OP2    sing N N 520 
U   P     "O5'"  sing N N 521 
U   OP2   HOP2   sing N N 522 
U   "O5'" "C5'"  sing N N 523 
U   "C5'" "C4'"  sing N N 524 
U   "C5'" "H5'"  sing N N 525 
U   "C5'" "H5''" sing N N 526 
U   "C4'" "O4'"  sing N N 527 
U   "C4'" "C3'"  sing N N 528 
U   "C4'" "H4'"  sing N N 529 
U   "O4'" "C1'"  sing N N 530 
U   "C3'" "O3'"  sing N N 531 
U   "C3'" "C2'"  sing N N 532 
U   "C3'" "H3'"  sing N N 533 
U   "O3'" "HO3'" sing N N 534 
U   "C2'" "O2'"  sing N N 535 
U   "C2'" "C1'"  sing N N 536 
U   "C2'" "H2'"  sing N N 537 
U   "O2'" "HO2'" sing N N 538 
U   "C1'" N1     sing N N 539 
U   "C1'" "H1'"  sing N N 540 
U   N1    C2     sing N N 541 
U   N1    C6     sing N N 542 
U   C2    O2     doub N N 543 
U   C2    N3     sing N N 544 
U   N3    C4     sing N N 545 
U   N3    H3     sing N N 546 
U   C4    O4     doub N N 547 
U   C4    C5     sing N N 548 
U   C5    C6     doub N N 549 
U   C5    H5     sing N N 550 
U   C6    H6     sing N N 551 
VAL N     CA     sing N N 552 
VAL N     H      sing N N 553 
VAL N     H2     sing N N 554 
VAL CA    C      sing N N 555 
VAL CA    CB     sing N N 556 
VAL CA    HA     sing N N 557 
VAL C     O      doub N N 558 
VAL C     OXT    sing N N 559 
VAL CB    CG1    sing N N 560 
VAL CB    CG2    sing N N 561 
VAL CB    HB     sing N N 562 
VAL CG1   HG11   sing N N 563 
VAL CG1   HG12   sing N N 564 
VAL CG1   HG13   sing N N 565 
VAL CG2   HG21   sing N N 566 
VAL CG2   HG22   sing N N 567 
VAL CG2   HG23   sing N N 568 
VAL OXT   HXT    sing N N 569 
# 
loop_
_ndb_struct_conf_na.entry_id 
_ndb_struct_conf_na.feature 
1SI2 'double helix'         
1SI2 'mismatched base pair' 
# 
loop_
_ndb_struct_na_base_pair.model_number 
_ndb_struct_na_base_pair.i_label_asym_id 
_ndb_struct_na_base_pair.i_label_comp_id 
_ndb_struct_na_base_pair.i_label_seq_id 
_ndb_struct_na_base_pair.i_symmetry 
_ndb_struct_na_base_pair.j_label_asym_id 
_ndb_struct_na_base_pair.j_label_comp_id 
_ndb_struct_na_base_pair.j_label_seq_id 
_ndb_struct_na_base_pair.j_symmetry 
_ndb_struct_na_base_pair.shear 
_ndb_struct_na_base_pair.stretch 
_ndb_struct_na_base_pair.stagger 
_ndb_struct_na_base_pair.buckle 
_ndb_struct_na_base_pair.propeller 
_ndb_struct_na_base_pair.opening 
_ndb_struct_na_base_pair.pair_number 
_ndb_struct_na_base_pair.pair_name 
_ndb_struct_na_base_pair.i_auth_asym_id 
_ndb_struct_na_base_pair.i_auth_seq_id 
_ndb_struct_na_base_pair.i_PDB_ins_code 
_ndb_struct_na_base_pair.j_auth_asym_id 
_ndb_struct_na_base_pair.j_auth_seq_id 
_ndb_struct_na_base_pair.j_PDB_ins_code 
_ndb_struct_na_base_pair.hbond_type_28 
_ndb_struct_na_base_pair.hbond_type_12 
1 A C 1 1_555 A U 7 4_675 -0.175 -0.083 -0.843 -2.343  -11.695 -29.373 1 B_C401:U407_B B 401 ? B 407 ? ?  ? 
1 A G 2 1_555 A C 6 4_675 -0.318 -0.011 0.045  -11.012 -9.594  0.095   2 B_G402:C406_B B 402 ? B 406 ? 19 1 
1 A U 3 1_555 A A 5 4_675 0.065  0.260  0.422  11.639  -3.885  6.604   3 B_U403:A405_B B 403 ? B 405 ? ?  ? 
1 A A 5 1_555 A U 3 4_675 -0.065 0.260  0.422  -11.639 -3.885  6.604   4 B_A405:U403_B B 405 ? B 403 ? ?  ? 
1 A C 6 1_555 A G 2 4_675 0.318  -0.011 0.045  11.012  -9.594  0.095   5 B_C406:G402_B B 406 ? B 402 ? 19 1 
1 A U 7 1_555 A C 1 4_675 0.175  -0.083 -0.843 2.343   -11.695 -29.373 6 B_U407:C401_B B 407 ? B 401 ? ?  ? 
# 
loop_
_ndb_struct_na_base_pair_step.model_number 
_ndb_struct_na_base_pair_step.i_label_asym_id_1 
_ndb_struct_na_base_pair_step.i_label_comp_id_1 
_ndb_struct_na_base_pair_step.i_label_seq_id_1 
_ndb_struct_na_base_pair_step.i_symmetry_1 
_ndb_struct_na_base_pair_step.j_label_asym_id_1 
_ndb_struct_na_base_pair_step.j_label_comp_id_1 
_ndb_struct_na_base_pair_step.j_label_seq_id_1 
_ndb_struct_na_base_pair_step.j_symmetry_1 
_ndb_struct_na_base_pair_step.i_label_asym_id_2 
_ndb_struct_na_base_pair_step.i_label_comp_id_2 
_ndb_struct_na_base_pair_step.i_label_seq_id_2 
_ndb_struct_na_base_pair_step.i_symmetry_2 
_ndb_struct_na_base_pair_step.j_label_asym_id_2 
_ndb_struct_na_base_pair_step.j_label_comp_id_2 
_ndb_struct_na_base_pair_step.j_label_seq_id_2 
_ndb_struct_na_base_pair_step.j_symmetry_2 
_ndb_struct_na_base_pair_step.shift 
_ndb_struct_na_base_pair_step.slide 
_ndb_struct_na_base_pair_step.rise 
_ndb_struct_na_base_pair_step.tilt 
_ndb_struct_na_base_pair_step.roll 
_ndb_struct_na_base_pair_step.twist 
_ndb_struct_na_base_pair_step.x_displacement 
_ndb_struct_na_base_pair_step.y_displacement 
_ndb_struct_na_base_pair_step.helical_rise 
_ndb_struct_na_base_pair_step.inclination 
_ndb_struct_na_base_pair_step.tip 
_ndb_struct_na_base_pair_step.helical_twist 
_ndb_struct_na_base_pair_step.step_number 
_ndb_struct_na_base_pair_step.step_name 
_ndb_struct_na_base_pair_step.i_auth_asym_id_1 
_ndb_struct_na_base_pair_step.i_auth_seq_id_1 
_ndb_struct_na_base_pair_step.i_PDB_ins_code_1 
_ndb_struct_na_base_pair_step.j_auth_asym_id_1 
_ndb_struct_na_base_pair_step.j_auth_seq_id_1 
_ndb_struct_na_base_pair_step.j_PDB_ins_code_1 
_ndb_struct_na_base_pair_step.i_auth_asym_id_2 
_ndb_struct_na_base_pair_step.i_auth_seq_id_2 
_ndb_struct_na_base_pair_step.i_PDB_ins_code_2 
_ndb_struct_na_base_pair_step.j_auth_asym_id_2 
_ndb_struct_na_base_pair_step.j_auth_seq_id_2 
_ndb_struct_na_base_pair_step.j_PDB_ins_code_2 
1 A C 1 1_555 A U 7 4_675 A G 2 1_555 A C 6 4_675 1.434  -1.748 3.520 -6.754 15.100 28.674 -5.399 -3.562 1.998 27.764 12.418  
33.016 1 BB_C401G402:C406U407_BB B 401 ? B 407 ? B 402 ? B 406 ? 
1 A G 2 1_555 A C 6 4_675 A U 3 1_555 A A 5 4_675 0.475  -1.490 2.840 -5.045 -1.862 34.142 -2.259 -1.479 2.818 -3.146 8.527   
34.550 2 BB_G402U403:A405C406_BB B 402 ? B 406 ? B 403 ? B 405 ? 
1 A U 3 1_555 A A 5 4_675 A A 5 1_555 A U 3 4_675 0.000  -4.299 6.049 0.000  21.172 60.353 -5.617 0.000  4.473 20.395 0.000   
63.627 3 BB_U403A405:U403A405_BB B 403 ? B 405 ? B 405 ? B 403 ? 
1 A A 5 1_555 A U 3 4_675 A C 6 1_555 A G 2 4_675 -0.475 -1.490 2.840 5.045  -1.862 34.142 -2.259 1.479  2.818 -3.146 -8.527  
34.550 4 BB_A405C406:G402U403_BB B 405 ? B 403 ? B 406 ? B 402 ? 
1 A C 6 1_555 A G 2 4_675 A U 7 1_555 A C 1 4_675 -1.434 -1.748 3.520 6.754  15.100 28.674 -5.399 3.562  1.998 27.764 -12.418 
33.016 5 BB_C406U407:C401G402_BB B 406 ? B 402 ? B 407 ? B 401 ? 
# 
_atom_sites.entry_id                    1SI2 
_atom_sites.fract_transf_matrix[1][1]   -0.00013195 
_atom_sites.fract_transf_matrix[1][2]   -0.00560837 
_atom_sites.fract_transf_matrix[1][3]   0.01008629 
_atom_sites.fract_transf_matrix[2][1]   -0.01002161 
_atom_sites.fract_transf_matrix[2][2]   -0.00198440 
_atom_sites.fract_transf_matrix[2][3]   0.00536882 
_atom_sites.fract_transf_matrix[3][1]   -0.00254127 
_atom_sites.fract_transf_matrix[3][2]   -0.02526707 
_atom_sites.fract_transf_matrix[3][3]   -0.01408271 
_atom_sites.fract_transf_vector[1]      0.522793 
_atom_sites.fract_transf_vector[2]      0.792966 
_atom_sites.fract_transf_vector[3]      -0.067524 
# 
loop_
_atom_type.symbol 
C 
N 
O 
P 
S 
# 
loop_
_atom_site.group_PDB 
_atom_site.id 
_atom_site.type_symbol 
_atom_site.label_atom_id 
_atom_site.label_alt_id 
_atom_site.label_comp_id 
_atom_site.label_asym_id 
_atom_site.label_entity_id 
_atom_site.label_seq_id 
_atom_site.pdbx_PDB_ins_code 
_atom_site.Cartn_x 
_atom_site.Cartn_y 
_atom_site.Cartn_z 
_atom_site.occupancy 
_atom_site.B_iso_or_equiv 
_atom_site.pdbx_formal_charge 
_atom_site.auth_seq_id 
_atom_site.auth_comp_id 
_atom_site.auth_asym_id 
_atom_site.auth_atom_id 
_atom_site.pdbx_PDB_model_num 
ATOM   1    O "O5'" . C   A 1 1   ? -24.530 0.204   -8.529  1.00 55.95 ? 401 C   B "O5'" 1 
ATOM   2    C "C5'" . C   A 1 1   ? -24.068 -0.219  -9.806  1.00 53.19 ? 401 C   B "C5'" 1 
ATOM   3    C "C4'" . C   A 1 1   ? -23.715 0.979   -10.652 1.00 52.96 ? 401 C   B "C4'" 1 
ATOM   4    O "O4'" . C   A 1 1   ? -24.892 1.824   -10.778 1.00 52.83 ? 401 C   B "O4'" 1 
ATOM   5    C "C3'" . C   A 1 1   ? -22.680 1.936   -10.081 1.00 52.58 ? 401 C   B "C3'" 1 
ATOM   6    O "O3'" . C   A 1 1   ? -21.339 1.487   -10.264 1.00 51.82 ? 401 C   B "O3'" 1 
ATOM   7    C "C2'" . C   A 1 1   ? -22.961 3.197   -10.885 1.00 52.86 ? 401 C   B "C2'" 1 
ATOM   8    O "O2'" . C   A 1 1   ? -22.433 3.131   -12.196 1.00 52.53 ? 401 C   B "O2'" 1 
ATOM   9    C "C1'" . C   A 1 1   ? -24.490 3.178   -10.931 1.00 52.64 ? 401 C   B "C1'" 1 
ATOM   10   N N1    . C   A 1 1   ? -25.083 3.976   -9.848  1.00 51.28 ? 401 C   B N1    1 
ATOM   11   C C2    . C   A 1 1   ? -25.157 5.363   -10.009 1.00 50.72 ? 401 C   B C2    1 
ATOM   12   O O2    . C   A 1 1   ? -24.769 5.860   -11.070 1.00 51.37 ? 401 C   B O2    1 
ATOM   13   N N3    . C   A 1 1   ? -25.655 6.125   -9.014  1.00 51.03 ? 401 C   B N3    1 
ATOM   14   C C4    . C   A 1 1   ? -26.092 5.552   -7.892  1.00 52.49 ? 401 C   B C4    1 
ATOM   15   N N4    . C   A 1 1   ? -26.584 6.352   -6.938  1.00 52.33 ? 401 C   B N4    1 
ATOM   16   C C5    . C   A 1 1   ? -26.046 4.133   -7.699  1.00 52.39 ? 401 C   B C5    1 
ATOM   17   C C6    . C   A 1 1   ? -25.538 3.390   -8.698  1.00 51.88 ? 401 C   B C6    1 
ATOM   18   P P     . G   A 1 2   ? -20.207 1.922   -9.205  1.00 50.93 ? 402 G   B P     1 
ATOM   19   O OP1   . G   A 1 2   ? -18.914 1.354   -9.660  1.00 52.03 ? 402 G   B OP1   1 
ATOM   20   O OP2   . G   A 1 2   ? -20.715 1.591   -7.854  1.00 51.59 ? 402 G   B OP2   1 
ATOM   21   O "O5'" . G   A 1 2   ? -20.122 3.508   -9.355  1.00 49.64 ? 402 G   B "O5'" 1 
ATOM   22   C "C5'" . G   A 1 2   ? -19.709 4.093   -10.586 1.00 47.93 ? 402 G   B "C5'" 1 
ATOM   23   C "C4'" . G   A 1 2   ? -19.752 5.600   -10.505 1.00 47.53 ? 402 G   B "C4'" 1 
ATOM   24   O "O4'" . G   A 1 2   ? -21.124 6.061   -10.407 1.00 46.53 ? 402 G   B "O4'" 1 
ATOM   25   C "C3'" . G   A 1 2   ? -19.059 6.231   -9.311  1.00 47.20 ? 402 G   B "C3'" 1 
ATOM   26   O "O3'" . G   A 1 2   ? -17.664 6.358   -9.529  1.00 46.95 ? 402 G   B "O3'" 1 
ATOM   27   C "C2'" . G   A 1 2   ? -19.730 7.597   -9.244  1.00 47.42 ? 402 G   B "C2'" 1 
ATOM   28   O "O2'" . G   A 1 2   ? -19.182 8.537   -10.153 1.00 46.23 ? 402 G   B "O2'" 1 
ATOM   29   C "C1'" . G   A 1 2   ? -21.171 7.244   -9.622  1.00 47.30 ? 402 G   B "C1'" 1 
ATOM   30   N N9    . G   A 1 2   ? -21.979 6.965   -8.442  1.00 48.16 ? 402 G   B N9    1 
ATOM   31   C C8    . G   A 1 2   ? -22.472 5.743   -8.053  1.00 49.31 ? 402 G   B C8    1 
ATOM   32   N N7    . G   A 1 2   ? -23.145 5.792   -6.938  1.00 49.39 ? 402 G   B N7    1 
ATOM   33   C C5    . G   A 1 2   ? -23.099 7.130   -6.569  1.00 49.78 ? 402 G   B C5    1 
ATOM   34   C C6    . G   A 1 2   ? -23.651 7.791   -5.438  1.00 49.60 ? 402 G   B C6    1 
ATOM   35   O O6    . G   A 1 2   ? -24.304 7.309   -4.508  1.00 50.49 ? 402 G   B O6    1 
ATOM   36   N N1    . G   A 1 2   ? -23.370 9.152   -5.456  1.00 48.76 ? 402 G   B N1    1 
ATOM   37   C C2    . G   A 1 2   ? -22.651 9.798   -6.429  1.00 48.23 ? 402 G   B C2    1 
ATOM   38   N N2    . G   A 1 2   ? -22.495 11.115  -6.262  1.00 47.49 ? 402 G   B N2    1 
ATOM   39   N N3    . G   A 1 2   ? -22.126 9.196   -7.486  1.00 49.10 ? 402 G   B N3    1 
ATOM   40   C C4    . G   A 1 2   ? -22.389 7.869   -7.491  1.00 49.21 ? 402 G   B C4    1 
ATOM   41   P P     . U   A 1 3   ? -16.661 6.282   -8.282  1.00 47.69 ? 403 U   B P     1 
ATOM   42   O OP1   . U   A 1 3   ? -15.282 6.167   -8.824  1.00 48.57 ? 403 U   B OP1   1 
ATOM   43   O OP2   . U   A 1 3   ? -17.162 5.252   -7.346  1.00 49.09 ? 403 U   B OP2   1 
ATOM   44   O "O5'" . U   A 1 3   ? -16.838 7.681   -7.547  1.00 46.00 ? 403 U   B "O5'" 1 
ATOM   45   C "C5'" . U   A 1 3   ? -16.448 8.893   -8.165  1.00 46.01 ? 403 U   B "C5'" 1 
ATOM   46   C "C4'" . U   A 1 3   ? -16.841 10.053  -7.289  1.00 48.16 ? 403 U   B "C4'" 1 
ATOM   47   O "O4'" . U   A 1 3   ? -18.288 10.062  -7.156  1.00 48.00 ? 403 U   B "O4'" 1 
ATOM   48   C "C3'" . U   A 1 3   ? -16.323 10.005  -5.854  1.00 48.49 ? 403 U   B "C3'" 1 
ATOM   49   O "O3'" . U   A 1 3   ? -14.996 10.547  -5.772  1.00 49.20 ? 403 U   B "O3'" 1 
ATOM   50   C "C2'" . U   A 1 3   ? -17.354 10.861  -5.121  1.00 47.50 ? 403 U   B "C2'" 1 
ATOM   51   O "O2'" . U   A 1 3   ? -17.151 12.245  -5.299  1.00 48.06 ? 403 U   B "O2'" 1 
ATOM   52   C "C1'" . U   A 1 3   ? -18.644 10.484  -5.853  1.00 47.87 ? 403 U   B "C1'" 1 
ATOM   53   N N1    . U   A 1 3   ? -19.381 9.396   -5.202  1.00 47.81 ? 403 U   B N1    1 
ATOM   54   C C2    . U   A 1 3   ? -20.199 9.723   -4.136  1.00 46.99 ? 403 U   B C2    1 
ATOM   55   O O2    . U   A 1 3   ? -20.342 10.860  -3.747  1.00 45.43 ? 403 U   B O2    1 
ATOM   56   N N3    . U   A 1 3   ? -20.841 8.662   -3.547  1.00 47.93 ? 403 U   B N3    1 
ATOM   57   C C4    . U   A 1 3   ? -20.753 7.333   -3.915  1.00 48.65 ? 403 U   B C4    1 
ATOM   58   O O4    . U   A 1 3   ? -21.403 6.493   -3.296  1.00 50.33 ? 403 U   B O4    1 
ATOM   59   C C5    . U   A 1 3   ? -19.896 7.076   -5.036  1.00 48.62 ? 403 U   B C5    1 
ATOM   60   C C6    . U   A 1 3   ? -19.258 8.093   -5.629  1.00 48.26 ? 403 U   B C6    1 
ATOM   61   P P     . G   A 1 4   ? -13.909 9.886   -4.778  1.00 49.86 ? 404 G   B P     1 
ATOM   62   O OP1   . G   A 1 4   ? -12.547 10.340  -5.158  1.00 51.00 ? 404 G   B OP1   1 
ATOM   63   O OP2   . G   A 1 4   ? -14.199 8.438   -4.694  1.00 49.66 ? 404 G   B OP2   1 
ATOM   64   O "O5'" . G   A 1 4   ? -14.260 10.514  -3.363  1.00 51.34 ? 404 G   B "O5'" 1 
ATOM   65   C "C5'" . G   A 1 4   ? -14.149 11.911  -3.142  1.00 55.21 ? 404 G   B "C5'" 1 
ATOM   66   C "C4'" . G   A 1 4   ? -14.998 12.311  -1.968  1.00 56.69 ? 404 G   B "C4'" 1 
ATOM   67   O "O4'" . G   A 1 4   ? -16.393 12.094  -2.309  1.00 57.33 ? 404 G   B "O4'" 1 
ATOM   68   C "C3'" . G   A 1 4   ? -14.794 11.485  -0.705  1.00 57.03 ? 404 G   B "C3'" 1 
ATOM   69   O "O3'" . G   A 1 4   ? -13.670 11.930  0.056   1.00 57.45 ? 404 G   B "O3'" 1 
ATOM   70   C "C2'" . G   A 1 4   ? -16.115 11.698  0.017   1.00 57.34 ? 404 G   B "C2'" 1 
ATOM   71   O "O2'" . G   A 1 4   ? -16.179 12.939  0.687   1.00 56.82 ? 404 G   B "O2'" 1 
ATOM   72   C "C1'" . G   A 1 4   ? -17.098 11.662  -1.159  1.00 58.91 ? 404 G   B "C1'" 1 
ATOM   73   N N9    . G   A 1 4   ? -17.567 10.298  -1.385  1.00 62.40 ? 404 G   B N9    1 
ATOM   74   C C8    . G   A 1 4   ? -17.037 9.322   -2.199  1.00 64.08 ? 404 G   B C8    1 
ATOM   75   N N7    . G   A 1 4   ? -17.669 8.179   -2.108  1.00 62.13 ? 404 G   B N7    1 
ATOM   76   C C5    . G   A 1 4   ? -18.682 8.430   -1.193  1.00 65.17 ? 404 G   B C5    1 
ATOM   77   C C6    . G   A 1 4   ? -19.695 7.576   -0.667  1.00 66.05 ? 404 G   B C6    1 
ATOM   78   O O6    . G   A 1 4   ? -19.920 6.384   -0.920  1.00 66.13 ? 404 G   B O6    1 
ATOM   79   N N1    . G   A 1 4   ? -20.493 8.249   0.248   1.00 68.24 ? 404 G   B N1    1 
ATOM   80   C C2    . G   A 1 4   ? -20.338 9.570   0.609   1.00 68.66 ? 404 G   B C2    1 
ATOM   81   N N2    . G   A 1 4   ? -21.187 10.045  1.524   1.00 69.85 ? 404 G   B N2    1 
ATOM   82   N N3    . G   A 1 4   ? -19.418 10.367  0.125   1.00 66.20 ? 404 G   B N3    1 
ATOM   83   C C4    . G   A 1 4   ? -18.631 9.740   -0.757  1.00 64.33 ? 404 G   B C4    1 
ATOM   84   P P     . A   A 1 5   ? -13.112 10.971  1.227   1.00 55.94 ? 405 A   B P     1 
ATOM   85   O OP1   . A   A 1 5   ? -11.923 11.609  1.843   1.00 57.51 ? 405 A   B OP1   1 
ATOM   86   O OP2   . A   A 1 5   ? -13.004 9.595   0.688   1.00 56.15 ? 405 A   B OP2   1 
ATOM   87   O "O5'" . A   A 1 5   ? -14.290 10.967  2.301   1.00 56.55 ? 405 A   B "O5'" 1 
ATOM   88   C "C5'" . A   A 1 5   ? -14.557 12.123  3.093   1.00 57.24 ? 405 A   B "C5'" 1 
ATOM   89   C "C4'" . A   A 1 5   ? -15.446 11.774  4.269   1.00 57.50 ? 405 A   B "C4'" 1 
ATOM   90   O "O4'" . A   A 1 5   ? -16.774 11.417  3.796   1.00 58.02 ? 405 A   B "O4'" 1 
ATOM   91   C "C3'" . A   A 1 5   ? -15.028 10.585  5.119   1.00 56.81 ? 405 A   B "C3'" 1 
ATOM   92   O "O3'" . A   A 1 5   ? -14.063 10.942  6.095   1.00 54.92 ? 405 A   B "O3'" 1 
ATOM   93   C "C2'" . A   A 1 5   ? -16.334 10.222  5.805   1.00 57.59 ? 405 A   B "C2'" 1 
ATOM   94   O "O2'" . A   A 1 5   ? -16.570 11.074  6.909   1.00 57.87 ? 405 A   B "O2'" 1 
ATOM   95   C "C1'" . A   A 1 5   ? -17.351 10.474  4.684   1.00 58.01 ? 405 A   B "C1'" 1 
ATOM   96   N N9    . A   A 1 5   ? -17.656 9.262   3.923   1.00 59.38 ? 405 A   B N9    1 
ATOM   97   C C8    . A   A 1 5   ? -17.281 8.952   2.639   1.00 59.59 ? 405 A   B C8    1 
ATOM   98   N N7    . A   A 1 5   ? -17.680 7.767   2.243   1.00 59.39 ? 405 A   B N7    1 
ATOM   99   C C5    . A   A 1 5   ? -18.371 7.265   3.336   1.00 59.02 ? 405 A   B C5    1 
ATOM   100  C C6    . A   A 1 5   ? -19.038 6.044   3.558   1.00 58.87 ? 405 A   B C6    1 
ATOM   101  N N6    . A   A 1 5   ? -19.113 5.062   2.654   1.00 57.80 ? 405 A   B N6    1 
ATOM   102  N N1    . A   A 1 5   ? -19.631 5.864   4.757   1.00 59.39 ? 405 A   B N1    1 
ATOM   103  C C2    . A   A 1 5   ? -19.551 6.845   5.668   1.00 60.07 ? 405 A   B C2    1 
ATOM   104  N N3    . A   A 1 5   ? -18.953 8.031   5.580   1.00 60.22 ? 405 A   B N3    1 
ATOM   105  C C4    . A   A 1 5   ? -18.373 8.180   4.375   1.00 59.88 ? 405 A   B C4    1 
ATOM   106  P P     . C   A 1 6   ? -13.173 9.796   6.784   1.00 55.85 ? 406 C   B P     1 
ATOM   107  O OP1   . C   A 1 6   ? -12.118 10.484  7.578   1.00 55.75 ? 406 C   B OP1   1 
ATOM   108  O OP2   . C   A 1 6   ? -12.787 8.808   5.738   1.00 54.70 ? 406 C   B OP2   1 
ATOM   109  O "O5'" . C   A 1 6   ? -14.167 9.063   7.793   1.00 55.08 ? 406 C   B "O5'" 1 
ATOM   110  C "C5'" . C   A 1 6   ? -14.652 9.725   8.955   1.00 55.38 ? 406 C   B "C5'" 1 
ATOM   111  C "C4'" . C   A 1 6   ? -15.484 8.779   9.782   1.00 54.88 ? 406 C   B "C4'" 1 
ATOM   112  O "O4'" . C   A 1 6   ? -16.620 8.339   8.997   1.00 54.94 ? 406 C   B "O4'" 1 
ATOM   113  C "C3'" . C   A 1 6   ? -14.790 7.489   10.175  1.00 55.13 ? 406 C   B "C3'" 1 
ATOM   114  O "O3'" . C   A 1 6   ? -14.020 7.674   11.350  1.00 56.78 ? 406 C   B "O3'" 1 
ATOM   115  C "C2'" . C   A 1 6   ? -15.967 6.555   10.413  1.00 54.42 ? 406 C   B "C2'" 1 
ATOM   116  O "O2'" . C   A 1 6   ? -16.566 6.773   11.672  1.00 52.99 ? 406 C   B "O2'" 1 
ATOM   117  C "C1'" . C   A 1 6   ? -16.928 6.992   9.306   1.00 54.26 ? 406 C   B "C1'" 1 
ATOM   118  N N1    . C   A 1 6   ? -16.835 6.197   8.065   1.00 55.00 ? 406 C   B N1    1 
ATOM   119  C C2    . C   A 1 6   ? -17.740 5.142   7.865   1.00 55.09 ? 406 C   B C2    1 
ATOM   120  O O2    . C   A 1 6   ? -18.602 4.918   8.723   1.00 56.00 ? 406 C   B O2    1 
ATOM   121  N N3    . C   A 1 6   ? -17.658 4.400   6.737   1.00 54.14 ? 406 C   B N3    1 
ATOM   122  C C4    . C   A 1 6   ? -16.735 4.682   5.820   1.00 54.00 ? 406 C   B C4    1 
ATOM   123  N N4    . C   A 1 6   ? -16.702 3.925   4.725   1.00 53.11 ? 406 C   B N4    1 
ATOM   124  C C5    . C   A 1 6   ? -15.805 5.755   5.988   1.00 54.31 ? 406 C   B C5    1 
ATOM   125  C C6    . C   A 1 6   ? -15.888 6.478   7.117   1.00 54.53 ? 406 C   B C6    1 
ATOM   126  P P     . U   A 1 7   ? -12.786 6.693   11.646  1.00 60.54 ? 407 U   B P     1 
ATOM   127  O OP1   . U   A 1 7   ? -12.103 7.156   12.890  1.00 58.81 ? 407 U   B OP1   1 
ATOM   128  O OP2   . U   A 1 7   ? -11.997 6.535   10.397  1.00 60.91 ? 407 U   B OP2   1 
ATOM   129  O "O5'" . U   A 1 7   ? -13.496 5.299   11.935  1.00 61.56 ? 407 U   B "O5'" 1 
ATOM   130  C "C5'" . U   A 1 7   ? -14.280 5.116   13.103  1.00 61.95 ? 407 U   B "C5'" 1 
ATOM   131  C "C4'" . U   A 1 7   ? -14.918 3.748   13.109  1.00 62.83 ? 407 U   B "C4'" 1 
ATOM   132  O "O4'" . U   A 1 7   ? -15.933 3.646   12.079  1.00 63.35 ? 407 U   B "O4'" 1 
ATOM   133  C "C3'" . U   A 1 7   ? -14.032 2.567   12.778  1.00 62.75 ? 407 U   B "C3'" 1 
ATOM   134  O "O3'" . U   A 1 7   ? -13.179 2.209   13.845  1.00 64.04 ? 407 U   B "O3'" 1 
ATOM   135  C "C2'" . U   A 1 7   ? -15.061 1.478   12.515  1.00 63.12 ? 407 U   B "C2'" 1 
ATOM   136  O "O2'" . U   A 1 7   ? -15.552 0.888   13.704  1.00 62.47 ? 407 U   B "O2'" 1 
ATOM   137  C "C1'" . U   A 1 7   ? -16.166 2.271   11.808  1.00 63.72 ? 407 U   B "C1'" 1 
ATOM   138  N N1    . U   A 1 7   ? -16.136 2.039   10.358  1.00 64.14 ? 407 U   B N1    1 
ATOM   139  C C2    . U   A 1 7   ? -16.935 1.025   9.876   1.00 63.92 ? 407 U   B C2    1 
ATOM   140  O O2    . U   A 1 7   ? -17.699 0.400   10.587  1.00 63.47 ? 407 U   B O2    1 
ATOM   141  N N3    . U   A 1 7   ? -16.811 0.774   8.536   1.00 63.80 ? 407 U   B N3    1 
ATOM   142  C C4    . U   A 1 7   ? -15.999 1.427   7.646   1.00 63.35 ? 407 U   B C4    1 
ATOM   143  O O4    . U   A 1 7   ? -15.922 1.013   6.493   1.00 64.27 ? 407 U   B O4    1 
ATOM   144  C C5    . U   A 1 7   ? -15.235 2.496   8.209   1.00 63.76 ? 407 U   B C5    1 
ATOM   145  C C6    . U   A 1 7   ? -15.328 2.761   9.516   1.00 64.12 ? 407 U   B C6    1 
ATOM   146  P P     . DC  A 1 8   ? -11.650 1.855   13.527  1.00 64.95 ? 408 DC  B P     1 
ATOM   147  O OP1   . DC  A 1 8   ? -11.628 0.681   12.613  1.00 64.12 ? 408 DC  B OP1   1 
ATOM   148  O OP2   . DC  A 1 8   ? -10.891 1.807   14.798  1.00 65.25 ? 408 DC  B OP2   1 
ATOM   149  O "O5'" . DC  A 1 8   ? -11.168 3.138   12.722  1.00 64.56 ? 408 DC  B "O5'" 1 
ATOM   150  C "C5'" . DC  A 1 8   ? -9.815  3.532   12.756  1.00 65.60 ? 408 DC  B "C5'" 1 
ATOM   151  C "C4'" . DC  A 1 8   ? -9.230  3.457   11.371  1.00 65.89 ? 408 DC  B "C4'" 1 
ATOM   152  O "O4'" . DC  A 1 8   ? -9.057  4.808   10.887  1.00 67.84 ? 408 DC  B "O4'" 1 
ATOM   153  C "C3'" . DC  A 1 8   ? -7.849  2.819   11.366  1.00 65.09 ? 408 DC  B "C3'" 1 
ATOM   154  O "O3'" . DC  A 1 8   ? -7.636  2.024   10.210  1.00 62.90 ? 408 DC  B "O3'" 1 
ATOM   155  C "C2'" . DC  A 1 8   ? -6.896  3.991   11.391  1.00 66.80 ? 408 DC  B "C2'" 1 
ATOM   156  C "C1'" . DC  A 1 8   ? -7.680  5.115   10.735  1.00 69.24 ? 408 DC  B "C1'" 1 
ATOM   157  N N1    . DC  A 1 8   ? -7.428  6.393   11.412  1.00 72.14 ? 408 DC  B N1    1 
ATOM   158  C C2    . DC  A 1 8   ? -7.276  7.550   10.648  1.00 73.96 ? 408 DC  B C2    1 
ATOM   159  O O2    . DC  A 1 8   ? -7.443  7.485   9.418   1.00 75.97 ? 408 DC  B O2    1 
ATOM   160  N N3    . DC  A 1 8   ? -6.957  8.710   11.268  1.00 74.68 ? 408 DC  B N3    1 
ATOM   161  C C4    . DC  A 1 8   ? -6.810  8.738   12.594  1.00 74.79 ? 408 DC  B C4    1 
ATOM   162  N N4    . DC  A 1 8   ? -6.459  9.890   13.159  1.00 76.70 ? 408 DC  B N4    1 
ATOM   163  C C5    . DC  A 1 8   ? -7.006  7.582   13.397  1.00 74.63 ? 408 DC  B C5    1 
ATOM   164  C C6    . DC  A 1 8   ? -7.312  6.443   12.772  1.00 72.92 ? 408 DC  B C6    1 
ATOM   165  P P     . DT  A 1 9   ? -6.350  1.073   10.156  1.00 62.00 ? 409 DT  B P     1 
ATOM   166  O OP1   . DT  A 1 9   ? -6.508  0.117   9.030   1.00 62.03 ? 409 DT  B OP1   1 
ATOM   167  O OP2   . DT  A 1 9   ? -6.137  0.563   11.535  1.00 61.36 ? 409 DT  B OP2   1 
ATOM   168  O "O5'" . DT  A 1 9   ? -5.154  2.069   9.818   1.00 62.02 ? 409 DT  B "O5'" 1 
ATOM   169  C "C5'" . DT  A 1 9   ? -5.083  2.711   8.555   1.00 61.25 ? 409 DT  B "C5'" 1 
ATOM   170  C "C4'" . DT  A 1 9   ? -3.872  3.609   8.493   1.00 61.31 ? 409 DT  B "C4'" 1 
ATOM   171  O "O4'" . DT  A 1 9   ? -4.118  4.830   9.218   1.00 61.88 ? 409 DT  B "O4'" 1 
ATOM   172  C "C3'" . DT  A 1 9   ? -2.593  3.015   9.079   1.00 61.22 ? 409 DT  B "C3'" 1 
ATOM   173  O "O3'" . DT  A 1 9   ? -1.666  2.477   8.154   1.00 62.04 ? 409 DT  B "O3'" 1 
ATOM   174  C "C2'" . DT  A 1 9   ? -2.076  4.063   10.048  1.00 61.70 ? 409 DT  B "C2'" 1 
ATOM   175  C "C1'" . DT  A 1 9   ? -2.894  5.302   9.741   1.00 63.20 ? 409 DT  B "C1'" 1 
ATOM   176  N N1    . DT  A 1 9   ? -3.196  6.080   10.953  1.00 65.78 ? 409 DT  B N1    1 
ATOM   177  C C2    . DT  A 1 9   ? -3.052  7.446   10.915  1.00 67.19 ? 409 DT  B C2    1 
ATOM   178  O O2    . DT  A 1 9   ? -2.749  8.060   9.903   1.00 68.23 ? 409 DT  B O2    1 
ATOM   179  N N3    . DT  A 1 9   ? -3.283  8.074   12.111  1.00 69.70 ? 409 DT  B N3    1 
ATOM   180  C C4    . DT  A 1 9   ? -3.651  7.482   13.309  1.00 69.94 ? 409 DT  B C4    1 
ATOM   181  O O4    . DT  A 1 9   ? -3.797  8.169   14.317  1.00 70.40 ? 409 DT  B O4    1 
ATOM   182  C C5    . DT  A 1 9   ? -3.829  6.054   13.260  1.00 68.73 ? 409 DT  B C5    1 
ATOM   183  C C7    . DT  A 1 9   ? -4.267  5.331   14.492  1.00 69.74 ? 409 DT  B C7    1 
ATOM   184  C C6    . DT  A 1 9   ? -3.593  5.434   12.103  1.00 67.11 ? 409 DT  B C6    1 
ATOM   185  N N     . MET B 2 4   ? -14.128 -9.733  -9.158  1.00 52.38 ? 224 MET A N     1 
ATOM   186  C CA    . MET B 2 4   ? -13.200 -9.962  -8.011  1.00 52.59 ? 224 MET A CA    1 
ATOM   187  C C     . MET B 2 4   ? -12.205 -8.803  -7.861  1.00 52.94 ? 224 MET A C     1 
ATOM   188  O O     . MET B 2 4   ? -11.907 -8.085  -8.826  1.00 54.96 ? 224 MET A O     1 
ATOM   189  C CB    . MET B 2 4   ? -12.436 -11.275 -8.211  1.00 50.91 ? 224 MET A CB    1 
ATOM   190  N N     . ALA B 2 5   ? -11.700 -8.620  -6.645  1.00 50.40 ? 225 ALA A N     1 
ATOM   191  C CA    . ALA B 2 5   ? -10.734 -7.564  -6.372  1.00 48.00 ? 225 ALA A CA    1 
ATOM   192  C C     . ALA B 2 5   ? -9.315  -8.099  -6.591  1.00 47.11 ? 225 ALA A C     1 
ATOM   193  O O     . ALA B 2 5   ? -9.000  -9.226  -6.209  1.00 48.50 ? 225 ALA A O     1 
ATOM   194  C CB    . ALA B 2 5   ? -10.895 -7.074  -4.941  1.00 47.45 ? 225 ALA A CB    1 
ATOM   195  N N     . GLN B 2 6   ? -8.461  -7.293  -7.212  1.00 44.10 ? 226 GLN A N     1 
ATOM   196  C CA    . GLN B 2 6   ? -7.084  -7.704  -7.474  1.00 40.99 ? 226 GLN A CA    1 
ATOM   197  C C     . GLN B 2 6   ? -6.147  -7.070  -6.450  1.00 37.33 ? 226 GLN A C     1 
ATOM   198  O O     . GLN B 2 6   ? -6.240  -5.875  -6.193  1.00 37.18 ? 226 GLN A O     1 
ATOM   199  C CB    . GLN B 2 6   ? -6.683  -7.281  -8.893  1.00 40.68 ? 226 GLN A CB    1 
ATOM   200  C CG    . GLN B 2 6   ? -5.206  -7.418  -9.202  1.00 43.58 ? 226 GLN A CG    1 
ATOM   201  C CD    . GLN B 2 6   ? -4.826  -6.811  -10.556 1.00 45.62 ? 226 GLN A CD    1 
ATOM   202  O OE1   . GLN B 2 6   ? -5.222  -5.687  -10.885 1.00 47.26 ? 226 GLN A OE1   1 
ATOM   203  N NE2   . GLN B 2 6   ? -4.046  -7.549  -11.335 1.00 45.40 ? 226 GLN A NE2   1 
ATOM   204  N N     . PRO B 2 7   ? -5.255  -7.871  -5.830  1.00 35.16 ? 227 PRO A N     1 
ATOM   205  C CA    . PRO B 2 7   ? -4.295  -7.368  -4.828  1.00 32.80 ? 227 PRO A CA    1 
ATOM   206  C C     . PRO B 2 7   ? -3.453  -6.279  -5.484  1.00 31.10 ? 227 PRO A C     1 
ATOM   207  O O     . PRO B 2 7   ? -3.044  -6.435  -6.637  1.00 27.12 ? 227 PRO A O     1 
ATOM   208  C CB    . PRO B 2 7   ? -3.459  -8.598  -4.495  1.00 32.44 ? 227 PRO A CB    1 
ATOM   209  C CG    . PRO B 2 7   ? -4.422  -9.734  -4.730  1.00 32.88 ? 227 PRO A CG    1 
ATOM   210  C CD    . PRO B 2 7   ? -5.111  -9.325  -6.010  1.00 32.92 ? 227 PRO A CD    1 
ATOM   211  N N     . VAL B 2 8   ? -3.191  -5.179  -4.783  1.00 30.03 ? 228 VAL A N     1 
ATOM   212  C CA    . VAL B 2 8   ? -2.424  -4.137  -5.434  1.00 31.96 ? 228 VAL A CA    1 
ATOM   213  C C     . VAL B 2 8   ? -1.000  -4.590  -5.651  1.00 32.86 ? 228 VAL A C     1 
ATOM   214  O O     . VAL B 2 8   ? -0.312  -4.060  -6.530  1.00 33.50 ? 228 VAL A O     1 
ATOM   215  C CB    . VAL B 2 8   ? -2.471  -2.765  -4.676  1.00 32.17 ? 228 VAL A CB    1 
ATOM   216  C CG1   . VAL B 2 8   ? -3.720  -2.685  -3.840  1.00 34.34 ? 228 VAL A CG1   1 
ATOM   217  C CG2   . VAL B 2 8   ? -1.223  -2.533  -3.870  1.00 30.53 ? 228 VAL A CG2   1 
ATOM   218  N N     . ILE B 2 9   ? -0.558  -5.578  -4.871  1.00 33.20 ? 229 ILE A N     1 
ATOM   219  C CA    . ILE B 2 9   ? 0.792   -6.094  -5.044  1.00 34.92 ? 229 ILE A CA    1 
ATOM   220  C C     . ILE B 2 9   ? 0.894   -6.691  -6.442  1.00 36.35 ? 229 ILE A C     1 
ATOM   221  O O     . ILE B 2 9   ? 1.847   -6.422  -7.166  1.00 38.30 ? 229 ILE A O     1 
ATOM   222  C CB    . ILE B 2 9   ? 1.142   -7.180  -4.016  1.00 35.52 ? 229 ILE A CB    1 
ATOM   223  C CG1   . ILE B 2 9   ? 1.333   -6.557  -2.633  1.00 36.34 ? 229 ILE A CG1   1 
ATOM   224  C CG2   . ILE B 2 9   ? 2.433   -7.878  -4.431  1.00 32.23 ? 229 ILE A CG2   1 
ATOM   225  C CD1   . ILE B 2 9   ? 2.665   -5.829  -2.470  1.00 38.17 ? 229 ILE A CD1   1 
ATOM   226  N N     . GLU B 2 10  ? -0.092  -7.502  -6.816  1.00 37.53 ? 230 GLU A N     1 
ATOM   227  C CA    . GLU B 2 10  ? -0.125  -8.120  -8.143  1.00 39.85 ? 230 GLU A CA    1 
ATOM   228  C C     . GLU B 2 10  ? -0.257  -7.072  -9.246  1.00 39.61 ? 230 GLU A C     1 
ATOM   229  O O     . GLU B 2 10  ? 0.335   -7.211  -10.321 1.00 41.29 ? 230 GLU A O     1 
ATOM   230  C CB    . GLU B 2 10  ? -1.305  -9.081  -8.264  1.00 41.84 ? 230 GLU A CB    1 
ATOM   231  C CG    . GLU B 2 10  ? -1.092  -10.448 -7.671  1.00 46.38 ? 230 GLU A CG    1 
ATOM   232  C CD    . GLU B 2 10  ? -2.305  -11.341 -7.880  1.00 51.38 ? 230 GLU A CD    1 
ATOM   233  O OE1   . GLU B 2 10  ? -2.904  -11.284 -8.990  1.00 54.04 ? 230 GLU A OE1   1 
ATOM   234  O OE2   . GLU B 2 10  ? -2.653  -12.099 -6.945  1.00 50.78 ? 230 GLU A OE2   1 
ATOM   235  N N     . PHE B 2 11  ? -1.059  -6.043  -8.988  1.00 37.57 ? 231 PHE A N     1 
ATOM   236  C CA    . PHE B 2 11  ? -1.264  -4.980  -9.960  1.00 36.65 ? 231 PHE A CA    1 
ATOM   237  C C     . PHE B 2 11  ? 0.090   -4.304  -10.197 1.00 37.36 ? 231 PHE A C     1 
ATOM   238  O O     . PHE B 2 11  ? 0.475   -4.028  -11.341 1.00 36.35 ? 231 PHE A O     1 
ATOM   239  C CB    . PHE B 2 11  ? -2.292  -3.974  -9.433  1.00 34.48 ? 231 PHE A CB    1 
ATOM   240  C CG    . PHE B 2 11  ? -2.496  -2.790  -10.332 1.00 33.71 ? 231 PHE A CG    1 
ATOM   241  C CD1   . PHE B 2 11  ? -3.140  -2.928  -11.555 1.00 34.73 ? 231 PHE A CD1   1 
ATOM   242  C CD2   . PHE B 2 11  ? -2.048  -1.529  -9.954  1.00 32.23 ? 231 PHE A CD2   1 
ATOM   243  C CE1   . PHE B 2 11  ? -3.341  -1.815  -12.398 1.00 32.92 ? 231 PHE A CE1   1 
ATOM   244  C CE2   . PHE B 2 11  ? -2.239  -0.421  -10.780 1.00 31.09 ? 231 PHE A CE2   1 
ATOM   245  C CZ    . PHE B 2 11  ? -2.887  -0.565  -12.004 1.00 30.70 ? 231 PHE A CZ    1 
ATOM   246  N N     . MET B 2 12  ? 0.803   -4.047  -9.103  1.00 36.36 ? 232 MET A N     1 
ATOM   247  C CA    . MET B 2 12  ? 2.118   -3.438  -9.163  1.00 36.15 ? 232 MET A CA    1 
ATOM   248  C C     . MET B 2 12  ? 3.055   -4.291  -10.016 1.00 37.14 ? 232 MET A C     1 
ATOM   249  O O     . MET B 2 12  ? 3.635   -3.823  -10.997 1.00 39.46 ? 232 MET A O     1 
ATOM   250  C CB    . MET B 2 12  ? 2.706   -3.325  -7.761  1.00 35.37 ? 232 MET A CB    1 
ATOM   251  C CG    . MET B 2 12  ? 4.147   -2.845  -7.764  1.00 38.18 ? 232 MET A CG    1 
ATOM   252  S SD    . MET B 2 12  ? 5.033   -3.206  -6.242  1.00 36.65 ? 232 MET A SD    1 
ATOM   253  C CE    . MET B 2 12  ? 4.904   -1.675  -5.470  1.00 40.66 ? 232 MET A CE    1 
ATOM   254  N N     . CYS B 2 13  ? 3.214   -5.550  -9.636  1.00 36.87 ? 233 CYS A N     1 
ATOM   255  C CA    . CYS B 2 13  ? 4.097   -6.425  -10.377 1.00 38.58 ? 233 CYS A CA    1 
ATOM   256  C C     . CYS B 2 13  ? 3.774   -6.370  -11.869 1.00 39.51 ? 233 CYS A C     1 
ATOM   257  O O     . CYS B 2 13  ? 4.669   -6.407  -12.718 1.00 39.08 ? 233 CYS A O     1 
ATOM   258  C CB    . CYS B 2 13  ? 3.996   -7.856  -9.835  1.00 39.52 ? 233 CYS A CB    1 
ATOM   259  S SG    . CYS B 2 13  ? 4.763   -8.076  -8.184  1.00 39.09 ? 233 CYS A SG    1 
ATOM   260  N N     . GLU B 2 14  ? 2.496   -6.264  -12.194 1.00 40.02 ? 234 GLU A N     1 
ATOM   261  C CA    . GLU B 2 14  ? 2.104   -6.193  -13.592 1.00 41.18 ? 234 GLU A CA    1 
ATOM   262  C C     . GLU B 2 14  ? 2.548   -4.889  -14.220 1.00 41.42 ? 234 GLU A C     1 
ATOM   263  O O     . GLU B 2 14  ? 3.000   -4.864  -15.369 1.00 41.31 ? 234 GLU A O     1 
ATOM   264  C CB    . GLU B 2 14  ? 0.597   -6.316  -13.734 1.00 43.27 ? 234 GLU A CB    1 
ATOM   265  C CG    . GLU B 2 14  ? 0.083   -7.729  -13.685 1.00 47.38 ? 234 GLU A CG    1 
ATOM   266  C CD    . GLU B 2 14  ? -1.405  -7.764  -13.885 1.00 49.81 ? 234 GLU A CD    1 
ATOM   267  O OE1   . GLU B 2 14  ? -1.974  -8.873  -14.003 1.00 50.55 ? 234 GLU A OE1   1 
ATOM   268  O OE2   . GLU B 2 14  ? -1.999  -6.664  -13.924 1.00 49.97 ? 234 GLU A OE2   1 
ATOM   269  N N     . VAL B 2 15  ? 2.405   -3.799  -13.471 1.00 40.88 ? 235 VAL A N     1 
ATOM   270  C CA    . VAL B 2 15  ? 2.792   -2.494  -13.975 1.00 39.94 ? 235 VAL A CA    1 
ATOM   271  C C     . VAL B 2 15  ? 4.305   -2.417  -14.174 1.00 41.16 ? 235 VAL A C     1 
ATOM   272  O O     . VAL B 2 15  ? 4.773   -1.954  -15.211 1.00 40.57 ? 235 VAL A O     1 
ATOM   273  C CB    . VAL B 2 15  ? 2.322   -1.374  -13.019 1.00 38.98 ? 235 VAL A CB    1 
ATOM   274  C CG1   . VAL B 2 15  ? 2.841   -0.009  -13.496 1.00 37.30 ? 235 VAL A CG1   1 
ATOM   275  C CG2   . VAL B 2 15  ? 0.800   -1.368  -12.955 1.00 34.82 ? 235 VAL A CG2   1 
ATOM   276  N N     . LEU B 2 16  ? 5.066   -2.904  -13.197 1.00 43.03 ? 236 LEU A N     1 
ATOM   277  C CA    . LEU B 2 16  ? 6.527   -2.867  -13.267 1.00 44.18 ? 236 LEU A CA    1 
ATOM   278  C C     . LEU B 2 16  ? 7.175   -4.059  -13.982 1.00 46.99 ? 236 LEU A C     1 
ATOM   279  O O     . LEU B 2 16  ? 8.405   -4.149  -14.052 1.00 46.39 ? 236 LEU A O     1 
ATOM   280  C CB    . LEU B 2 16  ? 7.093   -2.767  -11.858 1.00 41.70 ? 236 LEU A CB    1 
ATOM   281  C CG    . LEU B 2 16  ? 6.602   -1.565  -11.053 1.00 41.15 ? 236 LEU A CG    1 
ATOM   282  C CD1   . LEU B 2 16  ? 7.174   -1.668  -9.661  1.00 42.04 ? 236 LEU A CD1   1 
ATOM   283  C CD2   . LEU B 2 16  ? 7.017   -0.257  -11.713 1.00 38.51 ? 236 LEU A CD2   1 
ATOM   284  N N     . ASP B 2 17  ? 6.346   -4.957  -14.511 1.00 48.83 ? 237 ASP A N     1 
ATOM   285  C CA    . ASP B 2 17  ? 6.816   -6.149  -15.204 1.00 52.87 ? 237 ASP A CA    1 
ATOM   286  C C     . ASP B 2 17  ? 7.674   -7.054  -14.320 1.00 55.31 ? 237 ASP A C     1 
ATOM   287  O O     . ASP B 2 17  ? 8.798   -7.398  -14.671 1.00 55.62 ? 237 ASP A O     1 
ATOM   288  C CB    . ASP B 2 17  ? 7.590   -5.761  -16.462 1.00 54.58 ? 237 ASP A CB    1 
ATOM   289  C CG    . ASP B 2 17  ? 6.678   -5.343  -17.600 1.00 57.38 ? 237 ASP A CG    1 
ATOM   290  O OD1   . ASP B 2 17  ? 7.174   -4.764  -18.592 1.00 58.01 ? 237 ASP A OD1   1 
ATOM   291  O OD2   . ASP B 2 17  ? 5.459   -5.605  -17.506 1.00 59.76 ? 237 ASP A OD2   1 
ATOM   292  N N     . ILE B 2 18  ? 7.134   -7.435  -13.168 1.00 58.11 ? 238 ILE A N     1 
ATOM   293  C CA    . ILE B 2 18  ? 7.837   -8.313  -12.240 1.00 61.54 ? 238 ILE A CA    1 
ATOM   294  C C     . ILE B 2 18  ? 7.082   -9.634  -12.142 1.00 65.30 ? 238 ILE A C     1 
ATOM   295  O O     . ILE B 2 18  ? 5.860   -9.666  -12.298 1.00 65.49 ? 238 ILE A O     1 
ATOM   296  C CB    . ILE B 2 18  ? 7.899   -7.716  -10.815 1.00 60.01 ? 238 ILE A CB    1 
ATOM   297  C CG1   . ILE B 2 18  ? 8.590   -6.358  -10.833 1.00 58.58 ? 238 ILE A CG1   1 
ATOM   298  C CG2   . ILE B 2 18  ? 8.654   -8.648  -9.895  1.00 58.16 ? 238 ILE A CG2   1 
ATOM   299  C CD1   . ILE B 2 18  ? 8.689   -5.722  -9.472  1.00 56.13 ? 238 ILE A CD1   1 
ATOM   300  N N     . ARG B 2 19  ? 7.811   -10.718 -11.893 1.00 69.89 ? 239 ARG A N     1 
ATOM   301  C CA    . ARG B 2 19  ? 7.202   -12.038 -11.736 1.00 74.71 ? 239 ARG A CA    1 
ATOM   302  C C     . ARG B 2 19  ? 7.772   -12.663 -10.469 1.00 76.52 ? 239 ARG A C     1 
ATOM   303  O O     . ARG B 2 19  ? 7.134   -13.488 -9.818  1.00 76.84 ? 239 ARG A O     1 
ATOM   304  C CB    . ARG B 2 19  ? 7.522   -12.946 -12.935 1.00 76.15 ? 239 ARG A CB    1 
ATOM   305  C CG    . ARG B 2 19  ? 7.015   -12.442 -14.276 1.00 78.93 ? 239 ARG A CG    1 
ATOM   306  C CD    . ARG B 2 19  ? 7.142   -13.510 -15.369 1.00 81.78 ? 239 ARG A CD    1 
ATOM   307  N NE    . ARG B 2 19  ? 6.836   -12.968 -16.695 1.00 84.06 ? 239 ARG A NE    1 
ATOM   308  C CZ    . ARG B 2 19  ? 6.638   -13.698 -17.791 1.00 83.56 ? 239 ARG A CZ    1 
ATOM   309  N NH1   . ARG B 2 19  ? 6.709   -15.020 -17.738 1.00 83.45 ? 239 ARG A NH1   1 
ATOM   310  N NH2   . ARG B 2 19  ? 6.364   -13.100 -18.944 1.00 82.75 ? 239 ARG A NH2   1 
ATOM   311  N N     . ASN B 2 20  ? 8.977   -12.226 -10.126 1.00 79.88 ? 240 ASN A N     1 
ATOM   312  C CA    . ASN B 2 20  ? 9.720   -12.716 -8.968  1.00 82.09 ? 240 ASN A CA    1 
ATOM   313  C C     . ASN B 2 20  ? 9.692   -11.763 -7.773  1.00 82.28 ? 240 ASN A C     1 
ATOM   314  O O     . ASN B 2 20  ? 10.714  -11.569 -7.109  1.00 81.15 ? 240 ASN A O     1 
ATOM   315  C CB    . ASN B 2 20  ? 11.175  -12.945 -9.382  1.00 84.41 ? 240 ASN A CB    1 
ATOM   316  C CG    . ASN B 2 20  ? 11.838  -11.673 -9.920  1.00 85.46 ? 240 ASN A CG    1 
ATOM   317  O OD1   . ASN B 2 20  ? 11.371  -11.076 -10.897 1.00 85.25 ? 240 ASN A OD1   1 
ATOM   318  N ND2   . ASN B 2 20  ? 12.926  -11.256 -9.279  1.00 85.27 ? 240 ASN A ND2   1 
ATOM   319  N N     . ILE B 2 21  ? 8.535   -11.173 -7.492  1.00 82.81 ? 241 ILE A N     1 
ATOM   320  C CA    . ILE B 2 21  ? 8.444   -10.240 -6.377  1.00 83.45 ? 241 ILE A CA    1 
ATOM   321  C C     . ILE B 2 21  ? 8.979   -10.864 -5.096  1.00 84.72 ? 241 ILE A C     1 
ATOM   322  O O     . ILE B 2 21  ? 9.480   -10.165 -4.215  1.00 85.15 ? 241 ILE A O     1 
ATOM   323  C CB    . ILE B 2 21  ? 6.996   -9.775  -6.140  1.00 82.67 ? 241 ILE A CB    1 
ATOM   324  C CG1   . ILE B 2 21  ? 6.975   -8.744  -5.011  1.00 81.66 ? 241 ILE A CG1   1 
ATOM   325  C CG2   . ILE B 2 21  ? 6.108   -10.967 -5.814  1.00 82.24 ? 241 ILE A CG2   1 
ATOM   326  C CD1   . ILE B 2 21  ? 5.629   -8.145  -4.760  1.00 82.39 ? 241 ILE A CD1   1 
ATOM   327  N N     . ASP B 2 22  ? 8.882   -12.185 -5.006  1.00 86.29 ? 242 ASP A N     1 
ATOM   328  C CA    . ASP B 2 22  ? 9.351   -12.911 -3.833  1.00 87.25 ? 242 ASP A CA    1 
ATOM   329  C C     . ASP B 2 22  ? 10.732  -13.510 -4.045  1.00 86.99 ? 242 ASP A C     1 
ATOM   330  O O     . ASP B 2 22  ? 11.056  -14.559 -3.494  1.00 86.30 ? 242 ASP A O     1 
ATOM   331  C CB    . ASP B 2 22  ? 8.351   -14.010 -3.478  1.00 88.44 ? 242 ASP A CB    1 
ATOM   332  C CG    . ASP B 2 22  ? 7.071   -13.456 -2.890  1.00 89.82 ? 242 ASP A CG    1 
ATOM   333  O OD1   . ASP B 2 22  ? 6.053   -14.182 -2.878  1.00 90.72 ? 242 ASP A OD1   1 
ATOM   334  O OD2   . ASP B 2 22  ? 7.086   -12.294 -2.428  1.00 90.52 ? 242 ASP A OD2   1 
ATOM   335  N N     . GLU B 2 23  ? 11.541  -12.833 -4.848  1.00 87.05 ? 243 GLU A N     1 
ATOM   336  C CA    . GLU B 2 23  ? 12.892  -13.290 -5.139  1.00 87.22 ? 243 GLU A CA    1 
ATOM   337  C C     . GLU B 2 23  ? 13.796  -12.080 -4.965  1.00 86.78 ? 243 GLU A C     1 
ATOM   338  O O     . GLU B 2 23  ? 14.960  -12.193 -4.577  1.00 86.45 ? 243 GLU A O     1 
ATOM   339  C CB    . GLU B 2 23  ? 12.954  -13.817 -6.572  1.00 88.04 ? 243 GLU A CB    1 
ATOM   340  C CG    . GLU B 2 23  ? 14.199  -14.614 -6.913  1.00 90.84 ? 243 GLU A CG    1 
ATOM   341  C CD    . GLU B 2 23  ? 14.111  -15.267 -8.288  1.00 93.05 ? 243 GLU A CD    1 
ATOM   342  O OE1   . GLU B 2 23  ? 13.989  -14.531 -9.293  1.00 93.97 ? 243 GLU A OE1   1 
ATOM   343  O OE2   . GLU B 2 23  ? 14.161  -16.517 -8.363  1.00 93.68 ? 243 GLU A OE2   1 
ATOM   344  N N     . GLN B 2 24  ? 13.226  -10.913 -5.247  1.00 86.41 ? 244 GLN A N     1 
ATOM   345  C CA    . GLN B 2 24  ? 13.928  -9.646  -5.128  1.00 84.76 ? 244 GLN A CA    1 
ATOM   346  C C     . GLN B 2 24  ? 13.347  -8.818  -3.996  1.00 83.00 ? 244 GLN A C     1 
ATOM   347  O O     . GLN B 2 24  ? 12.522  -7.929  -4.227  1.00 83.36 ? 244 GLN A O     1 
ATOM   348  C CB    . GLN B 2 24  ? 13.814  -8.836  -6.418  1.00 86.16 ? 244 GLN A CB    1 
ATOM   349  C CG    . GLN B 2 24  ? 14.780  -9.220  -7.519  1.00 88.16 ? 244 GLN A CG    1 
ATOM   350  C CD    . GLN B 2 24  ? 14.670  -8.283  -8.709  1.00 88.79 ? 244 GLN A CD    1 
ATOM   351  O OE1   . GLN B 2 24  ? 14.748  -7.063  -8.558  1.00 88.89 ? 244 GLN A OE1   1 
ATOM   352  N NE2   . GLN B 2 24  ? 14.484  -8.848  -9.900  1.00 89.30 ? 244 GLN A NE2   1 
ATOM   353  N N     . PRO B 2 25  ? 13.747  -9.110  -2.751  1.00 80.90 ? 245 PRO A N     1 
ATOM   354  C CA    . PRO B 2 25  ? 13.223  -8.333  -1.623  1.00 78.97 ? 245 PRO A CA    1 
ATOM   355  C C     . PRO B 2 25  ? 13.814  -6.916  -1.681  1.00 76.61 ? 245 PRO A C     1 
ATOM   356  O O     . PRO B 2 25  ? 13.974  -6.245  -0.658  1.00 76.48 ? 245 PRO A O     1 
ATOM   357  C CB    . PRO B 2 25  ? 13.708  -9.120  -0.407  1.00 79.18 ? 245 PRO A CB    1 
ATOM   358  C CG    . PRO B 2 25  ? 13.781  -10.533 -0.929  1.00 79.96 ? 245 PRO A CG    1 
ATOM   359  C CD    . PRO B 2 25  ? 14.418  -10.334 -2.281  1.00 80.00 ? 245 PRO A CD    1 
ATOM   360  N N     . LYS B 2 26  ? 14.134  -6.486  -2.900  1.00 73.23 ? 246 LYS A N     1 
ATOM   361  C CA    . LYS B 2 26  ? 14.714  -5.174  -3.170  1.00 68.77 ? 246 LYS A CA    1 
ATOM   362  C C     . LYS B 2 26  ? 13.642  -4.093  -3.179  1.00 64.22 ? 246 LYS A C     1 
ATOM   363  O O     . LYS B 2 26  ? 12.520  -4.319  -3.633  1.00 62.98 ? 246 LYS A O     1 
ATOM   364  C CB    . LYS B 2 26  ? 15.405  -5.179  -4.537  1.00 70.46 ? 246 LYS A CB    1 
ATOM   365  C CG    . LYS B 2 26  ? 16.300  -6.385  -4.806  1.00 72.30 ? 246 LYS A CG    1 
ATOM   366  C CD    . LYS B 2 26  ? 16.850  -6.352  -6.232  1.00 73.74 ? 246 LYS A CD    1 
ATOM   367  C CE    . LYS B 2 26  ? 17.734  -7.568  -6.524  1.00 75.11 ? 246 LYS A CE    1 
ATOM   368  N NZ    . LYS B 2 26  ? 18.348  -7.528  -7.888  1.00 73.49 ? 246 LYS A NZ    1 
ATOM   369  N N     . PRO B 2 27  ? 13.974  -2.898  -2.674  1.00 60.77 ? 247 PRO A N     1 
ATOM   370  C CA    . PRO B 2 27  ? 12.978  -1.828  -2.671  1.00 57.60 ? 247 PRO A CA    1 
ATOM   371  C C     . PRO B 2 27  ? 12.730  -1.421  -4.121  1.00 55.28 ? 247 PRO A C     1 
ATOM   372  O O     . PRO B 2 27  ? 13.291  -2.006  -5.048  1.00 55.92 ? 247 PRO A O     1 
ATOM   373  C CB    . PRO B 2 27  ? 13.664  -0.716  -1.881  1.00 57.61 ? 247 PRO A CB    1 
ATOM   374  C CG    . PRO B 2 27  ? 14.643  -1.440  -1.023  1.00 58.03 ? 247 PRO A CG    1 
ATOM   375  C CD    . PRO B 2 27  ? 15.189  -2.477  -1.959  1.00 59.36 ? 247 PRO A CD    1 
ATOM   376  N N     . LEU B 2 28  ? 11.892  -0.414  -4.317  1.00 51.83 ? 248 LEU A N     1 
ATOM   377  C CA    . LEU B 2 28  ? 11.607  0.058   -5.657  1.00 47.06 ? 248 LEU A CA    1 
ATOM   378  C C     . LEU B 2 28  ? 12.559  1.182   -6.090  1.00 45.36 ? 248 LEU A C     1 
ATOM   379  O O     . LEU B 2 28  ? 13.012  1.989   -5.271  1.00 43.17 ? 248 LEU A O     1 
ATOM   380  C CB    . LEU B 2 28  ? 10.164  0.555   -5.736  1.00 43.07 ? 248 LEU A CB    1 
ATOM   381  C CG    . LEU B 2 28  ? 9.072   -0.511  -5.715  1.00 42.14 ? 248 LEU A CG    1 
ATOM   382  C CD1   . LEU B 2 28  ? 7.696   0.160   -5.826  1.00 40.10 ? 248 LEU A CD1   1 
ATOM   383  C CD2   . LEU B 2 28  ? 9.288   -1.482  -6.862  1.00 37.81 ? 248 LEU A CD2   1 
ATOM   384  N N     . THR B 2 29  ? 12.872  1.217   -7.379  1.00 43.18 ? 249 THR A N     1 
ATOM   385  C CA    . THR B 2 29  ? 13.722  2.274   -7.905  1.00 43.01 ? 249 THR A CA    1 
ATOM   386  C C     . THR B 2 29  ? 12.832  3.518   -7.977  1.00 42.41 ? 249 THR A C     1 
ATOM   387  O O     . THR B 2 29  ? 11.603  3.407   -7.927  1.00 41.63 ? 249 THR A O     1 
ATOM   388  C CB    . THR B 2 29  ? 14.234  1.937   -9.326  1.00 43.99 ? 249 THR A CB    1 
ATOM   389  O OG1   . THR B 2 29  ? 13.135  1.927   -10.250 1.00 43.31 ? 249 THR A OG1   1 
ATOM   390  C CG2   . THR B 2 29  ? 14.902  0.569   -9.344  1.00 43.10 ? 249 THR A CG2   1 
ATOM   391  N N     . ASP B 2 30  ? 13.438  4.696   -8.084  1.00 41.87 ? 250 ASP A N     1 
ATOM   392  C CA    . ASP B 2 30  ? 12.659  5.926   -8.173  1.00 41.52 ? 250 ASP A CA    1 
ATOM   393  C C     . ASP B 2 30  ? 11.855  5.868   -9.454  1.00 39.85 ? 250 ASP A C     1 
ATOM   394  O O     . ASP B 2 30  ? 10.718  6.356   -9.535  1.00 39.07 ? 250 ASP A O     1 
ATOM   395  C CB    . ASP B 2 30  ? 13.580  7.136   -8.181  1.00 43.78 ? 250 ASP A CB    1 
ATOM   396  C CG    . ASP B 2 30  ? 14.301  7.315   -6.861  1.00 48.32 ? 250 ASP A CG    1 
ATOM   397  O OD1   . ASP B 2 30  ? 13.619  7.645   -5.863  1.00 48.21 ? 250 ASP A OD1   1 
ATOM   398  O OD2   . ASP B 2 30  ? 15.539  7.111   -6.818  1.00 49.56 ? 250 ASP A OD2   1 
ATOM   399  N N     . SER B 2 31  ? 12.455  5.226   -10.445 1.00 37.14 ? 251 SER A N     1 
ATOM   400  C CA    . SER B 2 31  ? 11.841  5.052   -11.739 1.00 35.28 ? 251 SER A CA    1 
ATOM   401  C C     . SER B 2 31  ? 10.609  4.160   -11.581 1.00 35.70 ? 251 SER A C     1 
ATOM   402  O O     . SER B 2 31  ? 9.524   4.470   -12.080 1.00 36.45 ? 251 SER A O     1 
ATOM   403  C CB    . SER B 2 31  ? 12.860  4.410   -12.673 1.00 35.23 ? 251 SER A CB    1 
ATOM   404  O OG    . SER B 2 31  ? 12.382  4.300   -13.989 1.00 34.72 ? 251 SER A OG    1 
ATOM   405  N N     . GLN B 2 32  ? 10.773  3.058   -10.860 1.00 36.07 ? 252 GLN A N     1 
ATOM   406  C CA    . GLN B 2 32  ? 9.673   2.123   -10.649 1.00 36.43 ? 252 GLN A CA    1 
ATOM   407  C C     . GLN B 2 32  ? 8.530   2.722   -9.835  1.00 35.84 ? 252 GLN A C     1 
ATOM   408  O O     . GLN B 2 32  ? 7.359   2.508   -10.148 1.00 35.49 ? 252 GLN A O     1 
ATOM   409  C CB    . GLN B 2 32  ? 10.188  0.862   -9.963  1.00 37.68 ? 252 GLN A CB    1 
ATOM   410  C CG    . GLN B 2 32  ? 11.186  0.082   -10.798 1.00 40.46 ? 252 GLN A CG    1 
ATOM   411  C CD    . GLN B 2 32  ? 11.809  -1.087  -10.038 1.00 42.15 ? 252 GLN A CD    1 
ATOM   412  O OE1   . GLN B 2 32  ? 12.442  -0.908  -8.983  1.00 39.89 ? 252 GLN A OE1   1 
ATOM   413  N NE2   . GLN B 2 32  ? 11.632  -2.293  -10.575 1.00 40.50 ? 252 GLN A NE2   1 
ATOM   414  N N     . ARG B 2 33  ? 8.873   3.467   -8.790  1.00 35.21 ? 253 ARG A N     1 
ATOM   415  C CA    . ARG B 2 33  ? 7.868   4.089   -7.942  1.00 34.65 ? 253 ARG A CA    1 
ATOM   416  C C     . ARG B 2 33  ? 7.044   5.070   -8.753  1.00 36.54 ? 253 ARG A C     1 
ATOM   417  O O     . ARG B 2 33  ? 5.817   5.083   -8.651  1.00 36.61 ? 253 ARG A O     1 
ATOM   418  C CB    . ARG B 2 33  ? 8.532   4.812   -6.768  1.00 34.72 ? 253 ARG A CB    1 
ATOM   419  C CG    . ARG B 2 33  ? 7.579   5.625   -5.901  1.00 35.92 ? 253 ARG A CG    1 
ATOM   420  C CD    . ARG B 2 33  ? 8.273   6.143   -4.643  1.00 35.57 ? 253 ARG A CD    1 
ATOM   421  N NE    . ARG B 2 33  ? 9.581   6.702   -4.954  1.00 36.80 ? 253 ARG A NE    1 
ATOM   422  C CZ    . ARG B 2 33  ? 9.771   7.796   -5.682  1.00 38.77 ? 253 ARG A CZ    1 
ATOM   423  N NH1   . ARG B 2 33  ? 11.005  8.225   -5.925  1.00 38.11 ? 253 ARG A NH1   1 
ATOM   424  N NH2   . ARG B 2 33  ? 8.727   8.468   -6.153  1.00 38.54 ? 253 ARG A NH2   1 
ATOM   425  N N     . VAL B 2 34  ? 7.718   5.891   -9.561  1.00 37.64 ? 254 VAL A N     1 
ATOM   426  C CA    . VAL B 2 34  ? 7.028   6.873   -10.398 1.00 37.26 ? 254 VAL A CA    1 
ATOM   427  C C     . VAL B 2 34  ? 6.107   6.185   -11.400 1.00 38.17 ? 254 VAL A C     1 
ATOM   428  O O     . VAL B 2 34  ? 4.998   6.665   -11.661 1.00 38.65 ? 254 VAL A O     1 
ATOM   429  C CB    . VAL B 2 34  ? 8.020   7.774   -11.178 1.00 36.43 ? 254 VAL A CB    1 
ATOM   430  C CG1   . VAL B 2 34  ? 7.295   8.472   -12.319 1.00 34.13 ? 254 VAL A CG1   1 
ATOM   431  C CG2   . VAL B 2 34  ? 8.621   8.823   -10.241 1.00 33.45 ? 254 VAL A CG2   1 
ATOM   432  N N     . ARG B 2 35  ? 6.560   5.068   -11.965 1.00 37.96 ? 255 ARG A N     1 
ATOM   433  C CA    . ARG B 2 35  ? 5.741   4.337   -12.929 1.00 36.76 ? 255 ARG A CA    1 
ATOM   434  C C     . ARG B 2 35  ? 4.542   3.691   -12.250 1.00 34.69 ? 255 ARG A C     1 
ATOM   435  O O     . ARG B 2 35  ? 3.449   3.636   -12.818 1.00 36.25 ? 255 ARG A O     1 
ATOM   436  C CB    . ARG B 2 35  ? 6.562   3.263   -13.632 1.00 38.30 ? 255 ARG A CB    1 
ATOM   437  C CG    . ARG B 2 35  ? 7.175   3.713   -14.940 1.00 43.22 ? 255 ARG A CG    1 
ATOM   438  C CD    . ARG B 2 35  ? 7.882   2.552   -15.612 1.00 44.70 ? 255 ARG A CD    1 
ATOM   439  N NE    . ARG B 2 35  ? 9.128   2.235   -14.928 1.00 47.64 ? 255 ARG A NE    1 
ATOM   440  C CZ    . ARG B 2 35  ? 9.621   1.010   -14.813 1.00 48.16 ? 255 ARG A CZ    1 
ATOM   441  N NH1   . ARG B 2 35  ? 8.957   -0.014  -15.339 1.00 48.07 ? 255 ARG A NH1   1 
ATOM   442  N NH2   . ARG B 2 35  ? 10.776  0.815   -14.182 1.00 46.39 ? 255 ARG A NH2   1 
ATOM   443  N N     . PHE B 2 36  ? 4.749   3.196   -11.038 1.00 29.28 ? 256 PHE A N     1 
ATOM   444  C CA    . PHE B 2 36  ? 3.672   2.567   -10.302 1.00 27.29 ? 256 PHE A CA    1 
ATOM   445  C C     . PHE B 2 36  ? 2.660   3.621   -9.819  1.00 27.59 ? 256 PHE A C     1 
ATOM   446  O O     . PHE B 2 36  ? 1.449   3.417   -9.926  1.00 28.06 ? 256 PHE A O     1 
ATOM   447  C CB    . PHE B 2 36  ? 4.251   1.800   -9.113  1.00 25.39 ? 256 PHE A CB    1 
ATOM   448  C CG    . PHE B 2 36  ? 3.215   1.233   -8.186  1.00 24.47 ? 256 PHE A CG    1 
ATOM   449  C CD1   . PHE B 2 36  ? 3.284   1.474   -6.817  1.00 24.94 ? 256 PHE A CD1   1 
ATOM   450  C CD2   . PHE B 2 36  ? 2.180   0.444   -8.670  1.00 22.67 ? 256 PHE A CD2   1 
ATOM   451  C CE1   . PHE B 2 36  ? 2.333   0.928   -5.955  1.00 25.93 ? 256 PHE A CE1   1 
ATOM   452  C CE2   . PHE B 2 36  ? 1.232   -0.100  -7.809  1.00 19.72 ? 256 PHE A CE2   1 
ATOM   453  C CZ    . PHE B 2 36  ? 1.308   0.138   -6.465  1.00 20.32 ? 256 PHE A CZ    1 
ATOM   454  N N     . THR B 2 37  ? 3.159   4.741   -9.297  1.00 25.59 ? 257 THR A N     1 
ATOM   455  C CA    . THR B 2 37  ? 2.304   5.808   -8.792  1.00 26.20 ? 257 THR A CA    1 
ATOM   456  C C     . THR B 2 37  ? 1.299   6.292   -9.824  1.00 29.13 ? 257 THR A C     1 
ATOM   457  O O     . THR B 2 37  ? 0.116   6.452   -9.516  1.00 30.70 ? 257 THR A O     1 
ATOM   458  C CB    . THR B 2 37  ? 3.129   7.018   -8.324  1.00 24.74 ? 257 THR A CB    1 
ATOM   459  O OG1   . THR B 2 37  ? 4.054   6.610   -7.309  1.00 23.79 ? 257 THR A OG1   1 
ATOM   460  C CG2   . THR B 2 37  ? 2.223   8.081   -7.757  1.00 22.13 ? 257 THR A CG2   1 
ATOM   461  N N     . LYS B 2 38  ? 1.770   6.526   -11.044 1.00 30.52 ? 258 LYS A N     1 
ATOM   462  C CA    . LYS B 2 38  ? 0.907   6.990   -12.127 1.00 32.09 ? 258 LYS A CA    1 
ATOM   463  C C     . LYS B 2 38  ? -0.307  6.113   -12.338 1.00 32.38 ? 258 LYS A C     1 
ATOM   464  O O     . LYS B 2 38  ? -1.385  6.605   -12.669 1.00 33.55 ? 258 LYS A O     1 
ATOM   465  C CB    . LYS B 2 38  ? 1.675   7.042   -13.447 1.00 33.10 ? 258 LYS A CB    1 
ATOM   466  C CG    . LYS B 2 38  ? 2.464   8.311   -13.661 1.00 35.45 ? 258 LYS A CG    1 
ATOM   467  C CD    . LYS B 2 38  ? 3.255   8.224   -14.961 1.00 39.57 ? 258 LYS A CD    1 
ATOM   468  C CE    . LYS B 2 38  ? 4.070   9.479   -15.206 1.00 38.42 ? 258 LYS A CE    1 
ATOM   469  N NZ    . LYS B 2 38  ? 4.945   9.318   -16.397 1.00 40.54 ? 258 LYS A NZ    1 
ATOM   470  N N     . GLU B 2 39  ? -0.121  4.813   -12.150 1.00 32.40 ? 259 GLU A N     1 
ATOM   471  C CA    . GLU B 2 39  ? -1.184  3.844   -12.360 1.00 32.18 ? 259 GLU A CA    1 
ATOM   472  C C     . GLU B 2 39  ? -2.127  3.657   -11.193 1.00 31.65 ? 259 GLU A C     1 
ATOM   473  O O     . GLU B 2 39  ? -3.318  3.441   -11.382 1.00 30.84 ? 259 GLU A O     1 
ATOM   474  C CB    . GLU B 2 39  ? -0.572  2.493   -12.719 1.00 33.15 ? 259 GLU A CB    1 
ATOM   475  C CG    . GLU B 2 39  ? 0.374   2.577   -13.877 1.00 38.11 ? 259 GLU A CG    1 
ATOM   476  C CD    . GLU B 2 39  ? -0.299  3.091   -15.136 1.00 41.42 ? 259 GLU A CD    1 
ATOM   477  O OE1   . GLU B 2 39  ? 0.402   3.657   -16.004 1.00 44.27 ? 259 GLU A OE1   1 
ATOM   478  O OE2   . GLU B 2 39  ? -1.531  2.922   -15.268 1.00 45.67 ? 259 GLU A OE2   1 
ATOM   479  N N     . ILE B 2 40  ? -1.598  3.725   -9.981  1.00 31.09 ? 260 ILE A N     1 
ATOM   480  C CA    . ILE B 2 40  ? -2.438  3.512   -8.821  1.00 30.60 ? 260 ILE A CA    1 
ATOM   481  C C     . ILE B 2 40  ? -3.138  4.779   -8.357  1.00 31.75 ? 260 ILE A C     1 
ATOM   482  O O     . ILE B 2 40  ? -4.210  4.714   -7.765  1.00 33.59 ? 260 ILE A O     1 
ATOM   483  C CB    . ILE B 2 40  ? -1.624  2.896   -7.666  1.00 29.45 ? 260 ILE A CB    1 
ATOM   484  C CG1   . ILE B 2 40  ? -2.571  2.473   -6.547  1.00 28.39 ? 260 ILE A CG1   1 
ATOM   485  C CG2   . ILE B 2 40  ? -0.564  3.860   -7.186  1.00 28.77 ? 260 ILE A CG2   1 
ATOM   486  C CD1   . ILE B 2 40  ? -3.442  1.296   -6.922  1.00 24.75 ? 260 ILE A CD1   1 
ATOM   487  N N     . LYS B 2 41  ? -2.541  5.932   -8.633  1.00 32.87 ? 261 LYS A N     1 
ATOM   488  C CA    . LYS B 2 41  ? -3.136  7.198   -8.238  1.00 32.84 ? 261 LYS A CA    1 
ATOM   489  C C     . LYS B 2 41  ? -4.527  7.344   -8.869  1.00 32.06 ? 261 LYS A C     1 
ATOM   490  O O     . LYS B 2 41  ? -4.682  7.244   -10.083 1.00 31.79 ? 261 LYS A O     1 
ATOM   491  C CB    . LYS B 2 41  ? -2.235  8.349   -8.682  1.00 35.86 ? 261 LYS A CB    1 
ATOM   492  C CG    . LYS B 2 41  ? -2.558  9.681   -8.027  1.00 40.84 ? 261 LYS A CG    1 
ATOM   493  C CD    . LYS B 2 41  ? -1.621  10.803  -8.508  1.00 45.18 ? 261 LYS A CD    1 
ATOM   494  C CE    . LYS B 2 41  ? -0.172  10.551  -8.110  1.00 49.21 ? 261 LYS A CE    1 
ATOM   495  N NZ    . LYS B 2 41  ? 0.742   11.676  -8.497  1.00 51.15 ? 261 LYS A NZ    1 
ATOM   496  N N     . GLY B 2 42  ? -5.545  7.553   -8.045  1.00 31.02 ? 262 GLY A N     1 
ATOM   497  C CA    . GLY B 2 42  ? -6.885  7.718   -8.578  1.00 30.28 ? 262 GLY A CA    1 
ATOM   498  C C     . GLY B 2 42  ? -7.738  6.463   -8.593  1.00 29.73 ? 262 GLY A C     1 
ATOM   499  O O     . GLY B 2 42  ? -8.944  6.548   -8.796  1.00 30.16 ? 262 GLY A O     1 
ATOM   500  N N     . LEU B 2 43  ? -7.126  5.294   -8.418  1.00 28.43 ? 263 LEU A N     1 
ATOM   501  C CA    . LEU B 2 43  ? -7.899  4.053   -8.385  1.00 27.28 ? 263 LEU A CA    1 
ATOM   502  C C     . LEU B 2 43  ? -8.512  3.898   -6.996  1.00 26.61 ? 263 LEU A C     1 
ATOM   503  O O     . LEU B 2 43  ? -8.052  4.506   -6.033  1.00 26.48 ? 263 LEU A O     1 
ATOM   504  C CB    . LEU B 2 43  ? -7.015  2.834   -8.703  1.00 23.87 ? 263 LEU A CB    1 
ATOM   505  C CG    . LEU B 2 43  ? -6.504  2.734   -10.151 1.00 24.19 ? 263 LEU A CG    1 
ATOM   506  C CD1   . LEU B 2 43  ? -6.010  1.308   -10.438 1.00 15.15 ? 263 LEU A CD1   1 
ATOM   507  C CD2   . LEU B 2 43  ? -7.633  3.124   -11.124 1.00 17.55 ? 263 LEU A CD2   1 
ATOM   508  N N     . LYS B 2 44  ? -9.566  3.103   -6.899  1.00 28.49 ? 264 LYS A N     1 
ATOM   509  C CA    . LYS B 2 44  ? -10.217 2.879   -5.614  1.00 29.38 ? 264 LYS A CA    1 
ATOM   510  C C     . LYS B 2 44  ? -9.764  1.540   -5.042  1.00 28.17 ? 264 LYS A C     1 
ATOM   511  O O     . LYS B 2 44  ? -9.703  0.530   -5.765  1.00 24.66 ? 264 LYS A O     1 
ATOM   512  C CB    . LYS B 2 44  ? -11.744 2.873   -5.762  1.00 31.34 ? 264 LYS A CB    1 
ATOM   513  C CG    . LYS B 2 44  ? -12.467 2.618   -4.438  1.00 36.49 ? 264 LYS A CG    1 
ATOM   514  C CD    . LYS B 2 44  ? -13.973 2.488   -4.615  1.00 41.39 ? 264 LYS A CD    1 
ATOM   515  C CE    . LYS B 2 44  ? -14.613 3.800   -5.064  1.00 43.50 ? 264 LYS A CE    1 
ATOM   516  N NZ    . LYS B 2 44  ? -16.106 3.748   -5.043  1.00 42.27 ? 264 LYS A NZ    1 
ATOM   517  N N     . VAL B 2 45  ? -9.450  1.533   -3.749  1.00 25.32 ? 265 VAL A N     1 
ATOM   518  C CA    . VAL B 2 45  ? -9.024  0.292   -3.120  1.00 26.67 ? 265 VAL A CA    1 
ATOM   519  C C     . VAL B 2 45  ? -9.807  -0.095  -1.867  1.00 28.03 ? 265 VAL A C     1 
ATOM   520  O O     . VAL B 2 45  ? -10.396 0.753   -1.197  1.00 28.96 ? 265 VAL A O     1 
ATOM   521  C CB    . VAL B 2 45  ? -7.523  0.325   -2.761  1.00 24.50 ? 265 VAL A CB    1 
ATOM   522  C CG1   . VAL B 2 45  ? -6.710  0.485   -4.008  1.00 24.10 ? 265 VAL A CG1   1 
ATOM   523  C CG2   . VAL B 2 45  ? -7.237  1.448   -1.772  1.00 22.56 ? 265 VAL A CG2   1 
ATOM   524  N N     . GLU B 2 46  ? -9.802  -1.384  -1.555  1.00 29.22 ? 266 GLU A N     1 
ATOM   525  C CA    . GLU B 2 46  ? -10.490 -1.874  -0.368  1.00 32.33 ? 266 GLU A CA    1 
ATOM   526  C C     . GLU B 2 46  ? -9.519  -2.617  0.542   1.00 32.11 ? 266 GLU A C     1 
ATOM   527  O O     . GLU B 2 46  ? -8.735  -3.458  0.101   1.00 30.98 ? 266 GLU A O     1 
ATOM   528  C CB    . GLU B 2 46  ? -11.652 -2.804  -0.742  1.00 34.23 ? 266 GLU A CB    1 
ATOM   529  C CG    . GLU B 2 46  ? -11.243 -3.976  -1.627  1.00 39.59 ? 266 GLU A CG    1 
ATOM   530  C CD    . GLU B 2 46  ? -12.338 -5.026  -1.747  1.00 44.10 ? 266 GLU A CD    1 
ATOM   531  O OE1   . GLU B 2 46  ? -13.528 -4.638  -1.884  1.00 45.32 ? 266 GLU A OE1   1 
ATOM   532  O OE2   . GLU B 2 46  ? -12.002 -6.237  -1.718  1.00 43.97 ? 266 GLU A OE2   1 
ATOM   533  N N     . VAL B 2 47  ? -9.591  -2.275  1.818   1.00 33.48 ? 267 VAL A N     1 
ATOM   534  C CA    . VAL B 2 47  ? -8.767  -2.858  2.866   1.00 36.30 ? 267 VAL A CA    1 
ATOM   535  C C     . VAL B 2 47  ? -9.112  -4.342  3.088   1.00 37.76 ? 267 VAL A C     1 
ATOM   536  O O     . VAL B 2 47  ? -10.280 -4.721  2.993   1.00 38.75 ? 267 VAL A O     1 
ATOM   537  C CB    . VAL B 2 47  ? -8.977  -2.034  4.145   1.00 36.73 ? 267 VAL A CB    1 
ATOM   538  C CG1   . VAL B 2 47  ? -9.259  -2.939  5.331   1.00 36.39 ? 267 VAL A CG1   1 
ATOM   539  C CG2   . VAL B 2 47  ? -7.765  -1.141  4.368   1.00 37.99 ? 267 VAL A CG2   1 
ATOM   540  N N     . THR B 2 48  ? -8.109  -5.179  3.378   1.00 38.55 ? 268 THR A N     1 
ATOM   541  C CA    . THR B 2 48  ? -8.361  -6.613  3.577   1.00 40.65 ? 268 THR A CA    1 
ATOM   542  C C     . THR B 2 48  ? -7.974  -7.167  4.945   1.00 42.78 ? 268 THR A C     1 
ATOM   543  O O     . THR B 2 48  ? -8.200  -8.345  5.219   1.00 43.91 ? 268 THR A O     1 
ATOM   544  C CB    . THR B 2 48  ? -7.598  -7.490  2.570   1.00 41.09 ? 268 THR A CB    1 
ATOM   545  O OG1   . THR B 2 48  ? -6.206  -7.501  2.913   1.00 41.89 ? 268 THR A OG1   1 
ATOM   546  C CG2   . THR B 2 48  ? -7.784  -6.981  1.149   1.00 41.27 ? 268 THR A CG2   1 
ATOM   547  N N     . HIS B 2 49  ? -7.393  -6.327  5.797   1.00 43.11 ? 269 HIS A N     1 
ATOM   548  C CA    . HIS B 2 49  ? -6.951  -6.759  7.111   1.00 42.38 ? 269 HIS A CA    1 
ATOM   549  C C     . HIS B 2 49  ? -7.989  -6.628  8.221   1.00 43.85 ? 269 HIS A C     1 
ATOM   550  O O     . HIS B 2 49  ? -7.675  -6.855  9.389   1.00 43.19 ? 269 HIS A O     1 
ATOM   551  C CB    . HIS B 2 49  ? -5.705  -5.969  7.502   1.00 43.97 ? 269 HIS A CB    1 
ATOM   552  C CG    . HIS B 2 49  ? -5.963  -4.511  7.711   1.00 42.84 ? 269 HIS A CG    1 
ATOM   553  N ND1   . HIS B 2 49  ? -6.383  -3.679  6.696   1.00 42.27 ? 269 HIS A ND1   1 
ATOM   554  C CD2   . HIS B 2 49  ? -5.904  -3.747  8.827   1.00 42.38 ? 269 HIS A CD2   1 
ATOM   555  C CE1   . HIS B 2 49  ? -6.575  -2.464  7.180   1.00 43.29 ? 269 HIS A CE1   1 
ATOM   556  N NE2   . HIS B 2 49  ? -6.292  -2.478  8.470   1.00 42.96 ? 269 HIS A NE2   1 
ATOM   557  N N     . CYS B 2 50  ? -9.218  -6.266  7.874   1.00 43.93 ? 270 CYS A N     1 
ATOM   558  C CA    . CYS B 2 50  ? -10.248 -6.101  8.887   1.00 44.15 ? 270 CYS A CA    1 
ATOM   559  C C     . CYS B 2 50  ? -11.431 -7.025  8.721   1.00 44.77 ? 270 CYS A C     1 
ATOM   560  O O     . CYS B 2 50  ? -12.538 -6.699  9.132   1.00 45.09 ? 270 CYS A O     1 
ATOM   561  C CB    . CYS B 2 50  ? -10.733 -4.664  8.894   1.00 44.22 ? 270 CYS A CB    1 
ATOM   562  S SG    . CYS B 2 50  ? -9.403  -3.533  9.211   1.00 49.20 ? 270 CYS A SG    1 
ATOM   563  N N     . GLY B 2 51  ? -11.194 -8.182  8.125   1.00 46.55 ? 271 GLY A N     1 
ATOM   564  C CA    . GLY B 2 51  ? -12.268 -9.128  7.920   1.00 47.98 ? 271 GLY A CA    1 
ATOM   565  C C     . GLY B 2 51  ? -13.271 -8.662  6.882   1.00 49.54 ? 271 GLY A C     1 
ATOM   566  O O     . GLY B 2 51  ? -12.935 -8.454  5.709   1.00 50.66 ? 271 GLY A O     1 
ATOM   567  N N     . GLN B 2 52  ? -14.514 -8.498  7.318   1.00 49.67 ? 272 GLN A N     1 
ATOM   568  C CA    . GLN B 2 52  ? -15.576 -8.073  6.430   1.00 49.68 ? 272 GLN A CA    1 
ATOM   569  C C     . GLN B 2 52  ? -15.786 -6.566  6.438   1.00 47.75 ? 272 GLN A C     1 
ATOM   570  O O     . GLN B 2 52  ? -16.682 -6.042  5.765   1.00 46.39 ? 272 GLN A O     1 
ATOM   571  C CB    . GLN B 2 52  ? -16.865 -8.805  6.790   1.00 53.12 ? 272 GLN A CB    1 
ATOM   572  C CG    . GLN B 2 52  ? -16.909 -10.223 6.249   1.00 56.51 ? 272 GLN A CG    1 
ATOM   573  C CD    . GLN B 2 52  ? -16.923 -10.261 4.724   1.00 58.69 ? 272 GLN A CD    1 
ATOM   574  O OE1   . GLN B 2 52  ? -17.892 -9.827  4.085   1.00 57.15 ? 272 GLN A OE1   1 
ATOM   575  N NE2   . GLN B 2 52  ? -15.841 -10.778 4.133   1.00 59.73 ? 272 GLN A NE2   1 
ATOM   576  N N     . MET B 2 53  ? -14.965 -5.871  7.212   1.00 44.89 ? 273 MET A N     1 
ATOM   577  C CA    . MET B 2 53  ? -15.057 -4.425  7.247   1.00 45.87 ? 273 MET A CA    1 
ATOM   578  C C     . MET B 2 53  ? -14.101 -3.960  6.142   1.00 45.29 ? 273 MET A C     1 
ATOM   579  O O     . MET B 2 53  ? -13.004 -3.463  6.415   1.00 44.54 ? 273 MET A O     1 
ATOM   580  C CB    . MET B 2 53  ? -14.604 -3.886  8.601   1.00 46.64 ? 273 MET A CB    1 
ATOM   581  C CG    . MET B 2 53  ? -14.855 -2.404  8.755   1.00 49.54 ? 273 MET A CG    1 
ATOM   582  S SD    . MET B 2 53  ? -13.915 -1.693  10.108  1.00 52.31 ? 273 MET A SD    1 
ATOM   583  C CE    . MET B 2 53  ? -14.916 -2.280  11.495  1.00 56.47 ? 273 MET A CE    1 
ATOM   584  N N     . LYS B 2 54  ? -14.520 -4.152  4.893   1.00 43.03 ? 274 LYS A N     1 
ATOM   585  C CA    . LYS B 2 54  ? -13.703 -3.787  3.744   1.00 41.85 ? 274 LYS A CA    1 
ATOM   586  C C     . LYS B 2 54  ? -13.822 -2.313  3.373   1.00 39.43 ? 274 LYS A C     1 
ATOM   587  O O     . LYS B 2 54  ? -14.368 -1.962  2.329   1.00 38.71 ? 274 LYS A O     1 
ATOM   588  C CB    . LYS B 2 54  ? -14.083 -4.658  2.552   1.00 42.33 ? 274 LYS A CB    1 
ATOM   589  C CG    . LYS B 2 54  ? -13.872 -6.128  2.795   1.00 43.62 ? 274 LYS A CG    1 
ATOM   590  C CD    . LYS B 2 54  ? -14.273 -6.931  1.579   1.00 45.77 ? 274 LYS A CD    1 
ATOM   591  C CE    . LYS B 2 54  ? -14.001 -8.403  1.785   1.00 47.03 ? 274 LYS A CE    1 
ATOM   592  N NZ    . LYS B 2 54  ? -14.333 -9.188  0.565   1.00 47.93 ? 274 LYS A NZ    1 
ATOM   593  N N     . ARG B 2 55  ? -13.297 -1.458  4.236   1.00 36.42 ? 275 ARG A N     1 
ATOM   594  C CA    . ARG B 2 55  ? -13.349 -0.029  4.017   1.00 35.22 ? 275 ARG A CA    1 
ATOM   595  C C     . ARG B 2 55  ? -12.683 0.332   2.692   1.00 36.07 ? 275 ARG A C     1 
ATOM   596  O O     . ARG B 2 55  ? -11.612 -0.177  2.358   1.00 34.88 ? 275 ARG A O     1 
ATOM   597  C CB    . ARG B 2 55  ? -12.652 0.678   5.167   1.00 34.45 ? 275 ARG A CB    1 
ATOM   598  C CG    . ARG B 2 55  ? -12.872 2.160   5.197   1.00 34.01 ? 275 ARG A CG    1 
ATOM   599  C CD    . ARG B 2 55  ? -12.245 2.728   6.433   1.00 32.07 ? 275 ARG A CD    1 
ATOM   600  N NE    . ARG B 2 55  ? -12.530 4.146   6.593   1.00 32.64 ? 275 ARG A NE    1 
ATOM   601  C CZ    . ARG B 2 55  ? -12.202 4.831   7.680   1.00 33.30 ? 275 ARG A CZ    1 
ATOM   602  N NH1   . ARG B 2 55  ? -11.585 4.215   8.678   1.00 32.72 ? 275 ARG A NH1   1 
ATOM   603  N NH2   . ARG B 2 55  ? -12.490 6.122   7.779   1.00 35.23 ? 275 ARG A NH2   1 
ATOM   604  N N     . LYS B 2 56  ? -13.331 1.214   1.939   1.00 36.59 ? 276 LYS A N     1 
ATOM   605  C CA    . LYS B 2 56  ? -12.827 1.637   0.644   1.00 35.68 ? 276 LYS A CA    1 
ATOM   606  C C     . LYS B 2 56  ? -12.131 2.977   0.717   1.00 35.91 ? 276 LYS A C     1 
ATOM   607  O O     . LYS B 2 56  ? -12.569 3.880   1.428   1.00 36.51 ? 276 LYS A O     1 
ATOM   608  C CB    . LYS B 2 56  ? -13.967 1.749   -0.358  1.00 36.96 ? 276 LYS A CB    1 
ATOM   609  C CG    . LYS B 2 56  ? -14.677 0.449   -0.663  1.00 38.97 ? 276 LYS A CG    1 
ATOM   610  C CD    . LYS B 2 56  ? -15.624 0.637   -1.832  1.00 40.10 ? 276 LYS A CD    1 
ATOM   611  C CE    . LYS B 2 56  ? -16.252 -0.675  -2.233  1.00 45.29 ? 276 LYS A CE    1 
ATOM   612  N NZ    . LYS B 2 56  ? -16.851 -0.586  -3.604  1.00 52.08 ? 276 LYS A NZ    1 
ATOM   613  N N     . TYR B 2 57  ? -11.041 3.099   -0.029  1.00 35.05 ? 277 TYR A N     1 
ATOM   614  C CA    . TYR B 2 57  ? -10.290 4.342   -0.078  1.00 34.79 ? 277 TYR A CA    1 
ATOM   615  C C     . TYR B 2 57  ? -9.924  4.710   -1.515  1.00 34.67 ? 277 TYR A C     1 
ATOM   616  O O     . TYR B 2 57  ? -9.890  3.862   -2.422  1.00 35.57 ? 277 TYR A O     1 
ATOM   617  C CB    . TYR B 2 57  ? -8.996  4.237   0.720   1.00 34.62 ? 277 TYR A CB    1 
ATOM   618  C CG    . TYR B 2 57  ? -9.148  3.950   2.186   1.00 35.57 ? 277 TYR A CG    1 
ATOM   619  C CD1   . TYR B 2 57  ? -9.278  2.645   2.650   1.00 35.06 ? 277 TYR A CD1   1 
ATOM   620  C CD2   . TYR B 2 57  ? -9.088  4.985   3.126   1.00 38.06 ? 277 TYR A CD2   1 
ATOM   621  C CE1   . TYR B 2 57  ? -9.331  2.372   4.010   1.00 35.93 ? 277 TYR A CE1   1 
ATOM   622  C CE2   . TYR B 2 57  ? -9.143  4.728   4.495   1.00 35.69 ? 277 TYR A CE2   1 
ATOM   623  C CZ    . TYR B 2 57  ? -9.259  3.420   4.928   1.00 37.89 ? 277 TYR A CZ    1 
ATOM   624  O OH    . TYR B 2 57  ? -9.275  3.153   6.279   1.00 41.44 ? 277 TYR A OH    1 
ATOM   625  N N     . ARG B 2 58  ? -9.650  5.990   -1.710  1.00 33.77 ? 278 ARG A N     1 
ATOM   626  C CA    . ARG B 2 58  ? -9.245  6.487   -3.008  1.00 33.18 ? 278 ARG A CA    1 
ATOM   627  C C     . ARG B 2 58  ? -7.753  6.699   -2.872  1.00 32.50 ? 278 ARG A C     1 
ATOM   628  O O     . ARG B 2 58  ? -7.298  7.423   -1.990  1.00 33.59 ? 278 ARG A O     1 
ATOM   629  C CB    . ARG B 2 58  ? -9.919  7.820   -3.313  1.00 33.55 ? 278 ARG A CB    1 
ATOM   630  C CG    . ARG B 2 58  ? -9.375  8.503   -4.554  1.00 34.79 ? 278 ARG A CG    1 
ATOM   631  C CD    . ARG B 2 58  ? -9.792  7.752   -5.812  1.00 35.47 ? 278 ARG A CD    1 
ATOM   632  N NE    . ARG B 2 58  ? -11.245 7.739   -5.968  1.00 33.67 ? 278 ARG A NE    1 
ATOM   633  C CZ    . ARG B 2 58  ? -11.896 6.968   -6.835  1.00 35.74 ? 278 ARG A CZ    1 
ATOM   634  N NH1   . ARG B 2 58  ? -11.227 6.142   -7.629  1.00 31.40 ? 278 ARG A NH1   1 
ATOM   635  N NH2   . ARG B 2 58  ? -13.223 7.019   -6.901  1.00 35.90 ? 278 ARG A NH2   1 
ATOM   636  N N     . VAL B 2 59  ? -6.978  6.046   -3.715  1.00 32.16 ? 279 VAL A N     1 
ATOM   637  C CA    . VAL B 2 59  ? -5.549  6.215   -3.637  1.00 34.20 ? 279 VAL A CA    1 
ATOM   638  C C     . VAL B 2 59  ? -5.202  7.588   -4.192  1.00 35.66 ? 279 VAL A C     1 
ATOM   639  O O     . VAL B 2 59  ? -5.551  7.899   -5.324  1.00 36.67 ? 279 VAL A O     1 
ATOM   640  C CB    . VAL B 2 59  ? -4.830  5.152   -4.463  1.00 33.98 ? 279 VAL A CB    1 
ATOM   641  C CG1   . VAL B 2 59  ? -3.325  5.386   -4.409  1.00 34.45 ? 279 VAL A CG1   1 
ATOM   642  C CG2   . VAL B 2 59  ? -5.182  3.777   -3.940  1.00 32.60 ? 279 VAL A CG2   1 
ATOM   643  N N     . CYS B 2 60  ? -4.536  8.423   -3.402  1.00 36.74 ? 280 CYS A N     1 
ATOM   644  C CA    . CYS B 2 60  ? -4.170  9.740   -3.910  1.00 37.85 ? 280 CYS A CA    1 
ATOM   645  C C     . CYS B 2 60  ? -2.668  9.878   -4.163  1.00 37.71 ? 280 CYS A C     1 
ATOM   646  O O     . CYS B 2 60  ? -2.232  10.833  -4.811  1.00 38.62 ? 280 CYS A O     1 
ATOM   647  C CB    . CYS B 2 60  ? -4.658  10.848  -2.968  1.00 38.40 ? 280 CYS A CB    1 
ATOM   648  S SG    . CYS B 2 60  ? -3.832  10.949  -1.381  1.00 44.08 ? 280 CYS A SG    1 
ATOM   649  N N     . ASN B 2 61  ? -1.875  8.926   -3.672  1.00 36.33 ? 281 ASN A N     1 
ATOM   650  C CA    . ASN B 2 61  ? -0.431  8.983   -3.890  1.00 36.11 ? 281 ASN A CA    1 
ATOM   651  C C     . ASN B 2 61  ? 0.296   7.736   -3.377  1.00 35.50 ? 281 ASN A C     1 
ATOM   652  O O     . ASN B 2 61  ? -0.319  6.876   -2.756  1.00 35.55 ? 281 ASN A O     1 
ATOM   653  C CB    . ASN B 2 61  ? 0.128   10.236  -3.214  1.00 35.81 ? 281 ASN A CB    1 
ATOM   654  C CG    . ASN B 2 61  ? 1.336   10.810  -3.939  1.00 35.93 ? 281 ASN A CG    1 
ATOM   655  O OD1   . ASN B 2 61  ? 1.775   11.912  -3.635  1.00 37.24 ? 281 ASN A OD1   1 
ATOM   656  N ND2   . ASN B 2 61  ? 1.873   10.068  -4.896  1.00 34.01 ? 281 ASN A ND2   1 
ATOM   657  N N     . VAL B 2 62  ? 1.593   7.633   -3.668  1.00 35.54 ? 282 VAL A N     1 
ATOM   658  C CA    . VAL B 2 62  ? 2.424   6.518   -3.200  1.00 36.69 ? 282 VAL A CA    1 
ATOM   659  C C     . VAL B 2 62  ? 3.584   7.127   -2.420  1.00 38.42 ? 282 VAL A C     1 
ATOM   660  O O     . VAL B 2 62  ? 4.225   8.071   -2.892  1.00 40.36 ? 282 VAL A O     1 
ATOM   661  C CB    . VAL B 2 62  ? 3.013   5.680   -4.360  1.00 36.25 ? 282 VAL A CB    1 
ATOM   662  C CG1   . VAL B 2 62  ? 3.968   4.620   -3.804  1.00 37.24 ? 282 VAL A CG1   1 
ATOM   663  C CG2   . VAL B 2 62  ? 1.907   4.997   -5.131  1.00 36.16 ? 282 VAL A CG2   1 
ATOM   664  N N     . THR B 2 63  ? 3.858   6.601   -1.229  1.00 38.96 ? 283 THR A N     1 
ATOM   665  C CA    . THR B 2 63  ? 4.943   7.141   -0.410  1.00 38.61 ? 283 THR A CA    1 
ATOM   666  C C     . THR B 2 63  ? 6.307   6.851   -1.003  1.00 38.20 ? 283 THR A C     1 
ATOM   667  O O     . THR B 2 63  ? 6.467   5.934   -1.806  1.00 39.07 ? 283 THR A O     1 
ATOM   668  C CB    . THR B 2 63  ? 4.928   6.564   1.029   1.00 40.15 ? 283 THR A CB    1 
ATOM   669  O OG1   . THR B 2 63  ? 5.127   5.142   0.987   1.00 41.61 ? 283 THR A OG1   1 
ATOM   670  C CG2   . THR B 2 63  ? 3.613   6.874   1.714   1.00 38.95 ? 283 THR A CG2   1 
ATOM   671  N N     . ARG B 2 64  ? 7.296   7.640   -0.610  1.00 38.54 ? 284 ARG A N     1 
ATOM   672  C CA    . ARG B 2 64  ? 8.654   7.424   -1.089  1.00 40.32 ? 284 ARG A CA    1 
ATOM   673  C C     . ARG B 2 64  ? 9.349   6.455   -0.144  1.00 41.22 ? 284 ARG A C     1 
ATOM   674  O O     . ARG B 2 64  ? 10.188  5.663   -0.563  1.00 42.58 ? 284 ARG A O     1 
ATOM   675  C CB    . ARG B 2 64  ? 9.444   8.737   -1.145  1.00 39.04 ? 284 ARG A CB    1 
ATOM   676  C CG    . ARG B 2 64  ? 9.043   9.640   -2.287  1.00 39.29 ? 284 ARG A CG    1 
ATOM   677  C CD    . ARG B 2 64  ? 9.997   10.807  -2.445  1.00 40.14 ? 284 ARG A CD    1 
ATOM   678  N NE    . ARG B 2 64  ? 9.601   11.657  -3.564  1.00 39.38 ? 284 ARG A NE    1 
ATOM   679  C CZ    . ARG B 2 64  ? 10.260  12.740  -3.952  1.00 37.72 ? 284 ARG A CZ    1 
ATOM   680  N NH1   . ARG B 2 64  ? 11.358  13.116  -3.316  1.00 39.25 ? 284 ARG A NH1   1 
ATOM   681  N NH2   . ARG B 2 64  ? 9.815   13.450  -4.975  1.00 39.36 ? 284 ARG A NH2   1 
ATOM   682  N N     . ARG B 2 65  ? 8.987   6.519   1.132   1.00 41.76 ? 285 ARG A N     1 
ATOM   683  C CA    . ARG B 2 65  ? 9.580   5.657   2.143   1.00 42.14 ? 285 ARG A CA    1 
ATOM   684  C C     . ARG B 2 65  ? 8.849   4.320   2.249   1.00 40.66 ? 285 ARG A C     1 
ATOM   685  O O     . ARG B 2 65  ? 7.636   4.247   2.055   1.00 39.32 ? 285 ARG A O     1 
ATOM   686  C CB    . ARG B 2 65  ? 9.568   6.381   3.484   1.00 43.17 ? 285 ARG A CB    1 
ATOM   687  C CG    . ARG B 2 65  ? 9.988   7.835   3.353   1.00 46.88 ? 285 ARG A CG    1 
ATOM   688  C CD    . ARG B 2 65  ? 10.306  8.455   4.702   1.00 50.54 ? 285 ARG A CD    1 
ATOM   689  N NE    . ARG B 2 65  ? 11.331  7.674   5.394   1.00 54.36 ? 285 ARG A NE    1 
ATOM   690  C CZ    . ARG B 2 65  ? 11.954  8.062   6.500   1.00 53.31 ? 285 ARG A CZ    1 
ATOM   691  N NH1   . ARG B 2 65  ? 11.659  9.238   7.049   1.00 51.65 ? 285 ARG A NH1   1 
ATOM   692  N NH2   . ARG B 2 65  ? 12.865  7.269   7.058   1.00 51.80 ? 285 ARG A NH2   1 
ATOM   693  N N     . PRO B 2 66  ? 9.585   3.237   2.553   1.00 41.12 ? 286 PRO A N     1 
ATOM   694  C CA    . PRO B 2 66  ? 8.950   1.924   2.669   1.00 40.25 ? 286 PRO A CA    1 
ATOM   695  C C     . PRO B 2 66  ? 8.099   1.884   3.926   1.00 40.81 ? 286 PRO A C     1 
ATOM   696  O O     . PRO B 2 66  ? 8.256   2.730   4.811   1.00 40.14 ? 286 PRO A O     1 
ATOM   697  C CB    . PRO B 2 66  ? 10.132  0.963   2.753   1.00 38.91 ? 286 PRO A CB    1 
ATOM   698  C CG    . PRO B 2 66  ? 11.302  1.758   2.248   1.00 40.34 ? 286 PRO A CG    1 
ATOM   699  C CD    . PRO B 2 66  ? 11.031  3.125   2.779   1.00 40.30 ? 286 PRO A CD    1 
ATOM   700  N N     . ALA B 2 67  ? 7.195   0.914   3.998   1.00 41.69 ? 287 ALA A N     1 
ATOM   701  C CA    . ALA B 2 67  ? 6.331   0.773   5.157   1.00 43.01 ? 287 ALA A CA    1 
ATOM   702  C C     . ALA B 2 67  ? 7.210   0.620   6.401   1.00 45.34 ? 287 ALA A C     1 
ATOM   703  O O     . ALA B 2 67  ? 6.842   1.026   7.502   1.00 43.55 ? 287 ALA A O     1 
ATOM   704  C CB    . ALA B 2 67  ? 5.443   -0.432  4.984   1.00 42.85 ? 287 ALA A CB    1 
ATOM   705  N N     . SER B 2 68  ? 8.388   0.036   6.211   1.00 48.31 ? 288 SER A N     1 
ATOM   706  C CA    . SER B 2 68  ? 9.318   -0.149  7.306   1.00 50.21 ? 288 SER A CA    1 
ATOM   707  C C     . SER B 2 68  ? 9.759   1.197   7.873   1.00 52.31 ? 288 SER A C     1 
ATOM   708  O O     . SER B 2 68  ? 10.031  1.301   9.062   1.00 54.12 ? 288 SER A O     1 
ATOM   709  C CB    . SER B 2 68  ? 10.543  -0.937  6.836   1.00 50.74 ? 288 SER A CB    1 
ATOM   710  O OG    . SER B 2 68  ? 11.304  -0.211  5.887   1.00 50.67 ? 288 SER A OG    1 
ATOM   711  N N     . HIS B 2 69  ? 9.813   2.233   7.038   1.00 54.34 ? 289 HIS A N     1 
ATOM   712  C CA    . HIS B 2 69  ? 10.245  3.548   7.504   1.00 55.00 ? 289 HIS A CA    1 
ATOM   713  C C     . HIS B 2 69  ? 9.213   4.667   7.479   1.00 55.76 ? 289 HIS A C     1 
ATOM   714  O O     . HIS B 2 69  ? 9.400   5.685   8.142   1.00 55.66 ? 289 HIS A O     1 
ATOM   715  C CB    . HIS B 2 69  ? 11.478  3.998   6.727   1.00 56.46 ? 289 HIS A CB    1 
ATOM   716  C CG    . HIS B 2 69  ? 12.678  3.143   6.969   1.00 58.35 ? 289 HIS A CG    1 
ATOM   717  N ND1   . HIS B 2 69  ? 12.733  1.817   6.592   1.00 58.13 ? 289 HIS A ND1   1 
ATOM   718  C CD2   . HIS B 2 69  ? 13.851  3.408   7.591   1.00 59.19 ? 289 HIS A CD2   1 
ATOM   719  C CE1   . HIS B 2 69  ? 13.888  1.303   6.974   1.00 59.37 ? 289 HIS A CE1   1 
ATOM   720  N NE2   . HIS B 2 69  ? 14.585  2.247   7.582   1.00 59.52 ? 289 HIS A NE2   1 
ATOM   721  N N     . GLN B 2 70  ? 8.137   4.502   6.718   1.00 56.52 ? 290 GLN A N     1 
ATOM   722  C CA    . GLN B 2 70  ? 7.116   5.547   6.673   1.00 57.42 ? 290 GLN A CA    1 
ATOM   723  C C     . GLN B 2 70  ? 6.567   5.785   8.073   1.00 58.18 ? 290 GLN A C     1 
ATOM   724  O O     . GLN B 2 70  ? 6.060   4.872   8.728   1.00 58.08 ? 290 GLN A O     1 
ATOM   725  C CB    . GLN B 2 70  ? 5.966   5.174   5.734   1.00 56.34 ? 290 GLN A CB    1 
ATOM   726  C CG    . GLN B 2 70  ? 4.927   6.282   5.624   1.00 54.79 ? 290 GLN A CG    1 
ATOM   727  C CD    . GLN B 2 70  ? 5.514   7.588   5.100   1.00 54.99 ? 290 GLN A CD    1 
ATOM   728  O OE1   . GLN B 2 70  ? 5.107   8.672   5.514   1.00 56.16 ? 290 GLN A OE1   1 
ATOM   729  N NE2   . GLN B 2 70  ? 6.467   7.489   4.178   1.00 53.73 ? 290 GLN A NE2   1 
ATOM   730  N N     . THR B 2 71  ? 6.664   7.026   8.521   1.00 59.07 ? 291 THR A N     1 
ATOM   731  C CA    . THR B 2 71  ? 6.209   7.388   9.848   1.00 59.96 ? 291 THR A CA    1 
ATOM   732  C C     . THR B 2 71  ? 4.953   8.244   9.818   1.00 60.42 ? 291 THR A C     1 
ATOM   733  O O     . THR B 2 71  ? 4.644   8.870   8.803   1.00 59.54 ? 291 THR A O     1 
ATOM   734  C CB    . THR B 2 71  ? 7.322   8.146   10.585  1.00 59.90 ? 291 THR A CB    1 
ATOM   735  O OG1   . THR B 2 71  ? 6.770   8.811   11.725  1.00 62.63 ? 291 THR A OG1   1 
ATOM   736  C CG2   . THR B 2 71  ? 7.977   9.163   9.657   1.00 58.73 ? 291 THR A CG2   1 
ATOM   737  N N     . PHE B 2 72  ? 4.226   8.258   10.934  1.00 61.07 ? 292 PHE A N     1 
ATOM   738  C CA    . PHE B 2 72  ? 3.008   9.061   11.042  1.00 62.42 ? 292 PHE A CA    1 
ATOM   739  C C     . PHE B 2 72  ? 2.641   9.375   12.504  1.00 63.69 ? 292 PHE A C     1 
ATOM   740  O O     . PHE B 2 72  ? 3.022   8.648   13.430  1.00 61.95 ? 292 PHE A O     1 
ATOM   741  C CB    . PHE B 2 72  ? 1.833   8.355   10.353  1.00 60.90 ? 292 PHE A CB    1 
ATOM   742  C CG    . PHE B 2 72  ? 1.323   7.160   11.101  1.00 60.60 ? 292 PHE A CG    1 
ATOM   743  C CD1   . PHE B 2 72  ? 2.023   5.962   11.091  1.00 59.65 ? 292 PHE A CD1   1 
ATOM   744  C CD2   . PHE B 2 72  ? 0.160   7.247   11.862  1.00 60.22 ? 292 PHE A CD2   1 
ATOM   745  C CE1   . PHE B 2 72  ? 1.574   4.864   11.831  1.00 59.51 ? 292 PHE A CE1   1 
ATOM   746  C CE2   . PHE B 2 72  ? -0.296  6.160   12.604  1.00 59.15 ? 292 PHE A CE2   1 
ATOM   747  C CZ    . PHE B 2 72  ? 0.413   4.966   12.588  1.00 58.95 ? 292 PHE A CZ    1 
ATOM   748  N N     . PRO B 2 73  ? 1.898   10.477  12.722  1.00 65.04 ? 293 PRO A N     1 
ATOM   749  C CA    . PRO B 2 73  ? 1.437   10.960  14.030  1.00 65.93 ? 293 PRO A CA    1 
ATOM   750  C C     . PRO B 2 73  ? 0.450   10.018  14.721  1.00 67.26 ? 293 PRO A C     1 
ATOM   751  O O     . PRO B 2 73  ? -0.760  10.115  14.508  1.00 67.39 ? 293 PRO A O     1 
ATOM   752  C CB    . PRO B 2 73  ? 0.784   12.300  13.690  1.00 66.06 ? 293 PRO A CB    1 
ATOM   753  C CG    . PRO B 2 73  ? 1.528   12.749  12.480  1.00 65.30 ? 293 PRO A CG    1 
ATOM   754  C CD    . PRO B 2 73  ? 1.613   11.478  11.679  1.00 65.37 ? 293 PRO A CD    1 
ATOM   755  N N     . LEU B 2 74  ? 0.967   9.118   15.551  1.00 68.77 ? 294 LEU A N     1 
ATOM   756  C CA    . LEU B 2 74  ? 0.126   8.164   16.272  1.00 70.32 ? 294 LEU A CA    1 
ATOM   757  C C     . LEU B 2 74  ? -0.201  8.651   17.688  1.00 71.64 ? 294 LEU A C     1 
ATOM   758  O O     . LEU B 2 74  ? 0.697   9.055   18.439  1.00 72.65 ? 294 LEU A O     1 
ATOM   759  C CB    . LEU B 2 74  ? 0.823   6.802   16.332  1.00 69.67 ? 294 LEU A CB    1 
ATOM   760  C CG    . LEU B 2 74  ? 0.119   5.681   17.104  1.00 70.34 ? 294 LEU A CG    1 
ATOM   761  C CD1   . LEU B 2 74  ? -1.342  5.586   16.692  1.00 69.97 ? 294 LEU A CD1   1 
ATOM   762  C CD2   . LEU B 2 74  ? 0.842   4.366   16.841  1.00 70.46 ? 294 LEU A CD2   1 
ATOM   763  N N     . GLN B 2 75  ? -1.485  8.611   18.048  1.00 71.39 ? 295 GLN A N     1 
ATOM   764  C CA    . GLN B 2 75  ? -1.935  9.059   19.365  1.00 71.95 ? 295 GLN A CA    1 
ATOM   765  C C     . GLN B 2 75  ? -1.982  7.928   20.388  1.00 72.75 ? 295 GLN A C     1 
ATOM   766  O O     . GLN B 2 75  ? -1.935  8.172   21.598  1.00 73.44 ? 295 GLN A O     1 
ATOM   767  C CB    . GLN B 2 75  ? -3.320  9.700   19.260  1.00 72.02 ? 295 GLN A CB    1 
ATOM   768  N N     . VAL B 2 82  ? 2.907   11.033  19.570  1.00 86.32 ? 302 VAL A N     1 
ATOM   769  C CA    . VAL B 2 82  ? 4.172   10.353  19.296  1.00 87.86 ? 302 VAL A CA    1 
ATOM   770  C C     . VAL B 2 82  ? 4.129   9.598   17.968  1.00 87.90 ? 302 VAL A C     1 
ATOM   771  O O     . VAL B 2 82  ? 3.191   8.842   17.701  1.00 88.06 ? 302 VAL A O     1 
ATOM   772  C CB    . VAL B 2 82  ? 4.527   9.346   20.412  1.00 88.39 ? 302 VAL A CB    1 
ATOM   773  C CG1   . VAL B 2 82  ? 4.570   10.056  21.754  1.00 89.10 ? 302 VAL A CG1   1 
ATOM   774  C CG2   . VAL B 2 82  ? 3.517   8.206   20.434  1.00 88.71 ? 302 VAL A CG2   1 
ATOM   775  N N     . GLU B 2 83  ? 5.156   9.791   17.145  1.00 87.12 ? 303 GLU A N     1 
ATOM   776  C CA    . GLU B 2 83  ? 5.216   9.141   15.844  1.00 86.26 ? 303 GLU A CA    1 
ATOM   777  C C     . GLU B 2 83  ? 5.551   7.657   15.854  1.00 84.30 ? 303 GLU A C     1 
ATOM   778  O O     . GLU B 2 83  ? 6.310   7.175   16.695  1.00 83.27 ? 303 GLU A O     1 
ATOM   779  C CB    . GLU B 2 83  ? 6.182   9.893   14.931  1.00 88.24 ? 303 GLU A CB    1 
ATOM   780  C CG    . GLU B 2 83  ? 5.513   11.068  14.238  1.00 92.25 ? 303 GLU A CG    1 
ATOM   781  C CD    . GLU B 2 83  ? 6.464   11.871  13.378  1.00 94.85 ? 303 GLU A CD    1 
ATOM   782  O OE1   . GLU B 2 83  ? 7.289   11.253  12.667  1.00 96.33 ? 303 GLU A OE1   1 
ATOM   783  O OE2   . GLU B 2 83  ? 6.373   13.120  13.407  1.00 96.22 ? 303 GLU A OE2   1 
ATOM   784  N N     . CYS B 2 84  ? 4.967   6.948   14.892  1.00 82.49 ? 304 CYS A N     1 
ATOM   785  C CA    . CYS B 2 84  ? 5.141   5.508   14.749  1.00 79.77 ? 304 CYS A CA    1 
ATOM   786  C C     . CYS B 2 84  ? 5.342   5.093   13.292  1.00 77.15 ? 304 CYS A C     1 
ATOM   787  O O     . CYS B 2 84  ? 5.115   5.871   12.366  1.00 77.56 ? 304 CYS A O     1 
ATOM   788  C CB    . CYS B 2 84  ? 3.909   4.792   15.318  1.00 80.74 ? 304 CYS A CB    1 
ATOM   789  S SG    . CYS B 2 84  ? 3.898   2.983   15.176  1.00 81.98 ? 304 CYS A SG    1 
ATOM   790  N N     . THR B 2 85  ? 5.768   3.853   13.109  1.00 73.66 ? 305 THR A N     1 
ATOM   791  C CA    . THR B 2 85  ? 5.992   3.290   11.791  1.00 71.33 ? 305 THR A CA    1 
ATOM   792  C C     . THR B 2 85  ? 4.777   2.459   11.377  1.00 70.96 ? 305 THR A C     1 
ATOM   793  O O     . THR B 2 85  ? 4.271   1.657   12.161  1.00 70.60 ? 305 THR A O     1 
ATOM   794  C CB    . THR B 2 85  ? 7.257   2.414   11.804  1.00 70.29 ? 305 THR A CB    1 
ATOM   795  O OG1   . THR B 2 85  ? 8.358   3.181   11.316  1.00 68.48 ? 305 THR A OG1   1 
ATOM   796  C CG2   . THR B 2 85  ? 7.083   1.171   10.957  1.00 70.42 ? 305 THR A CG2   1 
ATOM   797  N N     . VAL B 2 86  ? 4.314   2.646   10.144  1.00 70.18 ? 306 VAL A N     1 
ATOM   798  C CA    . VAL B 2 86  ? 3.151   1.905   9.667   1.00 69.82 ? 306 VAL A CA    1 
ATOM   799  C C     . VAL B 2 86  ? 3.335   0.396   9.790   1.00 69.49 ? 306 VAL A C     1 
ATOM   800  O O     . VAL B 2 86  ? 2.374   -0.322  10.051  1.00 70.30 ? 306 VAL A O     1 
ATOM   801  C CB    . VAL B 2 86  ? 2.807   2.247   8.190   1.00 69.63 ? 306 VAL A CB    1 
ATOM   802  C CG1   . VAL B 2 86  ? 2.686   3.753   8.017   1.00 69.44 ? 306 VAL A CG1   1 
ATOM   803  C CG2   . VAL B 2 86  ? 3.850   1.682   7.261   1.00 69.44 ? 306 VAL A CG2   1 
ATOM   804  N N     . ALA B 2 87  ? 4.562   -0.083  9.605   1.00 68.88 ? 307 ALA A N     1 
ATOM   805  C CA    . ALA B 2 87  ? 4.832   -1.513  9.711   1.00 69.36 ? 307 ALA A CA    1 
ATOM   806  C C     . ALA B 2 87  ? 4.578   -1.957  11.145  1.00 70.40 ? 307 ALA A C     1 
ATOM   807  O O     . ALA B 2 87  ? 4.005   -3.027  11.389  1.00 70.01 ? 307 ALA A O     1 
ATOM   808  C CB    . ALA B 2 87  ? 6.268   -1.807  9.320   1.00 68.77 ? 307 ALA A CB    1 
ATOM   809  N N     . GLN B 2 88  ? 5.012   -1.123  12.087  1.00 71.06 ? 308 GLN A N     1 
ATOM   810  C CA    . GLN B 2 88  ? 4.833   -1.383  13.508  1.00 71.74 ? 308 GLN A CA    1 
ATOM   811  C C     . GLN B 2 88  ? 3.353   -1.520  13.767  1.00 70.87 ? 308 GLN A C     1 
ATOM   812  O O     . GLN B 2 88  ? 2.897   -2.490  14.372  1.00 71.21 ? 308 GLN A O     1 
ATOM   813  C CB    . GLN B 2 88  ? 5.356   -0.212  14.340  1.00 74.18 ? 308 GLN A CB    1 
ATOM   814  C CG    . GLN B 2 88  ? 6.700   -0.441  15.015  1.00 77.44 ? 308 GLN A CG    1 
ATOM   815  C CD    . GLN B 2 88  ? 7.219   0.817   15.710  1.00 78.87 ? 308 GLN A CD    1 
ATOM   816  O OE1   . GLN B 2 88  ? 6.564   1.368   16.604  1.00 78.84 ? 308 GLN A OE1   1 
ATOM   817  N NE2   . GLN B 2 88  ? 8.402   1.276   15.298  1.00 77.76 ? 308 GLN A NE2   1 
ATOM   818  N N     . TYR B 2 89  ? 2.615   -0.521  13.294  1.00 69.00 ? 309 TYR A N     1 
ATOM   819  C CA    . TYR B 2 89  ? 1.175   -0.462  13.460  1.00 67.07 ? 309 TYR A CA    1 
ATOM   820  C C     . TYR B 2 89  ? 0.487   -1.785  13.144  1.00 66.36 ? 309 TYR A C     1 
ATOM   821  O O     . TYR B 2 89  ? -0.224  -2.331  13.981  1.00 65.97 ? 309 TYR A O     1 
ATOM   822  C CB    . TYR B 2 89  ? 0.601   0.636   12.573  1.00 66.72 ? 309 TYR A CB    1 
ATOM   823  C CG    . TYR B 2 89  ? -0.846  0.947   12.852  1.00 65.80 ? 309 TYR A CG    1 
ATOM   824  C CD1   . TYR B 2 89  ? -1.209  1.871   13.832  1.00 65.17 ? 309 TYR A CD1   1 
ATOM   825  C CD2   . TYR B 2 89  ? -1.859  0.298   12.152  1.00 66.36 ? 309 TYR A CD2   1 
ATOM   826  C CE1   . TYR B 2 89  ? -2.549  2.140   14.108  1.00 64.54 ? 309 TYR A CE1   1 
ATOM   827  C CE2   . TYR B 2 89  ? -3.200  0.556   12.422  1.00 66.13 ? 309 TYR A CE2   1 
ATOM   828  C CZ    . TYR B 2 89  ? -3.535  1.477   13.398  1.00 65.09 ? 309 TYR A CZ    1 
ATOM   829  O OH    . TYR B 2 89  ? -4.859  1.724   13.653  1.00 65.43 ? 309 TYR A OH    1 
ATOM   830  N N     . PHE B 2 90  ? 0.697   -2.310  11.942  1.00 65.42 ? 310 PHE A N     1 
ATOM   831  C CA    . PHE B 2 90  ? 0.051   -3.564  11.567  1.00 65.25 ? 310 PHE A CA    1 
ATOM   832  C C     . PHE B 2 90  ? 0.586   -4.781  12.314  1.00 67.69 ? 310 PHE A C     1 
ATOM   833  O O     . PHE B 2 90  ? 0.015   -5.867  12.239  1.00 67.44 ? 310 PHE A O     1 
ATOM   834  C CB    . PHE B 2 90  ? 0.136   -3.771  10.050  1.00 60.02 ? 310 PHE A CB    1 
ATOM   835  C CG    . PHE B 2 90  ? -0.824  -2.906  9.280   1.00 55.79 ? 310 PHE A CG    1 
ATOM   836  C CD1   . PHE B 2 90  ? -0.654  -1.526  9.231   1.00 53.17 ? 310 PHE A CD1   1 
ATOM   837  C CD2   . PHE B 2 90  ? -1.945  -3.462  8.669   1.00 54.49 ? 310 PHE A CD2   1 
ATOM   838  C CE1   . PHE B 2 90  ? -1.589  -0.712  8.593   1.00 51.58 ? 310 PHE A CE1   1 
ATOM   839  C CE2   . PHE B 2 90  ? -2.889  -2.653  8.028   1.00 52.64 ? 310 PHE A CE2   1 
ATOM   840  C CZ    . PHE B 2 90  ? -2.708  -1.275  7.993   1.00 50.39 ? 310 PHE A CZ    1 
ATOM   841  N N     . LYS B 2 91  ? 1.676   -4.590  13.049  1.00 70.70 ? 311 LYS A N     1 
ATOM   842  C CA    . LYS B 2 91  ? 2.272   -5.670  13.827  1.00 73.08 ? 311 LYS A CA    1 
ATOM   843  C C     . LYS B 2 91  ? 1.769   -5.553  15.267  1.00 74.37 ? 311 LYS A C     1 
ATOM   844  O O     . LYS B 2 91  ? 1.546   -6.555  15.950  1.00 74.38 ? 311 LYS A O     1 
ATOM   845  C CB    . LYS B 2 91  ? 3.799   -5.559  13.798  1.00 74.31 ? 311 LYS A CB    1 
ATOM   846  C CG    . LYS B 2 91  ? 4.552   -6.807  14.253  1.00 75.51 ? 311 LYS A CG    1 
ATOM   847  C CD    . LYS B 2 91  ? 4.456   -7.063  15.752  1.00 77.07 ? 311 LYS A CD    1 
ATOM   848  C CE    . LYS B 2 91  ? 5.241   -8.318  16.139  1.00 77.54 ? 311 LYS A CE    1 
ATOM   849  N NZ    . LYS B 2 91  ? 5.155   -8.636  17.596  1.00 76.64 ? 311 LYS A NZ    1 
ATOM   850  N N     . GLN B 2 92  ? 1.585   -4.318  15.719  1.00 74.40 ? 312 GLN A N     1 
ATOM   851  C CA    . GLN B 2 92  ? 1.120   -4.078  17.073  1.00 74.68 ? 312 GLN A CA    1 
ATOM   852  C C     . GLN B 2 92  ? -0.394  -4.197  17.154  1.00 74.01 ? 312 GLN A C     1 
ATOM   853  O O     . GLN B 2 92  ? -0.915  -5.056  17.860  1.00 75.35 ? 312 GLN A O     1 
ATOM   854  C CB    . GLN B 2 92  ? 1.570   -2.688  17.544  1.00 76.43 ? 312 GLN A CB    1 
ATOM   855  C CG    . GLN B 2 92  ? 3.049   -2.398  17.257  1.00 79.02 ? 312 GLN A CG    1 
ATOM   856  C CD    . GLN B 2 92  ? 3.563   -1.136  17.934  1.00 80.22 ? 312 GLN A CD    1 
ATOM   857  O OE1   . GLN B 2 92  ? 2.942   -0.072  17.857  1.00 80.73 ? 312 GLN A OE1   1 
ATOM   858  N NE2   . GLN B 2 92  ? 4.712   -1.249  18.596  1.00 80.56 ? 312 GLN A NE2   1 
ATOM   859  N N     . LYS B 2 93  ? -1.096  -3.350  16.408  1.00 73.23 ? 313 LYS A N     1 
ATOM   860  C CA    . LYS B 2 93  ? -2.557  -3.333  16.410  1.00 71.19 ? 313 LYS A CA    1 
ATOM   861  C C     . LYS B 2 93  ? -3.260  -4.507  15.739  1.00 69.45 ? 313 LYS A C     1 
ATOM   862  O O     . LYS B 2 93  ? -4.331  -4.915  16.182  1.00 70.28 ? 313 LYS A O     1 
ATOM   863  C CB    . LYS B 2 93  ? -3.067  -2.030  15.789  1.00 70.77 ? 313 LYS A CB    1 
ATOM   864  C CG    . LYS B 2 93  ? -4.578  -1.883  15.830  1.00 71.13 ? 313 LYS A CG    1 
ATOM   865  C CD    . LYS B 2 93  ? -4.981  -0.430  15.666  1.00 72.53 ? 313 LYS A CD    1 
ATOM   866  C CE    . LYS B 2 93  ? -6.479  -0.239  15.838  1.00 73.27 ? 313 LYS A CE    1 
ATOM   867  N NZ    . LYS B 2 93  ? -6.846  1.208   15.912  1.00 72.90 ? 313 LYS A NZ    1 
ATOM   868  N N     . TYR B 2 94  ? -2.678  -5.048  14.676  1.00 67.69 ? 314 TYR A N     1 
ATOM   869  C CA    . TYR B 2 94  ? -3.301  -6.167  13.973  1.00 66.49 ? 314 TYR A CA    1 
ATOM   870  C C     . TYR B 2 94  ? -2.476  -7.430  14.076  1.00 66.43 ? 314 TYR A C     1 
ATOM   871  O O     . TYR B 2 94  ? -2.883  -8.496  13.614  1.00 65.90 ? 314 TYR A O     1 
ATOM   872  C CB    . TYR B 2 94  ? -3.531  -5.806  12.505  1.00 64.57 ? 314 TYR A CB    1 
ATOM   873  C CG    . TYR B 2 94  ? -4.567  -4.732  12.360  1.00 63.11 ? 314 TYR A CG    1 
ATOM   874  C CD1   . TYR B 2 94  ? -5.900  -4.993  12.657  1.00 62.04 ? 314 TYR A CD1   1 
ATOM   875  C CD2   . TYR B 2 94  ? -4.211  -3.430  12.016  1.00 62.39 ? 314 TYR A CD2   1 
ATOM   876  C CE1   . TYR B 2 94  ? -6.850  -3.991  12.623  1.00 61.77 ? 314 TYR A CE1   1 
ATOM   877  C CE2   . TYR B 2 94  ? -5.159  -2.417  11.981  1.00 61.68 ? 314 TYR A CE2   1 
ATOM   878  C CZ    . TYR B 2 94  ? -6.475  -2.707  12.288  1.00 61.57 ? 314 TYR A CZ    1 
ATOM   879  O OH    . TYR B 2 94  ? -7.423  -1.714  12.276  1.00 62.43 ? 314 TYR A OH    1 
ATOM   880  N N     . ASN B 2 95  ? -1.311  -7.302  14.688  1.00 66.61 ? 315 ASN A N     1 
ATOM   881  C CA    . ASN B 2 95  ? -0.434  -8.437  14.856  1.00 66.87 ? 315 ASN A CA    1 
ATOM   882  C C     . ASN B 2 95  ? -0.222  -9.151  13.523  1.00 66.28 ? 315 ASN A C     1 
ATOM   883  O O     . ASN B 2 95  ? -0.595  -10.313 13.363  1.00 66.39 ? 315 ASN A O     1 
ATOM   884  C CB    . ASN B 2 95  ? -1.027  -9.399  15.888  1.00 68.07 ? 315 ASN A CB    1 
ATOM   885  C CG    . ASN B 2 95  ? -0.002  -10.374 16.430  1.00 70.16 ? 315 ASN A CG    1 
ATOM   886  O OD1   . ASN B 2 95  ? 0.512   -11.229 15.705  1.00 70.49 ? 315 ASN A OD1   1 
ATOM   887  N ND2   . ASN B 2 95  ? 0.309   -10.244 17.717  1.00 71.57 ? 315 ASN A ND2   1 
ATOM   888  N N     . LEU B 2 96  ? 0.357   -8.440  12.560  1.00 65.88 ? 316 LEU A N     1 
ATOM   889  C CA    . LEU B 2 96  ? 0.646   -9.030  11.259  1.00 65.34 ? 316 LEU A CA    1 
ATOM   890  C C     . LEU B 2 96  ? 1.935   -8.449  10.687  1.00 64.53 ? 316 LEU A C     1 
ATOM   891  O O     . LEU B 2 96  ? 1.988   -7.297  10.258  1.00 64.79 ? 316 LEU A O     1 
ATOM   892  C CB    . LEU B 2 96  ? -0.536  -8.838  10.283  1.00 65.65 ? 316 LEU A CB    1 
ATOM   893  C CG    . LEU B 2 96  ? -0.856  -7.556  9.499   1.00 65.63 ? 316 LEU A CG    1 
ATOM   894  C CD1   . LEU B 2 96  ? -0.047  -7.504  8.210   1.00 64.00 ? 316 LEU A CD1   1 
ATOM   895  C CD2   . LEU B 2 96  ? -2.342  -7.544  9.150   1.00 64.59 ? 316 LEU A CD2   1 
ATOM   896  N N     . GLN B 2 97  ? 2.991   -9.249  10.730  1.00 64.06 ? 317 GLN A N     1 
ATOM   897  C CA    . GLN B 2 97  ? 4.271   -8.820  10.197  1.00 63.68 ? 317 GLN A CA    1 
ATOM   898  C C     . GLN B 2 97  ? 4.025   -8.654  8.712   1.00 61.16 ? 317 GLN A C     1 
ATOM   899  O O     . GLN B 2 97  ? 3.477   -9.546  8.064   1.00 60.29 ? 317 GLN A O     1 
ATOM   900  C CB    . GLN B 2 97  ? 5.344   -9.891  10.429  1.00 66.69 ? 317 GLN A CB    1 
ATOM   901  C CG    . GLN B 2 97  ? 5.737   -10.113 11.887  1.00 70.80 ? 317 GLN A CG    1 
ATOM   902  C CD    . GLN B 2 97  ? 6.695   -9.054  12.413  1.00 73.13 ? 317 GLN A CD    1 
ATOM   903  O OE1   . GLN B 2 97  ? 6.373   -7.865  12.438  1.00 74.95 ? 317 GLN A OE1   1 
ATOM   904  N NE2   . GLN B 2 97  ? 7.883   -9.484  12.835  1.00 74.12 ? 317 GLN A NE2   1 
ATOM   905  N N     . LEU B 2 98  ? 4.414   -7.511  8.173   1.00 58.29 ? 318 LEU A N     1 
ATOM   906  C CA    . LEU B 2 98  ? 4.219   -7.266  6.756   1.00 56.91 ? 318 LEU A CA    1 
ATOM   907  C C     . LEU B 2 98  ? 5.161   -8.118  5.913   1.00 55.70 ? 318 LEU A C     1 
ATOM   908  O O     . LEU B 2 98  ? 6.334   -8.272  6.246   1.00 57.11 ? 318 LEU A O     1 
ATOM   909  C CB    . LEU B 2 98  ? 4.443   -5.781  6.458   1.00 56.01 ? 318 LEU A CB    1 
ATOM   910  C CG    . LEU B 2 98  ? 3.428   -4.862  7.132   1.00 55.58 ? 318 LEU A CG    1 
ATOM   911  C CD1   . LEU B 2 98  ? 3.879   -3.419  7.065   1.00 56.30 ? 318 LEU A CD1   1 
ATOM   912  C CD2   . LEU B 2 98  ? 2.088   -5.046  6.459   1.00 55.74 ? 318 LEU A CD2   1 
ATOM   913  N N     . LYS B 2 99  ? 4.645   -8.688  4.831   1.00 53.92 ? 319 LYS A N     1 
ATOM   914  C CA    . LYS B 2 99  ? 5.475   -9.489  3.938   1.00 53.10 ? 319 LYS A CA    1 
ATOM   915  C C     . LYS B 2 99  ? 6.447   -8.602  3.152   1.00 52.09 ? 319 LYS A C     1 
ATOM   916  O O     . LYS B 2 99  ? 7.552   -9.030  2.834   1.00 53.07 ? 319 LYS A O     1 
ATOM   917  C CB    . LYS B 2 99  ? 4.609   -10.273 2.946   1.00 54.56 ? 319 LYS A CB    1 
ATOM   918  C CG    . LYS B 2 99  ? 4.090   -11.600 3.458   1.00 55.20 ? 319 LYS A CG    1 
ATOM   919  C CD    . LYS B 2 99  ? 3.249   -12.317 2.403   1.00 56.72 ? 319 LYS A CD    1 
ATOM   920  C CE    . LYS B 2 99  ? 1.876   -11.673 2.238   1.00 56.97 ? 319 LYS A CE    1 
ATOM   921  N NZ    . LYS B 2 99  ? 1.041   -12.408 1.252   1.00 56.94 ? 319 LYS A NZ    1 
ATOM   922  N N     . TYR B 2 100 ? 6.029   -7.373  2.842   1.00 50.52 ? 320 TYR A N     1 
ATOM   923  C CA    . TYR B 2 100 ? 6.856   -6.442  2.071   1.00 48.56 ? 320 TYR A CA    1 
ATOM   924  C C     . TYR B 2 100 ? 7.032   -5.071  2.732   1.00 47.66 ? 320 TYR A C     1 
ATOM   925  O O     . TYR B 2 100 ? 6.545   -4.055  2.224   1.00 45.64 ? 320 TYR A O     1 
ATOM   926  C CB    . TYR B 2 100 ? 6.260   -6.239  0.672   1.00 48.77 ? 320 TYR A CB    1 
ATOM   927  C CG    . TYR B 2 100 ? 5.875   -7.518  -0.030  1.00 48.66 ? 320 TYR A CG    1 
ATOM   928  C CD1   . TYR B 2 100 ? 4.624   -8.103  0.180   1.00 49.05 ? 320 TYR A CD1   1 
ATOM   929  C CD2   . TYR B 2 100 ? 6.770   -8.164  -0.883  1.00 48.58 ? 320 TYR A CD2   1 
ATOM   930  C CE1   . TYR B 2 100 ? 4.277   -9.302  -0.444  1.00 48.43 ? 320 TYR A CE1   1 
ATOM   931  C CE2   . TYR B 2 100 ? 6.436   -9.364  -1.509  1.00 46.70 ? 320 TYR A CE2   1 
ATOM   932  C CZ    . TYR B 2 100 ? 5.193   -9.924  -1.283  1.00 48.15 ? 320 TYR A CZ    1 
ATOM   933  O OH    . TYR B 2 100 ? 4.871   -11.119 -1.876  1.00 49.00 ? 320 TYR A OH    1 
ATOM   934  N N     . PRO B 2 101 ? 7.746   -5.023  3.870   1.00 47.35 ? 321 PRO A N     1 
ATOM   935  C CA    . PRO B 2 101 ? 7.983   -3.767  4.591   1.00 46.22 ? 321 PRO A CA    1 
ATOM   936  C C     . PRO B 2 101 ? 8.885   -2.840  3.786   1.00 45.46 ? 321 PRO A C     1 
ATOM   937  O O     . PRO B 2 101 ? 9.014   -1.656  4.095   1.00 45.04 ? 321 PRO A O     1 
ATOM   938  C CB    . PRO B 2 101 ? 8.662   -4.228  5.881   1.00 45.89 ? 321 PRO A CB    1 
ATOM   939  C CG    . PRO B 2 101 ? 8.222   -5.655  6.027   1.00 45.92 ? 321 PRO A CG    1 
ATOM   940  C CD    . PRO B 2 101 ? 8.296   -6.163  4.621   1.00 46.28 ? 321 PRO A CD    1 
ATOM   941  N N     . HIS B 2 102 ? 9.506   -3.400  2.753   1.00 44.85 ? 322 HIS A N     1 
ATOM   942  C CA    . HIS B 2 102 ? 10.414  -2.662  1.877   1.00 45.05 ? 322 HIS A CA    1 
ATOM   943  C C     . HIS B 2 102 ? 9.726   -1.896  0.742   1.00 42.56 ? 322 HIS A C     1 
ATOM   944  O O     . HIS B 2 102 ? 10.312  -0.983  0.174   1.00 42.53 ? 322 HIS A O     1 
ATOM   945  C CB    . HIS B 2 102 ? 11.446  -3.620  1.289   1.00 46.55 ? 322 HIS A CB    1 
ATOM   946  C CG    . HIS B 2 102 ? 10.851  -4.876  0.734   1.00 49.13 ? 322 HIS A CG    1 
ATOM   947  N ND1   . HIS B 2 102 ? 10.923  -5.208  -0.602  1.00 49.34 ? 322 HIS A ND1   1 
ATOM   948  C CD2   . HIS B 2 102 ? 10.174  -5.882  1.337   1.00 49.08 ? 322 HIS A CD2   1 
ATOM   949  C CE1   . HIS B 2 102 ? 10.318  -6.365  -0.799  1.00 49.65 ? 322 HIS A CE1   1 
ATOM   950  N NE2   . HIS B 2 102 ? 9.854   -6.795  0.363   1.00 50.54 ? 322 HIS A NE2   1 
ATOM   951  N N     . LEU B 2 103 ? 8.497   -2.277  0.406   1.00 40.09 ? 323 LEU A N     1 
ATOM   952  C CA    . LEU B 2 103 ? 7.743   -1.593  -0.640  1.00 36.10 ? 323 LEU A CA    1 
ATOM   953  C C     . LEU B 2 103 ? 7.029   -0.404  0.000   1.00 35.40 ? 323 LEU A C     1 
ATOM   954  O O     . LEU B 2 103 ? 6.822   -0.376  1.205   1.00 34.99 ? 323 LEU A O     1 
ATOM   955  C CB    . LEU B 2 103 ? 6.728   -2.544  -1.277  1.00 32.54 ? 323 LEU A CB    1 
ATOM   956  C CG    . LEU B 2 103 ? 7.349   -3.791  -1.909  1.00 30.89 ? 323 LEU A CG    1 
ATOM   957  C CD1   . LEU B 2 103 ? 6.256   -4.705  -2.416  1.00 32.09 ? 323 LEU A CD1   1 
ATOM   958  C CD2   . LEU B 2 103 ? 8.285   -3.398  -3.031  1.00 29.21 ? 323 LEU A CD2   1 
ATOM   959  N N     . PRO B 2 104 ? 6.652   0.600   -0.800  1.00 35.02 ? 324 PRO A N     1 
ATOM   960  C CA    . PRO B 2 104 ? 5.968   1.777   -0.262  1.00 35.13 ? 324 PRO A CA    1 
ATOM   961  C C     . PRO B 2 104 ? 4.552   1.509   0.247   1.00 35.58 ? 324 PRO A C     1 
ATOM   962  O O     . PRO B 2 104 ? 4.021   0.404   0.130   1.00 35.84 ? 324 PRO A O     1 
ATOM   963  C CB    . PRO B 2 104 ? 5.945   2.737   -1.453  1.00 33.30 ? 324 PRO A CB    1 
ATOM   964  C CG    . PRO B 2 104 ? 7.065   2.285   -2.293  1.00 33.19 ? 324 PRO A CG    1 
ATOM   965  C CD    . PRO B 2 104 ? 6.975   0.800   -2.218  1.00 33.70 ? 324 PRO A CD    1 
ATOM   966  N N     . CYS B 2 105 ? 3.952   2.560   0.793   1.00 35.92 ? 325 CYS A N     1 
ATOM   967  C CA    . CYS B 2 105 ? 2.589   2.527   1.289   1.00 36.16 ? 325 CYS A CA    1 
ATOM   968  C C     . CYS B 2 105 ? 1.807   3.428   0.352   1.00 36.56 ? 325 CYS A C     1 
ATOM   969  O O     . CYS B 2 105 ? 2.379   4.299   -0.333  1.00 33.62 ? 325 CYS A O     1 
ATOM   970  C CB    . CYS B 2 105 ? 2.488   3.126   2.691   1.00 37.72 ? 325 CYS A CB    1 
ATOM   971  S SG    . CYS B 2 105 ? 3.567   2.378   3.898   1.00 43.60 ? 325 CYS A SG    1 
ATOM   972  N N     . LEU B 2 106 ? 0.496   3.215   0.327   1.00 35.56 ? 326 LEU A N     1 
ATOM   973  C CA    . LEU B 2 106 ? -0.383  4.026   -0.487  1.00 33.96 ? 326 LEU A CA    1 
ATOM   974  C C     . LEU B 2 106 ? -0.898  5.126   0.417   1.00 33.88 ? 326 LEU A C     1 
ATOM   975  O O     . LEU B 2 106 ? -1.045  4.923   1.623   1.00 33.02 ? 326 LEU A O     1 
ATOM   976  C CB    . LEU B 2 106 ? -1.582  3.214   -0.975  1.00 33.23 ? 326 LEU A CB    1 
ATOM   977  C CG    . LEU B 2 106 ? -1.397  2.036   -1.927  1.00 32.54 ? 326 LEU A CG    1 
ATOM   978  C CD1   . LEU B 2 106 ? -2.763  1.469   -2.283  1.00 31.97 ? 326 LEU A CD1   1 
ATOM   979  C CD2   . LEU B 2 106 ? -0.674  2.491   -3.173  1.00 31.70 ? 326 LEU A CD2   1 
ATOM   980  N N     . GLN B 2 107 ? -1.134  6.303   -0.143  1.00 33.00 ? 327 GLN A N     1 
ATOM   981  C CA    . GLN B 2 107 ? -1.718  7.350   0.661   1.00 34.71 ? 327 GLN A CA    1 
ATOM   982  C C     . GLN B 2 107 ? -3.174  7.356   0.204   1.00 34.75 ? 327 GLN A C     1 
ATOM   983  O O     . GLN B 2 107 ? -3.461  7.367   -1.000  1.00 34.79 ? 327 GLN A O     1 
ATOM   984  C CB    . GLN B 2 107 ? -1.077  8.717   0.414   1.00 35.47 ? 327 GLN A CB    1 
ATOM   985  C CG    . GLN B 2 107 ? -1.713  9.801   1.299   1.00 36.86 ? 327 GLN A CG    1 
ATOM   986  C CD    . GLN B 2 107 ? -1.077  11.175  1.158   1.00 38.87 ? 327 GLN A CD    1 
ATOM   987  O OE1   . GLN B 2 107 ? -1.594  12.155  1.690   1.00 41.73 ? 327 GLN A OE1   1 
ATOM   988  N NE2   . GLN B 2 107 ? 0.050   11.254  0.458   1.00 38.07 ? 327 GLN A NE2   1 
ATOM   989  N N     . VAL B 2 108 ? -4.095  7.318   1.156   1.00 33.61 ? 328 VAL A N     1 
ATOM   990  C CA    . VAL B 2 108 ? -5.500  7.303   0.802   1.00 33.65 ? 328 VAL A CA    1 
ATOM   991  C C     . VAL B 2 108 ? -6.247  8.419   1.490   1.00 35.70 ? 328 VAL A C     1 
ATOM   992  O O     . VAL B 2 108 ? -5.776  8.958   2.484   1.00 36.69 ? 328 VAL A O     1 
ATOM   993  C CB    . VAL B 2 108 ? -6.141  5.953   1.169   1.00 32.39 ? 328 VAL A CB    1 
ATOM   994  C CG1   . VAL B 2 108 ? -5.562  4.846   0.270   1.00 28.65 ? 328 VAL A CG1   1 
ATOM   995  C CG2   . VAL B 2 108 ? -5.896  5.644   2.645   1.00 26.77 ? 328 VAL A CG2   1 
ATOM   996  N N     . GLY B 2 109 ? -7.408  8.770   0.949   1.00 37.22 ? 329 GLY A N     1 
ATOM   997  C CA    . GLY B 2 109 ? -8.205  9.827   1.540   1.00 42.71 ? 329 GLY A CA    1 
ATOM   998  C C     . GLY B 2 109 ? -7.673  11.223  1.267   1.00 46.77 ? 329 GLY A C     1 
ATOM   999  O O     . GLY B 2 109 ? -6.873  11.429  0.358   1.00 47.74 ? 329 GLY A O     1 
ATOM   1000 N N     . GLN B 2 110 ? -8.127  12.186  2.059   1.00 50.28 ? 330 GLN A N     1 
ATOM   1001 C CA    . GLN B 2 110 ? -7.710  13.573  1.921   1.00 54.78 ? 330 GLN A CA    1 
ATOM   1002 C C     . GLN B 2 110 ? -6.202  13.691  2.104   1.00 56.60 ? 330 GLN A C     1 
ATOM   1003 O O     . GLN B 2 110 ? -5.637  13.047  2.984   1.00 56.33 ? 330 GLN A O     1 
ATOM   1004 C CB    . GLN B 2 110 ? -8.422  14.408  2.977   1.00 57.29 ? 330 GLN A CB    1 
ATOM   1005 C CG    . GLN B 2 110 ? -9.923  14.185  3.000   1.00 61.70 ? 330 GLN A CG    1 
ATOM   1006 C CD    . GLN B 2 110 ? -10.540 14.456  4.365   1.00 64.92 ? 330 GLN A CD    1 
ATOM   1007 O OE1   . GLN B 2 110 ? -11.763 14.488  4.508   1.00 66.12 ? 330 GLN A OE1   1 
ATOM   1008 N NE2   . GLN B 2 110 ? -9.694  14.644  5.378   1.00 65.82 ? 330 GLN A NE2   1 
ATOM   1009 N N     . GLU B 2 111 ? -5.555  14.508  1.276   1.00 59.28 ? 331 GLU A N     1 
ATOM   1010 C CA    . GLU B 2 111 ? -4.107  14.696  1.375   1.00 62.10 ? 331 GLU A CA    1 
ATOM   1011 C C     . GLU B 2 111 ? -3.733  14.996  2.818   1.00 63.46 ? 331 GLU A C     1 
ATOM   1012 O O     . GLU B 2 111 ? -3.093  14.185  3.492   1.00 63.94 ? 331 GLU A O     1 
ATOM   1013 C CB    . GLU B 2 111 ? -3.630  15.887  0.535   1.00 64.78 ? 331 GLU A CB    1 
ATOM   1014 C CG    . GLU B 2 111 ? -4.120  15.962  -0.903  1.00 67.11 ? 331 GLU A CG    1 
ATOM   1015 C CD    . GLU B 2 111 ? -3.633  17.232  -1.607  1.00 67.90 ? 331 GLU A CD    1 
ATOM   1016 O OE1   . GLU B 2 111 ? -3.861  18.341  -1.066  1.00 66.09 ? 331 GLU A OE1   1 
ATOM   1017 O OE2   . GLU B 2 111 ? -3.021  17.116  -2.698  1.00 68.02 ? 331 GLU A OE2   1 
ATOM   1018 N N     . GLN B 2 112 ? -4.144  16.182  3.272   1.00 64.21 ? 332 GLN A N     1 
ATOM   1019 C CA    . GLN B 2 112 ? -3.862  16.679  4.619   1.00 65.49 ? 332 GLN A CA    1 
ATOM   1020 C C     . GLN B 2 112 ? -4.119  15.694  5.757   1.00 64.30 ? 332 GLN A C     1 
ATOM   1021 O O     . GLN B 2 112 ? -3.739  15.958  6.894   1.00 64.93 ? 332 GLN A O     1 
ATOM   1022 C CB    . GLN B 2 112 ? -4.649  17.982  4.874   1.00 68.39 ? 332 GLN A CB    1 
ATOM   1023 C CG    . GLN B 2 112 ? -4.087  19.224  4.145   1.00 72.03 ? 332 GLN A CG    1 
ATOM   1024 C CD    . GLN B 2 112 ? -5.118  20.348  3.940   1.00 73.55 ? 332 GLN A CD    1 
ATOM   1025 O OE1   . GLN B 2 112 ? -6.132  20.163  3.258   1.00 74.65 ? 332 GLN A OE1   1 
ATOM   1026 N NE2   . GLN B 2 112 ? -4.851  21.518  4.523   1.00 72.52 ? 332 GLN A NE2   1 
ATOM   1027 N N     . LYS B 2 113 ? -4.749  14.562  5.457   1.00 62.97 ? 333 LYS A N     1 
ATOM   1028 C CA    . LYS B 2 113 ? -5.045  13.560  6.478   1.00 60.71 ? 333 LYS A CA    1 
ATOM   1029 C C     . LYS B 2 113 ? -3.885  12.576  6.662   1.00 59.46 ? 333 LYS A C     1 
ATOM   1030 O O     . LYS B 2 113 ? -3.803  11.872  7.669   1.00 59.82 ? 333 LYS A O     1 
ATOM   1031 C CB    . LYS B 2 113 ? -6.322  12.805  6.107   1.00 61.31 ? 333 LYS A CB    1 
ATOM   1032 C CG    . LYS B 2 113 ? -7.138  12.342  7.296   1.00 61.76 ? 333 LYS A CG    1 
ATOM   1033 C CD    . LYS B 2 113 ? -8.400  11.626  6.850   1.00 63.58 ? 333 LYS A CD    1 
ATOM   1034 C CE    . LYS B 2 113 ? -9.314  11.324  8.036   1.00 64.13 ? 333 LYS A CE    1 
ATOM   1035 N NZ    . LYS B 2 113 ? -8.634  10.518  9.088   1.00 65.23 ? 333 LYS A NZ    1 
ATOM   1036 N N     . HIS B 2 114 ? -2.997  12.526  5.678   1.00 58.26 ? 334 HIS A N     1 
ATOM   1037 C CA    . HIS B 2 114 ? -1.830  11.653  5.715   1.00 57.84 ? 334 HIS A CA    1 
ATOM   1038 C C     . HIS B 2 114 ? -2.054  10.221  6.216   1.00 55.62 ? 334 HIS A C     1 
ATOM   1039 O O     . HIS B 2 114 ? -1.407  9.765   7.166   1.00 55.27 ? 334 HIS A O     1 
ATOM   1040 C CB    . HIS B 2 114 ? -0.724  12.338  6.519   1.00 60.62 ? 334 HIS A CB    1 
ATOM   1041 C CG    . HIS B 2 114 ? -0.354  13.686  5.981   1.00 65.82 ? 334 HIS A CG    1 
ATOM   1042 N ND1   . HIS B 2 114 ? 0.027   13.884  4.669   1.00 66.69 ? 334 HIS A ND1   1 
ATOM   1043 C CD2   . HIS B 2 114 ? -0.356  14.912  6.559   1.00 66.65 ? 334 HIS A CD2   1 
ATOM   1044 C CE1   . HIS B 2 114 ? 0.240   15.171  4.461   1.00 66.78 ? 334 HIS A CE1   1 
ATOM   1045 N NE2   . HIS B 2 114 ? 0.013   15.818  5.592   1.00 67.97 ? 334 HIS A NE2   1 
ATOM   1046 N N     . THR B 2 115 ? -2.969  9.513   5.554   1.00 52.17 ? 335 THR A N     1 
ATOM   1047 C CA    . THR B 2 115 ? -3.278  8.125   5.886   1.00 47.09 ? 335 THR A CA    1 
ATOM   1048 C C     . THR B 2 115 ? -2.513  7.209   4.942   1.00 44.39 ? 335 THR A C     1 
ATOM   1049 O O     . THR B 2 115 ? -2.679  7.274   3.727   1.00 43.55 ? 335 THR A O     1 
ATOM   1050 C CB    . THR B 2 115 ? -4.767  7.845   5.735   1.00 45.76 ? 335 THR A CB    1 
ATOM   1051 O OG1   . THR B 2 115 ? -5.502  8.821   6.480   1.00 46.32 ? 335 THR A OG1   1 
ATOM   1052 C CG2   . THR B 2 115 ? -5.101  6.457   6.260   1.00 43.56 ? 335 THR A CG2   1 
ATOM   1053 N N     . TYR B 2 116 ? -1.668  6.359   5.508   1.00 43.52 ? 336 TYR A N     1 
ATOM   1054 C CA    . TYR B 2 116 ? -0.857  5.444   4.714   1.00 42.00 ? 336 TYR A CA    1 
ATOM   1055 C C     . TYR B 2 116 ? -1.264  3.995   4.940   1.00 40.04 ? 336 TYR A C     1 
ATOM   1056 O O     . TYR B 2 116 ? -1.481  3.576   6.063   1.00 40.94 ? 336 TYR A O     1 
ATOM   1057 C CB    . TYR B 2 116 ? 0.619   5.628   5.062   1.00 41.55 ? 336 TYR A CB    1 
ATOM   1058 C CG    . TYR B 2 116 ? 1.066   7.065   5.017   1.00 41.54 ? 336 TYR A CG    1 
ATOM   1059 C CD1   . TYR B 2 116 ? 1.488   7.720   6.176   1.00 43.23 ? 336 TYR A CD1   1 
ATOM   1060 C CD2   . TYR B 2 116 ? 1.070   7.776   3.816   1.00 42.86 ? 336 TYR A CD2   1 
ATOM   1061 C CE1   . TYR B 2 116 ? 1.909   9.049   6.148   1.00 42.35 ? 336 TYR A CE1   1 
ATOM   1062 C CE2   . TYR B 2 116 ? 1.489   9.110   3.770   1.00 44.44 ? 336 TYR A CE2   1 
ATOM   1063 C CZ    . TYR B 2 116 ? 1.910   9.740   4.943   1.00 45.31 ? 336 TYR A CZ    1 
ATOM   1064 O OH    . TYR B 2 116 ? 2.342   11.052  4.909   1.00 46.38 ? 336 TYR A OH    1 
ATOM   1065 N N     . LEU B 2 117 ? -1.363  3.237   3.859   1.00 38.71 ? 337 LEU A N     1 
ATOM   1066 C CA    . LEU B 2 117 ? -1.756  1.839   3.924   1.00 35.93 ? 337 LEU A CA    1 
ATOM   1067 C C     . LEU B 2 117 ? -0.718  0.986   3.234   1.00 35.63 ? 337 LEU A C     1 
ATOM   1068 O O     . LEU B 2 117 ? -0.235  1.331   2.152   1.00 37.35 ? 337 LEU A O     1 
ATOM   1069 C CB    . LEU B 2 117 ? -3.102  1.640   3.223   1.00 33.42 ? 337 LEU A CB    1 
ATOM   1070 C CG    . LEU B 2 117 ? -4.405  1.725   4.023   1.00 33.47 ? 337 LEU A CG    1 
ATOM   1071 C CD1   . LEU B 2 117 ? -4.338  2.807   5.070   1.00 33.19 ? 337 LEU A CD1   1 
ATOM   1072 C CD2   . LEU B 2 117 ? -5.554  1.973   3.048   1.00 34.01 ? 337 LEU A CD2   1 
ATOM   1073 N N     . PRO B 2 118 ? -0.350  -0.142  3.851   1.00 34.10 ? 338 PRO A N     1 
ATOM   1074 C CA    . PRO B 2 118 ? 0.650   -1.031  3.243   1.00 33.28 ? 338 PRO A CA    1 
ATOM   1075 C C     . PRO B 2 118 ? 0.013   -1.661  2.005   1.00 31.07 ? 338 PRO A C     1 
ATOM   1076 O O     . PRO B 2 118 ? -1.175  -1.966  2.023   1.00 31.45 ? 338 PRO A O     1 
ATOM   1077 C CB    . PRO B 2 118 ? 0.916   -2.070  4.342   1.00 33.37 ? 338 PRO A CB    1 
ATOM   1078 C CG    . PRO B 2 118 ? 0.442   -1.387  5.609   1.00 35.29 ? 338 PRO A CG    1 
ATOM   1079 C CD    . PRO B 2 118 ? -0.769  -0.626  5.174   1.00 32.26 ? 338 PRO A CD    1 
ATOM   1080 N N     . LEU B 2 119 ? 0.780   -1.852  0.942   1.00 28.86 ? 339 LEU A N     1 
ATOM   1081 C CA    . LEU B 2 119 ? 0.225   -2.444  -0.267  1.00 31.15 ? 339 LEU A CA    1 
ATOM   1082 C C     . LEU B 2 119 ? -0.412  -3.808  0.009   1.00 33.70 ? 339 LEU A C     1 
ATOM   1083 O O     . LEU B 2 119 ? -1.465  -4.140  -0.538  1.00 33.56 ? 339 LEU A O     1 
ATOM   1084 C CB    . LEU B 2 119 ? 1.307   -2.605  -1.338  1.00 30.32 ? 339 LEU A CB    1 
ATOM   1085 C CG    . LEU B 2 119 ? 2.201   -1.412  -1.692  1.00 31.16 ? 339 LEU A CG    1 
ATOM   1086 C CD1   . LEU B 2 119 ? 2.964   -1.772  -2.943  1.00 29.62 ? 339 LEU A CD1   1 
ATOM   1087 C CD2   . LEU B 2 119 ? 1.387   -0.144  -1.925  1.00 30.86 ? 339 LEU A CD2   1 
ATOM   1088 N N     . GLU B 2 120 ? 0.234   -4.598  0.856   1.00 36.50 ? 340 GLU A N     1 
ATOM   1089 C CA    . GLU B 2 120 ? -0.253  -5.930  1.207   1.00 37.70 ? 340 GLU A CA    1 
ATOM   1090 C C     . GLU B 2 120 ? -1.723  -6.032  1.554   1.00 36.74 ? 340 GLU A C     1 
ATOM   1091 O O     . GLU B 2 120 ? -2.393  -6.963  1.120   1.00 39.27 ? 340 GLU A O     1 
ATOM   1092 C CB    . GLU B 2 120 ? 0.515   -6.471  2.395   1.00 40.83 ? 340 GLU A CB    1 
ATOM   1093 C CG    . GLU B 2 120 ? 1.927   -6.838  2.093   1.00 45.47 ? 340 GLU A CG    1 
ATOM   1094 C CD    . GLU B 2 120 ? 2.688   -7.063  3.350   1.00 46.33 ? 340 GLU A CD    1 
ATOM   1095 O OE1   . GLU B 2 120 ? 2.201   -7.842  4.198   1.00 48.35 ? 340 GLU A OE1   1 
ATOM   1096 O OE2   . GLU B 2 120 ? 3.762   -6.450  3.492   1.00 48.59 ? 340 GLU A OE2   1 
ATOM   1097 N N     . VAL B 2 121 ? -2.210  -5.094  2.357   1.00 34.94 ? 341 VAL A N     1 
ATOM   1098 C CA    . VAL B 2 121 ? -3.603  -5.095  2.798   1.00 32.82 ? 341 VAL A CA    1 
ATOM   1099 C C     . VAL B 2 121 ? -4.574  -4.483  1.799   1.00 32.12 ? 341 VAL A C     1 
ATOM   1100 O O     . VAL B 2 121 ? -5.758  -4.334  2.098   1.00 31.96 ? 341 VAL A O     1 
ATOM   1101 C CB    . VAL B 2 121 ? -3.770  -4.325  4.138   1.00 32.35 ? 341 VAL A CB    1 
ATOM   1102 C CG1   . VAL B 2 121 ? -2.842  -4.890  5.190   1.00 31.94 ? 341 VAL A CG1   1 
ATOM   1103 C CG2   . VAL B 2 121 ? -3.500  -2.857  3.934   1.00 29.46 ? 341 VAL A CG2   1 
ATOM   1104 N N     . CYS B 2 122 ? -4.087  -4.141  0.613   1.00 31.12 ? 342 CYS A N     1 
ATOM   1105 C CA    . CYS B 2 122 ? -4.949  -3.515  -0.379  1.00 30.77 ? 342 CYS A CA    1 
ATOM   1106 C C     . CYS B 2 122 ? -5.302  -4.300  -1.639  1.00 30.37 ? 342 CYS A C     1 
ATOM   1107 O O     . CYS B 2 122 ? -4.468  -4.979  -2.235  1.00 29.94 ? 342 CYS A O     1 
ATOM   1108 C CB    . CYS B 2 122 ? -4.359  -2.171  -0.789  1.00 28.44 ? 342 CYS A CB    1 
ATOM   1109 S SG    . CYS B 2 122 ? -4.343  -0.972  0.525   1.00 29.09 ? 342 CYS A SG    1 
ATOM   1110 N N     . ASN B 2 123 ? -6.563  -4.166  -2.031  1.00 30.18 ? 343 ASN A N     1 
ATOM   1111 C CA    . ASN B 2 123 ? -7.104  -4.798  -3.219  1.00 32.93 ? 343 ASN A CA    1 
ATOM   1112 C C     . ASN B 2 123 ? -7.738  -3.705  -4.086  1.00 35.25 ? 343 ASN A C     1 
ATOM   1113 O O     . ASN B 2 123 ? -8.398  -2.801  -3.566  1.00 36.84 ? 343 ASN A O     1 
ATOM   1114 C CB    . ASN B 2 123 ? -8.179  -5.806  -2.832  1.00 35.16 ? 343 ASN A CB    1 
ATOM   1115 C CG    . ASN B 2 123 ? -7.630  -7.180  -2.604  1.00 34.75 ? 343 ASN A CG    1 
ATOM   1116 O OD1   . ASN B 2 123 ? -6.717  -7.373  -1.821  1.00 38.51 ? 343 ASN A OD1   1 
ATOM   1117 N ND2   . ASN B 2 123 ? -8.189  -8.152  -3.295  1.00 39.61 ? 343 ASN A ND2   1 
ATOM   1118 N N     . ILE B 2 124 ? -7.540  -3.778  -5.396  1.00 34.94 ? 344 ILE A N     1 
ATOM   1119 C CA    . ILE B 2 124 ? -8.128  -2.785  -6.278  1.00 36.46 ? 344 ILE A CA    1 
ATOM   1120 C C     . ILE B 2 124 ? -9.596  -3.115  -6.439  1.00 39.31 ? 344 ILE A C     1 
ATOM   1121 O O     . ILE B 2 124 ? -9.947  -4.251  -6.756  1.00 40.56 ? 344 ILE A O     1 
ATOM   1122 C CB    . ILE B 2 124 ? -7.456  -2.769  -7.683  1.00 34.41 ? 344 ILE A CB    1 
ATOM   1123 C CG1   . ILE B 2 124 ? -6.066  -2.140  -7.580  1.00 33.68 ? 344 ILE A CG1   1 
ATOM   1124 C CG2   . ILE B 2 124 ? -8.320  -1.984  -8.683  1.00 30.60 ? 344 ILE A CG2   1 
ATOM   1125 C CD1   . ILE B 2 124 ? -5.331  -2.069  -8.886  1.00 34.75 ? 344 ILE A CD1   1 
ATOM   1126 N N     . VAL B 2 125 ? -10.442 -2.114  -6.214  1.00 41.53 ? 345 VAL A N     1 
ATOM   1127 C CA    . VAL B 2 125 ? -11.884 -2.278  -6.335  1.00 43.96 ? 345 VAL A CA    1 
ATOM   1128 C C     . VAL B 2 125 ? -12.310 -2.034  -7.781  1.00 47.07 ? 345 VAL A C     1 
ATOM   1129 O O     . VAL B 2 125 ? -12.141 -0.934  -8.317  1.00 47.26 ? 345 VAL A O     1 
ATOM   1130 C CB    . VAL B 2 125 ? -12.630 -1.283  -5.410  1.00 43.15 ? 345 VAL A CB    1 
ATOM   1131 C CG1   . VAL B 2 125 ? -14.140 -1.455  -5.549  1.00 40.81 ? 345 VAL A CG1   1 
ATOM   1132 C CG2   . VAL B 2 125 ? -12.195 -1.492  -3.974  1.00 41.40 ? 345 VAL A CG2   1 
ATOM   1133 N N     . ALA B 2 126 ? -12.855 -3.065  -8.412  1.00 51.26 ? 346 ALA A N     1 
ATOM   1134 C CA    . ALA B 2 126 ? -13.313 -2.950  -9.793  1.00 55.85 ? 346 ALA A CA    1 
ATOM   1135 C C     . ALA B 2 126 ? -14.674 -2.241  -9.861  1.00 58.47 ? 346 ALA A C     1 
ATOM   1136 O O     . ALA B 2 126 ? -15.561 -2.499  -9.038  1.00 58.20 ? 346 ALA A O     1 
ATOM   1137 C CB    . ALA B 2 126 ? -13.406 -4.339  -10.428 1.00 54.37 ? 346 ALA A CB    1 
ATOM   1138 N N     . GLY B 2 127 ? -14.825 -1.344  -10.837 1.00 61.19 ? 347 GLY A N     1 
ATOM   1139 C CA    . GLY B 2 127 ? -16.078 -0.623  -11.009 1.00 64.21 ? 347 GLY A CA    1 
ATOM   1140 C C     . GLY B 2 127 ? -17.230 -1.580  -11.276 1.00 66.99 ? 347 GLY A C     1 
ATOM   1141 O O     . GLY B 2 127 ? -17.010 -2.738  -11.645 1.00 66.12 ? 347 GLY A O     1 
ATOM   1142 N N     . GLN B 2 128 ? -18.460 -1.109  -11.094 1.00 69.57 ? 348 GLN A N     1 
ATOM   1143 C CA    . GLN B 2 128 ? -19.615 -1.970  -11.316 1.00 72.70 ? 348 GLN A CA    1 
ATOM   1144 C C     . GLN B 2 128 ? -20.708 -1.346  -12.177 1.00 74.13 ? 348 GLN A C     1 
ATOM   1145 O O     . GLN B 2 128 ? -21.890 -1.628  -11.979 1.00 75.40 ? 348 GLN A O     1 
ATOM   1146 C CB    . GLN B 2 128 ? -20.216 -2.403  -9.976  1.00 71.99 ? 348 GLN A CB    1 
ATOM   1147 C CG    . GLN B 2 128 ? -19.224 -3.064  -9.040  1.00 72.94 ? 348 GLN A CG    1 
ATOM   1148 C CD    . GLN B 2 128 ? -19.896 -3.976  -8.027  1.00 73.57 ? 348 GLN A CD    1 
ATOM   1149 O OE1   . GLN B 2 128 ? -20.399 -5.046  -8.379  1.00 73.02 ? 348 GLN A OE1   1 
ATOM   1150 N NE2   . GLN B 2 128 ? -19.910 -3.556  -6.764  1.00 73.34 ? 348 GLN A NE2   1 
ATOM   1151 N N     . ARG B 2 129 ? -20.320 -0.507  -13.134 1.00 75.57 ? 349 ARG A N     1 
ATOM   1152 C CA    . ARG B 2 129 ? -21.296 0.134   -14.014 1.00 76.53 ? 349 ARG A CA    1 
ATOM   1153 C C     . ARG B 2 129 ? -22.244 -0.889  -14.645 1.00 76.32 ? 349 ARG A C     1 
ATOM   1154 O O     . ARG B 2 129 ? -21.883 -2.050  -14.847 1.00 75.86 ? 349 ARG A O     1 
ATOM   1155 C CB    . ARG B 2 129 ? -20.586 0.921   -15.123 1.00 77.53 ? 349 ARG A CB    1 
ATOM   1156 C CG    . ARG B 2 129 ? -20.056 2.289   -14.711 1.00 77.97 ? 349 ARG A CG    1 
ATOM   1157 C CD    . ARG B 2 129 ? -19.456 2.998   -15.917 1.00 79.51 ? 349 ARG A CD    1 
ATOM   1158 N NE    . ARG B 2 129 ? -19.050 4.373   -15.639 1.00 81.74 ? 349 ARG A NE    1 
ATOM   1159 C CZ    . ARG B 2 129 ? -18.200 4.732   -14.680 1.00 82.97 ? 349 ARG A CZ    1 
ATOM   1160 N NH1   . ARG B 2 129 ? -17.658 3.815   -13.887 1.00 83.72 ? 349 ARG A NH1   1 
ATOM   1161 N NH2   . ARG B 2 129 ? -17.885 6.011   -14.519 1.00 83.50 ? 349 ARG A NH2   1 
HETATM 1162 O O     . HOH C 3 .   ? -8.784  0.202   7.262   1.00 33.56 ? 508 HOH B O     1 
HETATM 1163 O O     . HOH D 3 .   ? -7.507  -5.217  -12.322 1.00 26.66 ? 501 HOH A O     1 
HETATM 1164 O O     . HOH D 3 .   ? 10.127  0.400   -2.107  1.00 37.21 ? 502 HOH A O     1 
HETATM 1165 O O     . HOH D 3 .   ? -3.989  11.070  3.136   1.00 27.50 ? 503 HOH A O     1 
HETATM 1166 O O     . HOH D 3 .   ? 7.471   9.176   1.663   1.00 39.36 ? 504 HOH A O     1 
HETATM 1167 O O     . HOH D 3 .   ? -15.232 4.257   1.953   1.00 38.29 ? 505 HOH A O     1 
HETATM 1168 O O     . HOH D 3 .   ? -7.041  17.248  2.120   1.00 43.28 ? 506 HOH A O     1 
HETATM 1169 O O     . HOH D 3 .   ? 3.493   -7.888  -16.622 1.00 30.63 ? 507 HOH A O     1 
HETATM 1170 O O     . HOH D 3 .   ? -4.341  -8.722  -1.167  1.00 40.95 ? 509 HOH A O     1 
HETATM 1171 O O     . HOH D 3 .   ? 2.801   -10.523 -13.137 1.00 50.66 ? 510 HOH A O     1 
HETATM 1172 O O     . HOH D 3 .   ? -14.612 -5.583  -4.823  1.00 34.88 ? 511 HOH A O     1 
HETATM 1173 O O     . HOH D 3 .   ? -4.283  2.826   -14.133 1.00 32.82 ? 512 HOH A O     1 
HETATM 1174 O O     . HOH D 3 .   ? 12.044  -4.907  -8.490  1.00 44.74 ? 513 HOH A O     1 
HETATM 1175 O O     . HOH D 3 .   ? 4.279   12.939  11.307  1.00 41.63 ? 514 HOH A O     1 
HETATM 1176 O O     . HOH D 3 .   ? -10.616 1.686   -9.160  1.00 36.97 ? 515 HOH A O     1 
HETATM 1177 O O     . HOH D 3 .   ? -2.090  -6.620  -1.936  1.00 46.87 ? 516 HOH A O     1 
# 
